data_5EX1
#
_entry.id   5EX1
#
_cell.length_a   50.590
_cell.length_b   103.180
_cell.length_c   173.530
_cell.angle_alpha   90.00
_cell.angle_beta   91.16
_cell.angle_gamma   90.00
#
_symmetry.space_group_name_H-M   'P 1 21 1'
#
loop_
_entity.id
_entity.type
_entity.pdbx_description
1 polymer 'Peptidyl-prolyl cis-trans isomerase cyclophilin type'
2 non-polymer 'MAGNESIUM ION'
3 water water
#
_entity_poly.entity_id   1
_entity_poly.type   'polypeptide(L)'
_entity_poly.pdbx_seq_one_letter_code
;SMQDTDNQAKIIPKPTPTPLSLESGMKGENWRKIEPENIVVITTKYGDILIELNPEFAPGHVARFQDMVKARAYNGKEFY
RVIDGFVAQGGIDAEDKKWPPLEIEHEQPLLEADQIQLLDNDDLFAEKVGFLNGFPVGFDAEKKWLLHCPGMLAMARDSD
PNTGGTDFYITLDAQRYLDRNMTVFGRVISGMQYVQKLQRGDKNIEGGVIQSPNKGDEMISVKLASELPENQQPNYEVMR
TETAGFMNSINSKRVRSDPFFFNTPPQVVDVCDVEVPTELVDF
;
_entity_poly.pdbx_strand_id   A,B,C,D,E,F
#
# COMPACT_ATOMS: atom_id res chain seq x y z
N ILE A 11 -9.21 -16.50 5.82
CA ILE A 11 -8.60 -16.14 7.10
C ILE A 11 -8.01 -14.74 7.05
N ILE A 12 -8.37 -13.92 8.04
CA ILE A 12 -7.87 -12.57 8.12
C ILE A 12 -6.41 -12.63 8.55
N PRO A 13 -5.49 -12.18 7.68
CA PRO A 13 -4.06 -12.25 8.02
C PRO A 13 -3.68 -11.28 9.13
N LYS A 14 -2.65 -11.61 9.90
CA LYS A 14 -2.23 -10.75 11.00
C LYS A 14 -1.50 -9.50 10.48
N PRO A 15 -1.83 -8.34 11.04
CA PRO A 15 -1.14 -7.10 10.67
C PRO A 15 0.19 -6.93 11.42
N THR A 16 0.89 -5.84 11.12
CA THR A 16 2.14 -5.53 11.78
C THR A 16 1.84 -5.02 13.19
N PRO A 17 2.63 -5.45 14.18
CA PRO A 17 2.37 -4.97 15.54
C PRO A 17 2.61 -3.47 15.67
N THR A 18 1.93 -2.86 16.64
CA THR A 18 2.06 -1.42 16.89
C THR A 18 2.50 -1.18 18.33
N PRO A 19 3.51 -0.33 18.51
CA PRO A 19 4.07 -0.08 19.84
C PRO A 19 3.04 0.54 20.78
N LEU A 20 3.09 0.21 22.06
CA LEU A 20 2.19 0.80 23.03
C LEU A 20 2.55 2.26 23.23
N SER A 21 1.56 3.10 23.48
CA SER A 21 1.78 4.52 23.75
C SER A 21 2.61 4.73 25.01
N LEU A 22 3.53 5.69 24.94
CA LEU A 22 4.36 6.05 26.08
C LEU A 22 4.12 7.50 26.49
N GLU A 23 2.93 8.01 26.20
CA GLU A 23 2.55 9.35 26.62
C GLU A 23 2.60 9.46 28.14
N SER A 24 3.37 10.42 28.65
CA SER A 24 3.49 10.64 30.08
C SER A 24 2.19 11.18 30.68
N GLY A 25 1.92 10.79 31.93
CA GLY A 25 0.73 11.23 32.63
C GLY A 25 1.01 12.03 33.88
N MET A 26 -0.05 12.26 34.65
CA MET A 26 0.03 12.98 35.90
C MET A 26 1.03 12.34 36.87
N LYS A 27 1.25 11.04 36.70
CA LYS A 27 2.13 10.32 37.60
C LYS A 27 3.61 10.57 37.30
N GLY A 28 3.91 11.02 36.08
CA GLY A 28 5.28 11.34 35.71
C GLY A 28 5.81 10.58 34.50
N GLU A 29 7.09 10.81 34.21
CA GLU A 29 7.72 10.23 33.01
C GLU A 29 8.08 8.76 33.16
N ASN A 30 7.94 8.21 34.36
CA ASN A 30 8.17 6.79 34.59
C ASN A 30 6.87 5.99 34.48
N TRP A 31 5.82 6.68 34.05
CA TRP A 31 4.51 6.08 33.81
C TRP A 31 4.03 6.39 32.40
N ARG A 32 3.15 5.54 31.87
CA ARG A 32 2.52 5.77 30.58
C ARG A 32 1.00 5.80 30.73
N LYS A 33 0.33 6.62 29.93
CA LYS A 33 -1.13 6.61 29.86
C LYS A 33 -1.60 5.46 28.99
N ILE A 34 -2.64 4.76 29.42
CA ILE A 34 -3.30 3.78 28.56
C ILE A 34 -4.25 4.54 27.64
N GLU A 35 -4.13 4.30 26.34
CA GLU A 35 -5.04 4.94 25.37
C GLU A 35 -6.47 4.44 25.60
N PRO A 36 -7.46 5.34 25.55
CA PRO A 36 -8.84 4.92 25.79
C PRO A 36 -9.34 3.82 24.85
N GLU A 37 -8.85 3.78 23.61
CA GLU A 37 -9.27 2.76 22.66
C GLU A 37 -8.79 1.37 23.07
N ASN A 38 -7.77 1.32 23.92
CA ASN A 38 -7.21 0.07 24.39
C ASN A 38 -7.74 -0.36 25.76
N ILE A 39 -8.75 0.37 26.24
CA ILE A 39 -9.44 0.00 27.46
C ILE A 39 -10.83 -0.52 27.13
N VAL A 40 -11.11 -1.76 27.53
CA VAL A 40 -12.42 -2.36 27.37
C VAL A 40 -13.13 -2.40 28.72
N VAL A 41 -14.39 -1.97 28.72
CA VAL A 41 -15.22 -1.97 29.93
C VAL A 41 -16.34 -3.00 29.79
N ILE A 42 -16.22 -4.11 30.52
CA ILE A 42 -17.27 -5.13 30.55
C ILE A 42 -18.14 -4.92 31.79
N THR A 43 -19.39 -4.54 31.57
CA THR A 43 -20.32 -4.31 32.66
C THR A 43 -21.08 -5.59 32.99
N THR A 44 -20.91 -6.04 34.24
CA THR A 44 -21.67 -7.18 34.75
C THR A 44 -22.59 -6.69 35.87
N LYS A 45 -23.45 -7.57 36.35
CA LYS A 45 -24.36 -7.24 37.44
C LYS A 45 -23.58 -7.02 38.74
N TYR A 46 -22.33 -7.49 38.76
CA TYR A 46 -21.48 -7.35 39.93
C TYR A 46 -20.69 -6.05 39.92
N GLY A 47 -20.44 -5.52 38.72
CA GLY A 47 -19.61 -4.35 38.55
C GLY A 47 -18.83 -4.41 37.25
N ASP A 48 -17.93 -3.45 37.05
CA ASP A 48 -17.20 -3.34 35.78
C ASP A 48 -15.85 -4.05 35.80
N ILE A 49 -15.63 -4.86 34.77
CA ILE A 49 -14.35 -5.48 34.50
C ILE A 49 -13.63 -4.63 33.45
N LEU A 50 -12.46 -4.11 33.80
CA LEU A 50 -11.69 -3.30 32.86
C LEU A 50 -10.45 -4.04 32.38
N ILE A 51 -10.20 -3.97 31.09
CA ILE A 51 -9.12 -4.70 30.45
C ILE A 51 -8.30 -3.79 29.55
N GLU A 52 -6.98 -3.89 29.66
CA GLU A 52 -6.07 -3.20 28.77
C GLU A 52 -5.70 -4.09 27.59
N LEU A 53 -5.98 -3.62 26.37
CA LEU A 53 -5.64 -4.37 25.17
C LEU A 53 -4.19 -4.13 24.78
N ASN A 54 -3.62 -5.08 24.06
CA ASN A 54 -2.19 -5.07 23.73
C ASN A 54 -1.95 -5.32 22.24
N PRO A 55 -1.95 -4.25 21.43
CA PRO A 55 -1.68 -4.39 20.00
C PRO A 55 -0.18 -4.58 19.68
N GLU A 56 0.66 -4.55 20.70
CA GLU A 56 2.08 -4.83 20.52
C GLU A 56 2.32 -6.32 20.32
N PHE A 57 1.38 -7.14 20.81
CA PHE A 57 1.48 -8.60 20.68
C PHE A 57 0.43 -9.18 19.74
N ALA A 58 -0.74 -8.57 19.68
CA ALA A 58 -1.86 -9.12 18.91
C ALA A 58 -2.69 -8.04 18.25
N PRO A 59 -2.08 -7.26 17.34
CA PRO A 59 -2.77 -6.14 16.69
C PRO A 59 -4.05 -6.56 15.96
N GLY A 60 -4.01 -7.72 15.32
CA GLY A 60 -5.16 -8.20 14.58
C GLY A 60 -6.35 -8.50 15.46
N HIS A 61 -6.11 -9.16 16.59
CA HIS A 61 -7.17 -9.52 17.51
C HIS A 61 -7.71 -8.29 18.24
N VAL A 62 -6.82 -7.36 18.54
CA VAL A 62 -7.22 -6.10 19.16
C VAL A 62 -8.19 -5.36 18.25
N ALA A 63 -7.82 -5.24 16.97
CA ALA A 63 -8.66 -4.55 15.99
C ALA A 63 -10.02 -5.23 15.84
N ARG A 64 -9.99 -6.57 15.75
CA ARG A 64 -11.22 -7.35 15.65
C ARG A 64 -12.08 -7.14 16.90
N PHE A 65 -11.46 -7.21 18.07
CA PHE A 65 -12.17 -7.07 19.32
C PHE A 65 -12.80 -5.67 19.40
N GLN A 66 -12.02 -4.67 19.04
CA GLN A 66 -12.52 -3.31 18.98
C GLN A 66 -13.72 -3.20 18.03
N ASP A 67 -13.61 -3.80 16.86
CA ASP A 67 -14.70 -3.80 15.88
C ASP A 67 -15.98 -4.40 16.45
N MET A 68 -15.86 -5.54 17.12
CA MET A 68 -17.03 -6.23 17.67
C MET A 68 -17.64 -5.43 18.81
N VAL A 69 -16.81 -4.85 19.66
CA VAL A 69 -17.30 -4.04 20.78
C VAL A 69 -18.07 -2.84 20.23
N LYS A 70 -17.47 -2.14 19.26
CA LYS A 70 -18.13 -1.01 18.62
C LYS A 70 -19.41 -1.42 17.90
N ALA A 71 -19.47 -2.64 17.40
CA ALA A 71 -20.70 -3.14 16.75
C ALA A 71 -21.70 -3.66 17.79
N ARG A 72 -21.37 -3.51 19.07
CA ARG A 72 -22.23 -3.93 20.18
C ARG A 72 -22.52 -5.43 20.13
N ALA A 73 -21.61 -6.18 19.51
CA ALA A 73 -21.82 -7.60 19.27
C ALA A 73 -21.83 -8.44 20.55
N TYR A 74 -21.19 -7.96 21.60
CA TYR A 74 -21.10 -8.70 22.86
C TYR A 74 -22.21 -8.34 23.85
N ASN A 75 -22.98 -7.30 23.55
CA ASN A 75 -24.01 -6.83 24.46
C ASN A 75 -25.14 -7.86 24.63
N GLY A 76 -25.38 -8.25 25.89
CA GLY A 76 -26.41 -9.24 26.20
C GLY A 76 -25.90 -10.67 26.10
N LYS A 77 -24.63 -10.83 25.75
CA LYS A 77 -24.00 -12.14 25.69
C LYS A 77 -23.55 -12.59 27.07
N GLU A 78 -23.12 -13.85 27.16
CA GLU A 78 -22.89 -14.51 28.44
C GLU A 78 -21.46 -14.99 28.60
N PHE A 79 -21.00 -15.03 29.85
CA PHE A 79 -19.86 -15.86 30.20
C PHE A 79 -20.39 -17.29 30.32
N TYR A 80 -20.51 -17.95 29.18
CA TYR A 80 -21.26 -19.21 29.08
C TYR A 80 -20.47 -20.44 29.52
N ARG A 81 -19.17 -20.28 29.70
CA ARG A 81 -18.30 -21.37 30.12
C ARG A 81 -17.30 -20.88 31.17
N VAL A 82 -17.47 -21.34 32.40
CA VAL A 82 -16.62 -20.89 33.51
C VAL A 82 -16.26 -22.07 34.39
N ILE A 83 -14.96 -22.29 34.55
CA ILE A 83 -14.44 -23.36 35.39
C ILE A 83 -13.59 -22.73 36.49
N ASP A 84 -14.00 -22.94 37.74
CA ASP A 84 -13.33 -22.31 38.88
C ASP A 84 -11.84 -22.64 38.89
N GLY A 85 -11.02 -21.62 39.09
CA GLY A 85 -9.57 -21.78 39.15
C GLY A 85 -8.92 -21.97 37.80
N PHE A 86 -9.72 -21.92 36.73
CA PHE A 86 -9.21 -22.11 35.38
C PHE A 86 -9.42 -20.86 34.53
N VAL A 87 -10.54 -20.77 33.83
CA VAL A 87 -10.85 -19.57 33.04
C VAL A 87 -12.34 -19.25 33.08
N ALA A 88 -12.67 -18.01 32.76
CA ALA A 88 -14.04 -17.59 32.51
C ALA A 88 -14.16 -17.20 31.05
N GLN A 89 -14.93 -17.96 30.29
CA GLN A 89 -15.02 -17.79 28.85
C GLN A 89 -16.36 -17.21 28.42
N GLY A 90 -16.31 -16.24 27.52
CA GLY A 90 -17.50 -15.58 27.03
C GLY A 90 -17.33 -15.17 25.58
N GLY A 91 -18.41 -14.66 25.00
CA GLY A 91 -18.41 -14.25 23.61
C GLY A 91 -19.79 -14.42 23.00
N ILE A 92 -19.85 -14.49 21.68
CA ILE A 92 -21.13 -14.55 21.00
C ILE A 92 -21.70 -15.98 21.00
N ASP A 93 -20.84 -16.97 21.25
CA ASP A 93 -21.28 -18.36 21.39
C ASP A 93 -22.09 -18.81 20.18
N ALA A 94 -21.61 -18.49 19.00
CA ALA A 94 -22.33 -18.81 17.76
C ALA A 94 -21.47 -18.60 16.53
N GLU A 95 -21.96 -19.08 15.39
CA GLU A 95 -21.33 -18.77 14.11
C GLU A 95 -21.88 -17.46 13.58
N ASP A 96 -20.99 -16.60 13.11
CA ASP A 96 -21.39 -15.32 12.55
C ASP A 96 -20.52 -14.99 11.34
N LYS A 97 -21.13 -14.82 10.17
CA LYS A 97 -20.39 -14.52 8.94
C LYS A 97 -19.68 -13.18 8.99
N LYS A 98 -20.11 -12.30 9.89
CA LYS A 98 -19.49 -11.00 10.02
C LYS A 98 -18.06 -11.10 10.57
N TRP A 99 -17.80 -12.17 11.32
CA TRP A 99 -16.54 -12.29 12.04
C TRP A 99 -15.79 -13.57 11.65
N PRO A 100 -15.13 -13.56 10.48
CA PRO A 100 -14.35 -14.73 10.07
C PRO A 100 -13.12 -14.93 10.95
N PRO A 101 -12.56 -16.15 10.97
CA PRO A 101 -11.43 -16.44 11.85
C PRO A 101 -10.17 -15.63 11.53
N LEU A 102 -9.32 -15.45 12.54
CA LEU A 102 -8.10 -14.67 12.40
C LEU A 102 -6.87 -15.55 12.39
N GLU A 103 -5.81 -15.08 11.75
CA GLU A 103 -4.52 -15.73 11.86
C GLU A 103 -4.06 -15.60 13.30
N ILE A 104 -3.55 -16.69 13.86
CA ILE A 104 -3.14 -16.69 15.26
C ILE A 104 -2.00 -15.71 15.50
N GLU A 105 -2.03 -15.04 16.66
CA GLU A 105 -0.99 -14.12 17.06
C GLU A 105 -0.50 -14.50 18.45
N HIS A 106 0.21 -15.62 18.51
CA HIS A 106 0.60 -16.26 19.76
C HIS A 106 1.97 -15.80 20.23
N GLU A 107 2.70 -15.14 19.34
CA GLU A 107 4.03 -14.64 19.66
C GLU A 107 4.44 -13.59 18.64
N GLN A 108 5.51 -12.87 18.93
CA GLN A 108 6.03 -11.83 18.04
C GLN A 108 7.56 -11.92 17.98
N PRO A 109 8.16 -11.41 16.90
CA PRO A 109 9.62 -11.31 16.89
C PRO A 109 10.13 -10.45 18.04
N LEU A 110 11.22 -10.87 18.67
CA LEU A 110 11.87 -10.05 19.68
C LEU A 110 12.65 -8.92 19.00
N LEU A 111 12.37 -7.69 19.41
CA LEU A 111 12.99 -6.52 18.82
C LEU A 111 14.02 -5.90 19.77
N GLU A 112 15.09 -5.33 19.21
CA GLU A 112 16.11 -4.67 20.02
C GLU A 112 15.51 -3.49 20.76
N ALA A 113 14.46 -2.90 20.19
CA ALA A 113 13.78 -1.77 20.79
C ALA A 113 12.91 -2.21 21.97
N ASP A 114 12.62 -3.50 22.06
CA ASP A 114 11.84 -4.01 23.18
C ASP A 114 12.65 -3.89 24.46
N GLN A 115 12.15 -3.09 25.41
CA GLN A 115 12.84 -2.90 26.68
C GLN A 115 12.25 -3.83 27.74
N ILE A 116 12.61 -5.11 27.66
CA ILE A 116 12.11 -6.09 28.60
C ILE A 116 12.87 -6.01 29.91
N GLN A 117 12.12 -5.92 31.01
CA GLN A 117 12.71 -5.99 32.34
C GLN A 117 12.76 -7.45 32.78
N LEU A 118 13.96 -8.02 32.77
CA LEU A 118 14.16 -9.42 33.10
C LEU A 118 13.94 -9.67 34.59
N LEU A 119 13.20 -10.73 34.91
CA LEU A 119 13.07 -11.20 36.29
C LEU A 119 14.21 -12.16 36.57
N ASP A 120 15.10 -11.79 37.48
CA ASP A 120 16.30 -12.57 37.74
C ASP A 120 16.09 -13.62 38.83
N ASN A 121 15.05 -14.43 38.65
CA ASN A 121 14.94 -15.69 39.39
C ASN A 121 14.25 -16.72 38.50
N ASP A 122 14.18 -17.95 38.98
CA ASP A 122 13.77 -19.06 38.15
C ASP A 122 12.29 -18.97 37.74
N ASP A 123 11.98 -19.64 36.64
CA ASP A 123 10.61 -19.83 36.19
C ASP A 123 10.45 -21.29 35.80
N LEU A 124 9.26 -21.86 36.00
CA LEU A 124 9.06 -23.28 35.77
C LEU A 124 8.84 -23.61 34.29
N PHE A 125 8.37 -22.63 33.51
CA PHE A 125 7.89 -22.90 32.17
C PHE A 125 8.74 -22.30 31.04
N ALA A 126 9.51 -21.26 31.36
CA ALA A 126 10.36 -20.61 30.35
C ALA A 126 11.71 -20.24 30.97
N GLU A 127 12.76 -20.27 30.15
CA GLU A 127 14.09 -19.93 30.64
C GLU A 127 14.25 -18.45 30.97
N LYS A 128 13.58 -17.59 30.20
CA LYS A 128 13.64 -16.16 30.45
C LYS A 128 12.23 -15.58 30.51
N VAL A 129 11.94 -14.91 31.61
CA VAL A 129 10.68 -14.22 31.79
C VAL A 129 10.95 -12.83 32.33
N GLY A 130 9.98 -11.94 32.14
CA GLY A 130 10.12 -10.58 32.61
C GLY A 130 8.88 -9.76 32.27
N PHE A 131 9.09 -8.47 32.05
CA PHE A 131 7.99 -7.57 31.81
C PHE A 131 8.30 -6.62 30.66
N LEU A 132 7.29 -6.42 29.82
CA LEU A 132 7.40 -5.51 28.68
C LEU A 132 6.19 -4.60 28.66
N ASN A 133 6.43 -3.32 28.91
CA ASN A 133 5.36 -2.32 28.96
C ASN A 133 4.21 -2.75 29.88
N GLY A 134 4.57 -3.29 31.04
CA GLY A 134 3.60 -3.59 32.08
C GLY A 134 2.90 -4.93 31.93
N PHE A 135 3.33 -5.73 30.97
CA PHE A 135 2.76 -7.06 30.73
C PHE A 135 3.77 -8.15 31.05
N PRO A 136 3.32 -9.28 31.62
CA PRO A 136 4.25 -10.38 31.84
C PRO A 136 4.60 -11.07 30.52
N VAL A 137 5.88 -11.29 30.26
CA VAL A 137 6.31 -11.91 29.01
C VAL A 137 7.36 -13.00 29.22
N GLY A 138 7.42 -13.91 28.26
CA GLY A 138 8.54 -14.82 28.12
C GLY A 138 9.21 -14.55 26.80
N PHE A 139 10.49 -14.90 26.68
CA PHE A 139 11.18 -14.70 25.41
C PHE A 139 12.41 -15.59 25.30
N ASP A 140 12.84 -15.82 24.07
CA ASP A 140 14.10 -16.52 23.80
C ASP A 140 14.93 -15.68 22.83
N ALA A 141 15.79 -16.32 22.06
CA ALA A 141 16.66 -15.62 21.14
C ALA A 141 15.88 -14.94 20.00
N GLU A 142 14.76 -15.54 19.61
CA GLU A 142 14.04 -15.10 18.42
C GLU A 142 12.68 -14.46 18.69
N LYS A 143 11.98 -14.94 19.72
CA LYS A 143 10.58 -14.58 19.92
C LYS A 143 10.28 -14.08 21.32
N LYS A 144 9.15 -13.38 21.45
CA LYS A 144 8.61 -13.01 22.75
C LYS A 144 7.12 -13.33 22.75
N TRP A 145 6.59 -13.62 23.93
CA TRP A 145 5.18 -13.95 24.06
C TRP A 145 4.65 -13.52 25.42
N LEU A 146 3.33 -13.31 25.48
CA LEU A 146 2.66 -12.98 26.73
C LEU A 146 2.45 -14.23 27.55
N LEU A 147 2.53 -14.09 28.87
CA LEU A 147 2.33 -15.21 29.79
C LEU A 147 0.88 -15.30 30.25
N HIS A 148 0.38 -16.53 30.37
CA HIS A 148 -0.96 -16.76 30.90
C HIS A 148 -0.97 -16.64 32.42
N CYS A 149 -0.64 -15.45 32.92
CA CYS A 149 -0.79 -15.15 34.33
C CYS A 149 -2.29 -15.01 34.63
N PRO A 150 -2.66 -14.92 35.91
CA PRO A 150 -4.08 -14.67 36.21
C PRO A 150 -4.53 -13.32 35.66
N GLY A 151 -5.79 -13.20 35.30
CA GLY A 151 -6.33 -11.94 34.83
C GLY A 151 -5.82 -11.53 33.45
N MET A 152 -5.52 -12.52 32.61
CA MET A 152 -5.12 -12.25 31.22
C MET A 152 -6.27 -12.55 30.28
N LEU A 153 -6.42 -11.73 29.24
CA LEU A 153 -7.47 -11.90 28.24
C LEU A 153 -6.88 -12.53 26.99
N ALA A 154 -7.49 -13.63 26.54
CA ALA A 154 -7.01 -14.33 25.36
C ALA A 154 -8.18 -14.81 24.52
N MET A 155 -7.88 -15.19 23.28
CA MET A 155 -8.91 -15.59 22.33
C MET A 155 -9.04 -17.10 22.29
N ALA A 156 -10.26 -17.59 22.48
CA ALA A 156 -10.55 -19.01 22.34
C ALA A 156 -10.44 -19.42 20.88
N ARG A 157 -10.10 -20.68 20.64
CA ARG A 157 -9.99 -21.19 19.28
C ARG A 157 -10.22 -22.69 19.27
N ASP A 158 -10.32 -23.26 18.07
CA ASP A 158 -10.37 -24.70 17.90
C ASP A 158 -8.95 -25.23 17.71
N SER A 159 -8.82 -26.53 17.44
CA SER A 159 -7.51 -27.18 17.40
C SER A 159 -6.60 -26.58 16.32
N ASP A 160 -7.18 -26.23 15.17
CA ASP A 160 -6.43 -25.56 14.13
C ASP A 160 -6.09 -24.14 14.60
N PRO A 161 -4.81 -23.73 14.47
CA PRO A 161 -4.38 -22.46 15.07
C PRO A 161 -5.17 -21.23 14.60
N ASN A 162 -5.58 -21.20 13.33
CA ASN A 162 -6.22 -20.02 12.75
C ASN A 162 -7.73 -20.10 12.79
N THR A 163 -8.29 -20.44 13.95
CA THR A 163 -9.74 -20.57 14.08
C THR A 163 -10.36 -19.64 15.13
N GLY A 164 -9.54 -18.84 15.81
CA GLY A 164 -10.03 -17.90 16.79
C GLY A 164 -10.54 -16.61 16.15
N GLY A 165 -11.30 -15.82 16.92
CA GLY A 165 -11.67 -14.49 16.47
C GLY A 165 -12.91 -13.84 17.07
N THR A 166 -13.74 -14.57 17.80
CA THR A 166 -14.91 -13.97 18.43
C THR A 166 -15.05 -14.21 19.93
N ASP A 167 -14.67 -15.40 20.39
CA ASP A 167 -14.90 -15.79 21.78
C ASP A 167 -13.61 -15.83 22.57
N PHE A 168 -13.66 -15.26 23.76
CA PHE A 168 -12.47 -15.01 24.58
C PHE A 168 -12.57 -15.64 25.96
N TYR A 169 -11.44 -15.73 26.66
CA TYR A 169 -11.44 -16.17 28.04
C TYR A 169 -10.51 -15.32 28.90
N ILE A 170 -10.87 -15.22 30.17
CA ILE A 170 -10.07 -14.55 31.18
C ILE A 170 -9.55 -15.61 32.14
N THR A 171 -8.24 -15.66 32.33
CA THR A 171 -7.64 -16.64 33.24
C THR A 171 -7.97 -16.29 34.69
N LEU A 172 -8.39 -17.30 35.44
CA LEU A 172 -8.73 -17.14 36.86
C LEU A 172 -7.54 -17.46 37.73
N ASP A 173 -6.60 -18.21 37.16
CA ASP A 173 -5.34 -18.55 37.81
C ASP A 173 -4.35 -18.76 36.68
N ALA A 174 -3.06 -18.90 37.00
CA ALA A 174 -2.07 -19.03 35.94
C ALA A 174 -2.27 -20.31 35.15
N GLN A 175 -2.19 -20.21 33.82
CA GLN A 175 -2.33 -21.36 32.92
C GLN A 175 -1.17 -21.37 31.93
N ARG A 176 0.04 -21.43 32.47
CA ARG A 176 1.26 -21.25 31.69
C ARG A 176 1.45 -22.30 30.58
N TYR A 177 0.82 -23.46 30.73
CA TYR A 177 0.95 -24.52 29.73
C TYR A 177 0.35 -24.08 28.39
N LEU A 178 -0.51 -23.06 28.43
CA LEU A 178 -1.12 -22.53 27.21
C LEU A 178 -0.21 -21.56 26.47
N ASP A 179 0.90 -21.15 27.08
CA ASP A 179 1.79 -20.16 26.49
C ASP A 179 2.29 -20.60 25.10
N ARG A 180 2.38 -19.64 24.19
CA ARG A 180 2.83 -19.87 22.81
C ARG A 180 1.92 -20.79 22.00
N ASN A 181 0.67 -20.96 22.46
CA ASN A 181 -0.31 -21.77 21.74
C ASN A 181 -1.63 -21.04 21.55
N MET A 182 -1.75 -19.86 22.15
CA MET A 182 -2.98 -19.08 22.11
C MET A 182 -2.67 -17.61 21.87
N THR A 183 -3.66 -16.87 21.35
CA THR A 183 -3.51 -15.44 21.20
C THR A 183 -3.94 -14.73 22.48
N VAL A 184 -2.96 -14.28 23.24
CA VAL A 184 -3.20 -13.42 24.39
C VAL A 184 -3.17 -11.98 23.89
N PHE A 185 -4.18 -11.18 24.23
CA PHE A 185 -4.24 -9.83 23.69
C PHE A 185 -4.74 -8.78 24.69
N GLY A 186 -4.78 -9.14 25.97
CA GLY A 186 -5.14 -8.17 27.00
C GLY A 186 -4.88 -8.64 28.42
N ARG A 187 -4.98 -7.70 29.37
CA ARG A 187 -4.91 -8.01 30.79
C ARG A 187 -5.95 -7.23 31.57
N VAL A 188 -6.49 -7.83 32.63
CA VAL A 188 -7.44 -7.16 33.50
C VAL A 188 -6.70 -6.13 34.36
N ILE A 189 -7.23 -4.90 34.39
CA ILE A 189 -6.62 -3.82 35.16
C ILE A 189 -7.52 -3.37 36.31
N SER A 190 -8.80 -3.76 36.25
CA SER A 190 -9.72 -3.48 37.35
C SER A 190 -10.91 -4.43 37.30
N GLY A 191 -11.46 -4.75 38.47
CA GLY A 191 -12.66 -5.56 38.56
C GLY A 191 -12.44 -7.06 38.45
N MET A 192 -11.22 -7.50 38.72
CA MET A 192 -10.90 -8.94 38.70
C MET A 192 -11.80 -9.70 39.68
N GLN A 193 -12.15 -9.06 40.80
CA GLN A 193 -13.01 -9.69 41.78
C GLN A 193 -14.37 -10.06 41.20
N TYR A 194 -14.82 -9.29 40.21
CA TYR A 194 -16.12 -9.54 39.58
C TYR A 194 -16.04 -10.76 38.66
N VAL A 195 -14.89 -10.93 38.04
CA VAL A 195 -14.63 -12.13 37.25
C VAL A 195 -14.74 -13.36 38.14
N GLN A 196 -14.28 -13.23 39.38
CA GLN A 196 -14.30 -14.32 40.33
C GLN A 196 -15.70 -14.62 40.86
N LYS A 197 -16.63 -13.67 40.68
CA LYS A 197 -18.01 -13.86 41.12
C LYS A 197 -18.87 -14.55 40.06
N LEU A 198 -18.36 -14.63 38.84
CA LEU A 198 -19.13 -15.15 37.72
C LEU A 198 -19.65 -16.55 38.02
N GLN A 199 -20.90 -16.80 37.59
CA GLN A 199 -21.53 -18.11 37.76
C GLN A 199 -20.64 -19.19 37.15
N ARG A 200 -20.42 -20.25 37.92
CA ARG A 200 -19.52 -21.32 37.53
C ARG A 200 -20.29 -22.41 36.80
N GLY A 201 -19.64 -23.09 35.87
CA GLY A 201 -20.15 -24.34 35.34
C GLY A 201 -19.45 -25.49 36.05
N ASP A 202 -19.53 -26.68 35.47
CA ASP A 202 -18.87 -27.86 36.02
C ASP A 202 -17.99 -28.45 34.93
N LYS A 203 -16.70 -28.58 35.21
CA LYS A 203 -15.73 -29.04 34.22
C LYS A 203 -15.99 -30.45 33.72
N ASN A 204 -16.68 -31.26 34.53
CA ASN A 204 -16.99 -32.62 34.16
C ASN A 204 -18.32 -32.72 33.39
N ILE A 205 -18.96 -31.58 33.20
CA ILE A 205 -20.22 -31.51 32.45
C ILE A 205 -20.10 -30.51 31.30
N GLU A 206 -20.00 -31.04 30.08
CA GLU A 206 -19.87 -30.22 28.89
C GLU A 206 -18.73 -29.20 28.99
N GLY A 207 -17.61 -29.63 29.55
CA GLY A 207 -16.40 -28.82 29.59
C GLY A 207 -16.59 -27.47 30.26
N GLY A 208 -17.48 -27.42 31.25
CA GLY A 208 -17.69 -26.21 32.03
C GLY A 208 -18.75 -25.28 31.46
N VAL A 209 -19.37 -25.69 30.35
CA VAL A 209 -20.46 -24.91 29.79
C VAL A 209 -21.66 -24.97 30.72
N ILE A 210 -22.18 -23.81 31.08
CA ILE A 210 -23.29 -23.71 32.02
C ILE A 210 -24.56 -24.27 31.40
N GLN A 211 -25.25 -25.12 32.16
CA GLN A 211 -26.35 -25.90 31.61
C GLN A 211 -27.72 -25.29 31.90
N SER A 212 -28.64 -25.50 30.97
CA SER A 212 -30.03 -25.06 31.12
C SER A 212 -30.59 -25.78 32.35
N PRO A 213 -31.47 -25.15 33.12
CA PRO A 213 -32.08 -23.82 32.98
C PRO A 213 -31.20 -22.67 33.42
N ASN A 214 -29.95 -22.93 33.80
CA ASN A 214 -29.12 -21.86 34.30
C ASN A 214 -28.39 -21.24 33.14
N LYS A 215 -27.98 -20.00 33.32
CA LYS A 215 -27.25 -19.30 32.29
C LYS A 215 -26.08 -18.59 32.90
N GLY A 216 -25.03 -18.42 32.10
CA GLY A 216 -23.88 -17.68 32.55
C GLY A 216 -24.28 -16.25 32.80
N ASP A 217 -23.51 -15.57 33.64
CA ASP A 217 -23.77 -14.18 33.93
C ASP A 217 -23.60 -13.35 32.67
N GLU A 218 -24.41 -12.32 32.56
CA GLU A 218 -24.51 -11.53 31.33
C GLU A 218 -23.44 -10.45 31.26
N MET A 219 -22.87 -10.27 30.07
CA MET A 219 -22.13 -9.05 29.79
C MET A 219 -23.18 -8.03 29.36
N ILE A 220 -23.67 -7.28 30.33
CA ILE A 220 -24.79 -6.38 30.10
C ILE A 220 -24.43 -5.38 29.01
N SER A 221 -23.19 -4.90 29.06
CA SER A 221 -22.65 -4.07 27.99
C SER A 221 -21.14 -4.18 27.95
N VAL A 222 -20.60 -4.04 26.75
CA VAL A 222 -19.16 -3.99 26.55
C VAL A 222 -18.84 -2.78 25.68
N LYS A 223 -17.99 -1.89 26.18
CA LYS A 223 -17.61 -0.68 25.45
C LYS A 223 -16.11 -0.43 25.55
N LEU A 224 -15.60 0.34 24.59
CA LEU A 224 -14.27 0.91 24.71
C LEU A 224 -14.39 2.23 25.43
N ALA A 225 -13.37 2.58 26.21
CA ALA A 225 -13.39 3.85 26.94
C ALA A 225 -13.47 5.01 25.95
N SER A 226 -12.90 4.81 24.76
CA SER A 226 -12.88 5.84 23.73
C SER A 226 -14.28 6.19 23.22
N GLU A 227 -15.26 5.32 23.50
CA GLU A 227 -16.64 5.59 23.07
C GLU A 227 -17.32 6.59 24.00
N LEU A 228 -16.73 6.79 25.17
CA LEU A 228 -17.25 7.76 26.14
C LEU A 228 -16.69 9.16 25.93
N PRO A 229 -17.43 10.18 26.38
CA PRO A 229 -16.86 11.53 26.38
C PRO A 229 -15.67 11.64 27.32
N GLU A 230 -14.69 12.44 26.93
CA GLU A 230 -13.38 12.50 27.60
C GLU A 230 -13.41 12.59 29.12
N ASN A 231 -14.40 13.27 29.69
CA ASN A 231 -14.42 13.51 31.13
C ASN A 231 -15.17 12.40 31.87
N GLN A 232 -15.64 11.42 31.10
CA GLN A 232 -16.27 10.24 31.65
C GLN A 232 -15.38 9.02 31.40
N GLN A 233 -14.32 9.23 30.62
CA GLN A 233 -13.36 8.18 30.32
C GLN A 233 -12.52 7.86 31.57
N PRO A 234 -12.42 6.57 31.95
CA PRO A 234 -11.50 6.28 33.05
C PRO A 234 -10.04 6.38 32.61
N ASN A 235 -9.29 7.30 33.21
CA ASN A 235 -7.89 7.49 32.86
C ASN A 235 -6.99 6.61 33.70
N TYR A 236 -6.31 5.67 33.05
CA TYR A 236 -5.41 4.74 33.73
C TYR A 236 -3.98 4.98 33.28
N GLU A 237 -3.06 4.89 34.24
CA GLU A 237 -1.64 4.99 33.95
C GLU A 237 -0.90 3.78 34.51
N VAL A 238 0.12 3.34 33.79
CA VAL A 238 0.88 2.14 34.15
C VAL A 238 2.35 2.48 34.30
N MET A 239 2.97 1.95 35.35
CA MET A 239 4.40 2.20 35.55
C MET A 239 5.20 1.57 34.43
N ARG A 240 6.18 2.29 33.94
CA ARG A 240 7.07 1.77 32.90
C ARG A 240 8.04 0.77 33.51
N THR A 241 7.88 -0.48 33.12
CA THR A 241 8.57 -1.58 33.77
C THR A 241 10.07 -1.61 33.47
N GLU A 242 10.51 -0.84 32.48
CA GLU A 242 11.93 -0.79 32.17
C GLU A 242 12.69 0.20 33.07
N THR A 243 11.96 0.94 33.90
CA THR A 243 12.57 1.92 34.80
C THR A 243 12.96 1.27 36.13
N ALA A 244 13.90 1.89 36.84
CA ALA A 244 14.42 1.36 38.10
C ALA A 244 13.35 1.29 39.19
N GLY A 245 12.39 2.21 39.16
CA GLY A 245 11.33 2.25 40.15
C GLY A 245 10.52 0.97 40.22
N PHE A 246 10.46 0.25 39.09
CA PHE A 246 9.69 -0.98 39.02
C PHE A 246 10.30 -2.11 39.85
N MET A 247 11.60 -2.08 40.09
CA MET A 247 12.28 -3.12 40.86
C MET A 247 11.70 -3.37 42.25
N ASN A 248 11.26 -2.31 42.91
CA ASN A 248 10.63 -2.46 44.22
C ASN A 248 9.40 -3.38 44.16
N SER A 249 8.59 -3.27 43.12
CA SER A 249 7.42 -4.12 42.95
C SER A 249 7.82 -5.58 42.87
N ILE A 250 9.06 -5.82 42.47
CA ILE A 250 9.63 -7.17 42.41
C ILE A 250 10.30 -7.52 43.73
N ASN A 251 11.18 -6.63 44.20
CA ASN A 251 11.98 -6.91 45.39
C ASN A 251 11.19 -6.85 46.70
N SER A 252 10.03 -6.20 46.66
CA SER A 252 9.17 -6.15 47.84
C SER A 252 8.63 -7.53 48.16
N LYS A 253 8.46 -8.35 47.13
CA LYS A 253 7.93 -9.69 47.32
C LYS A 253 9.04 -10.73 47.46
N ARG A 254 10.24 -10.42 46.99
CA ARG A 254 11.36 -11.35 47.12
C ARG A 254 12.06 -11.16 48.46
N VAL A 255 12.30 -9.91 48.83
CA VAL A 255 12.98 -9.61 50.08
C VAL A 255 11.97 -9.19 51.14
N ARG A 256 11.64 -10.12 52.03
CA ARG A 256 10.70 -9.89 53.10
C ARG A 256 11.44 -9.99 54.44
N SER A 257 11.79 -8.83 54.98
CA SER A 257 12.65 -8.77 56.17
C SER A 257 11.85 -8.56 57.45
N ASP A 258 10.52 -8.49 57.33
CA ASP A 258 9.64 -8.32 58.47
C ASP A 258 9.91 -9.43 59.50
N PRO A 259 10.14 -9.05 60.78
CA PRO A 259 10.35 -10.09 61.80
C PRO A 259 9.15 -11.02 61.97
N PHE A 260 8.00 -10.63 61.41
CA PHE A 260 6.83 -11.51 61.35
C PHE A 260 7.24 -12.89 60.85
N PHE A 261 8.10 -12.92 59.84
CA PHE A 261 8.60 -14.18 59.28
C PHE A 261 9.84 -14.63 60.03
N PHE A 262 9.68 -15.62 60.91
CA PHE A 262 10.81 -16.16 61.64
C PHE A 262 11.59 -17.13 60.76
N ASN A 263 10.93 -17.64 59.72
CA ASN A 263 11.62 -18.32 58.64
C ASN A 263 11.59 -17.43 57.41
N THR A 264 12.70 -16.73 57.17
CA THR A 264 12.77 -15.76 56.09
C THR A 264 12.44 -16.43 54.76
N PRO A 265 11.43 -15.92 54.05
CA PRO A 265 11.07 -16.54 52.77
C PRO A 265 12.22 -16.53 51.76
N PRO A 266 12.27 -17.53 50.86
CA PRO A 266 13.27 -17.50 49.78
C PRO A 266 13.14 -16.24 48.94
N GLN A 267 14.26 -15.74 48.42
CA GLN A 267 14.24 -14.52 47.61
C GLN A 267 13.82 -14.84 46.18
N VAL A 268 12.55 -15.23 46.03
CA VAL A 268 12.00 -15.63 44.74
C VAL A 268 10.56 -15.16 44.62
N VAL A 269 10.17 -14.77 43.43
CA VAL A 269 8.78 -14.46 43.15
C VAL A 269 8.38 -15.04 41.79
N ASP A 270 7.18 -15.63 41.74
CA ASP A 270 6.60 -16.08 40.50
C ASP A 270 6.29 -14.86 39.64
N VAL A 271 6.76 -14.88 38.40
CA VAL A 271 6.56 -13.76 37.48
C VAL A 271 5.10 -13.32 37.45
N CYS A 272 4.19 -14.28 37.62
CA CYS A 272 2.76 -14.00 37.54
C CYS A 272 2.19 -13.47 38.87
N ASP A 273 3.01 -13.39 39.91
CA ASP A 273 2.60 -12.82 41.18
C ASP A 273 3.03 -11.37 41.32
N VAL A 274 3.90 -10.91 40.43
CA VAL A 274 4.34 -9.53 40.46
C VAL A 274 3.21 -8.61 40.01
N GLU A 275 2.92 -7.61 40.83
CA GLU A 275 1.89 -6.64 40.52
C GLU A 275 2.53 -5.42 39.88
N VAL A 276 2.16 -5.14 38.62
CA VAL A 276 2.66 -3.96 37.92
C VAL A 276 1.82 -2.76 38.36
N PRO A 277 2.47 -1.75 38.96
CA PRO A 277 1.69 -0.58 39.37
C PRO A 277 0.82 -0.03 38.24
N THR A 278 -0.49 -0.04 38.49
CA THR A 278 -1.49 0.43 37.55
C THR A 278 -2.53 1.20 38.33
N GLU A 279 -2.74 2.47 37.99
CA GLU A 279 -3.58 3.34 38.79
C GLU A 279 -4.57 4.17 38.00
N LEU A 280 -5.76 4.31 38.57
CA LEU A 280 -6.76 5.25 38.10
C LEU A 280 -6.37 6.65 38.58
N VAL A 281 -6.43 7.63 37.68
CA VAL A 281 -6.07 9.00 38.03
C VAL A 281 -7.20 9.98 37.71
N ILE B 11 24.11 12.00 -20.72
CA ILE B 11 23.43 10.72 -20.85
C ILE B 11 23.98 9.72 -19.85
N ILE B 12 23.07 9.08 -19.11
CA ILE B 12 23.45 8.09 -18.13
C ILE B 12 23.92 6.82 -18.84
N PRO B 13 25.20 6.45 -18.68
CA PRO B 13 25.71 5.25 -19.36
C PRO B 13 25.11 3.98 -18.78
N LYS B 14 25.02 2.93 -19.59
CA LYS B 14 24.43 1.67 -19.14
C LYS B 14 25.39 0.92 -18.21
N PRO B 15 24.86 0.37 -17.10
CA PRO B 15 25.69 -0.44 -16.20
C PRO B 15 25.82 -1.87 -16.69
N THR B 16 26.57 -2.67 -15.95
CA THR B 16 26.77 -4.07 -16.27
C THR B 16 25.50 -4.86 -15.93
N PRO B 17 25.11 -5.82 -16.78
CA PRO B 17 23.92 -6.61 -16.45
C PRO B 17 24.13 -7.47 -15.22
N THR B 18 23.04 -7.78 -14.53
CA THR B 18 23.07 -8.65 -13.35
C THR B 18 22.08 -9.81 -13.57
N PRO B 19 22.56 -11.06 -13.43
CA PRO B 19 21.64 -12.19 -13.64
C PRO B 19 20.48 -12.20 -12.66
N LEU B 20 19.34 -12.72 -13.10
CA LEU B 20 18.14 -12.80 -12.28
C LEU B 20 18.36 -13.77 -11.13
N SER B 21 17.69 -13.51 -10.01
CA SER B 21 17.76 -14.40 -8.84
C SER B 21 17.21 -15.79 -9.16
N LEU B 22 17.89 -16.81 -8.65
CA LEU B 22 17.48 -18.19 -8.81
C LEU B 22 17.15 -18.83 -7.47
N GLU B 23 16.71 -18.01 -6.52
CA GLU B 23 16.31 -18.52 -5.22
C GLU B 23 15.20 -19.54 -5.46
N SER B 24 15.40 -20.75 -4.92
CA SER B 24 14.43 -21.83 -5.11
C SER B 24 13.14 -21.44 -4.43
N GLY B 25 12.02 -21.89 -4.98
CA GLY B 25 10.74 -21.53 -4.40
C GLY B 25 10.00 -22.68 -3.76
N MET B 26 8.82 -22.38 -3.27
CA MET B 26 7.95 -23.35 -2.64
C MET B 26 7.56 -24.47 -3.60
N LYS B 27 7.55 -24.14 -4.89
CA LYS B 27 7.14 -25.08 -5.93
C LYS B 27 8.25 -26.08 -6.27
N GLY B 28 9.48 -25.77 -5.86
CA GLY B 28 10.59 -26.67 -6.07
C GLY B 28 11.84 -26.03 -6.63
N GLU B 29 12.85 -26.86 -6.87
CA GLU B 29 14.15 -26.40 -7.34
C GLU B 29 14.11 -26.07 -8.84
N ASN B 30 13.00 -26.40 -9.48
CA ASN B 30 12.78 -26.08 -10.89
C ASN B 30 12.03 -24.76 -11.06
N TRP B 31 11.87 -24.03 -9.96
CA TRP B 31 11.25 -22.71 -9.96
C TRP B 31 12.16 -21.68 -9.31
N ARG B 32 11.98 -20.42 -9.67
CA ARG B 32 12.70 -19.32 -9.04
C ARG B 32 11.72 -18.32 -8.43
N LYS B 33 12.07 -17.73 -7.28
CA LYS B 33 11.28 -16.65 -6.72
C LYS B 33 11.65 -15.33 -7.40
N ILE B 34 10.65 -14.53 -7.73
CA ILE B 34 10.89 -13.16 -8.22
C ILE B 34 11.19 -12.25 -7.04
N GLU B 35 12.30 -11.52 -7.11
CA GLU B 35 12.62 -10.58 -6.04
C GLU B 35 11.57 -9.47 -5.99
N PRO B 36 11.12 -9.11 -4.77
CA PRO B 36 10.08 -8.06 -4.64
C PRO B 36 10.49 -6.73 -5.26
N GLU B 37 11.77 -6.41 -5.27
CA GLU B 37 12.24 -5.16 -5.84
C GLU B 37 12.06 -5.12 -7.36
N ASN B 38 11.91 -6.30 -7.96
CA ASN B 38 11.72 -6.42 -9.40
C ASN B 38 10.25 -6.59 -9.80
N ILE B 39 9.34 -6.45 -8.84
CA ILE B 39 7.91 -6.45 -9.13
C ILE B 39 7.35 -5.06 -9.01
N VAL B 40 6.75 -4.58 -10.10
CA VAL B 40 6.08 -3.28 -10.11
C VAL B 40 4.58 -3.50 -10.07
N VAL B 41 3.91 -2.76 -9.18
CA VAL B 41 2.46 -2.84 -9.05
C VAL B 41 1.85 -1.54 -9.55
N ILE B 42 1.24 -1.57 -10.72
CA ILE B 42 0.54 -0.42 -11.26
C ILE B 42 -0.94 -0.55 -10.94
N THR B 43 -1.43 0.32 -10.07
CA THR B 43 -2.83 0.30 -9.66
C THR B 43 -3.65 1.21 -10.57
N THR B 44 -4.62 0.62 -11.27
CA THR B 44 -5.58 1.37 -12.07
C THR B 44 -6.96 1.18 -11.46
N LYS B 45 -7.95 1.90 -11.97
CA LYS B 45 -9.31 1.75 -11.47
C LYS B 45 -9.90 0.38 -11.79
N TYR B 46 -9.28 -0.34 -12.71
CA TYR B 46 -9.75 -1.67 -13.11
C TYR B 46 -9.17 -2.75 -12.21
N GLY B 47 -8.00 -2.48 -11.65
CA GLY B 47 -7.26 -3.46 -10.88
C GLY B 47 -5.77 -3.26 -11.04
N ASP B 48 -4.99 -4.19 -10.49
CA ASP B 48 -3.54 -4.06 -10.48
C ASP B 48 -2.88 -4.75 -11.66
N ILE B 49 -2.00 -4.02 -12.32
CA ILE B 49 -1.13 -4.58 -13.34
C ILE B 49 0.22 -4.84 -12.69
N LEU B 50 0.65 -6.10 -12.68
CA LEU B 50 1.94 -6.46 -12.10
C LEU B 50 2.94 -6.83 -13.17
N ILE B 51 4.16 -6.32 -13.00
CA ILE B 51 5.21 -6.49 -14.00
C ILE B 51 6.50 -6.95 -13.34
N GLU B 52 7.14 -7.95 -13.93
CA GLU B 52 8.47 -8.39 -13.51
C GLU B 52 9.54 -7.67 -14.30
N LEU B 53 10.43 -6.97 -13.61
CA LEU B 53 11.55 -6.27 -14.23
C LEU B 53 12.72 -7.20 -14.50
N ASN B 54 13.54 -6.83 -15.48
CA ASN B 54 14.61 -7.69 -15.95
C ASN B 54 15.96 -6.95 -16.03
N PRO B 55 16.72 -6.94 -14.92
CA PRO B 55 18.04 -6.30 -14.92
C PRO B 55 19.12 -7.12 -15.63
N GLU B 56 18.76 -8.31 -16.09
CA GLU B 56 19.66 -9.14 -16.87
C GLU B 56 19.80 -8.60 -18.31
N PHE B 57 18.80 -7.85 -18.75
CA PHE B 57 18.81 -7.27 -20.10
C PHE B 57 18.95 -5.74 -20.10
N ALA B 58 18.39 -5.09 -19.08
CA ALA B 58 18.37 -3.62 -19.05
C ALA B 58 18.54 -3.10 -17.63
N PRO B 59 19.71 -3.37 -17.01
CA PRO B 59 19.95 -2.97 -15.62
C PRO B 59 19.79 -1.46 -15.39
N GLY B 60 20.23 -0.66 -16.35
CA GLY B 60 20.13 0.78 -16.23
C GLY B 60 18.69 1.27 -16.19
N HIS B 61 17.85 0.72 -17.07
CA HIS B 61 16.46 1.12 -17.11
C HIS B 61 15.68 0.63 -15.89
N VAL B 62 16.02 -0.57 -15.42
CA VAL B 62 15.39 -1.11 -14.23
C VAL B 62 15.68 -0.19 -13.04
N ALA B 63 16.95 0.19 -12.88
CA ALA B 63 17.36 1.07 -11.80
C ALA B 63 16.66 2.42 -11.88
N ARG B 64 16.61 2.98 -13.08
CA ARG B 64 15.92 4.25 -13.30
C ARG B 64 14.44 4.11 -12.96
N PHE B 65 13.84 3.02 -13.44
CA PHE B 65 12.43 2.79 -13.22
C PHE B 65 12.12 2.67 -11.74
N GLN B 66 12.95 1.91 -11.03
CA GLN B 66 12.81 1.76 -9.58
C GLN B 66 12.89 3.11 -8.88
N ASP B 67 13.87 3.92 -9.26
CA ASP B 67 14.03 5.25 -8.67
C ASP B 67 12.78 6.11 -8.85
N MET B 68 12.22 6.12 -10.05
CA MET B 68 11.04 6.93 -10.33
C MET B 68 9.82 6.42 -9.56
N VAL B 69 9.67 5.10 -9.47
CA VAL B 69 8.57 4.50 -8.72
C VAL B 69 8.66 4.89 -7.26
N LYS B 70 9.84 4.74 -6.67
CA LYS B 70 10.07 5.10 -5.28
C LYS B 70 9.86 6.58 -5.00
N ALA B 71 10.15 7.42 -6.00
CA ALA B 71 9.96 8.85 -5.87
C ALA B 71 8.51 9.24 -6.15
N ARG B 72 7.66 8.23 -6.35
CA ARG B 72 6.22 8.45 -6.58
C ARG B 72 5.99 9.33 -7.82
N ALA B 73 6.92 9.28 -8.76
CA ALA B 73 6.86 10.15 -9.93
C ALA B 73 5.73 9.77 -10.88
N TYR B 74 5.30 8.50 -10.86
CA TYR B 74 4.26 8.03 -11.76
C TYR B 74 2.87 8.12 -11.15
N ASN B 75 2.80 8.41 -9.86
CA ASN B 75 1.51 8.46 -9.17
C ASN B 75 0.65 9.60 -9.70
N GLY B 76 -0.54 9.26 -10.18
CA GLY B 76 -1.45 10.24 -10.75
C GLY B 76 -1.18 10.52 -12.21
N LYS B 77 -0.17 9.87 -12.78
CA LYS B 77 0.14 10.02 -14.20
C LYS B 77 -0.76 9.12 -15.03
N GLU B 78 -0.72 9.31 -16.35
CA GLU B 78 -1.71 8.72 -17.24
C GLU B 78 -1.12 7.78 -18.30
N PHE B 79 -1.90 6.77 -18.69
CA PHE B 79 -1.64 6.08 -19.95
C PHE B 79 -2.22 6.97 -21.05
N TYR B 80 -1.43 7.96 -21.46
CA TYR B 80 -1.90 9.05 -22.29
C TYR B 80 -1.96 8.73 -23.78
N ARG B 81 -1.36 7.61 -24.17
CA ARG B 81 -1.35 7.20 -25.57
C ARG B 81 -1.60 5.69 -25.67
N VAL B 82 -2.77 5.33 -26.19
CA VAL B 82 -3.14 3.93 -26.29
C VAL B 82 -3.80 3.63 -27.63
N ILE B 83 -3.22 2.69 -28.35
CA ILE B 83 -3.72 2.26 -29.65
C ILE B 83 -4.08 0.78 -29.58
N ASP B 84 -5.34 0.46 -29.82
CA ASP B 84 -5.81 -0.92 -29.71
C ASP B 84 -5.01 -1.86 -30.60
N GLY B 85 -4.59 -2.99 -30.05
CA GLY B 85 -3.84 -4.00 -30.78
C GLY B 85 -2.38 -3.64 -30.99
N PHE B 86 -1.96 -2.50 -30.45
CA PHE B 86 -0.58 -2.03 -30.60
C PHE B 86 0.12 -1.93 -29.24
N VAL B 87 0.05 -0.76 -28.60
CA VAL B 87 0.65 -0.60 -27.28
C VAL B 87 -0.18 0.33 -26.40
N ALA B 88 0.04 0.21 -25.10
CA ALA B 88 -0.46 1.18 -24.13
C ALA B 88 0.73 1.90 -23.54
N GLN B 89 0.81 3.20 -23.82
CA GLN B 89 1.97 4.01 -23.42
C GLN B 89 1.61 4.97 -22.31
N GLY B 90 2.48 5.07 -21.31
CA GLY B 90 2.27 5.95 -20.18
C GLY B 90 3.57 6.49 -19.64
N GLY B 91 3.47 7.40 -18.67
CA GLY B 91 4.64 8.02 -18.07
C GLY B 91 4.34 9.43 -17.61
N ILE B 92 5.39 10.22 -17.43
CA ILE B 92 5.24 11.57 -16.89
C ILE B 92 4.80 12.56 -17.97
N ASP B 93 4.99 12.19 -19.23
CA ASP B 93 4.51 12.98 -20.36
C ASP B 93 4.99 14.43 -20.27
N ALA B 94 6.27 14.61 -19.96
CA ALA B 94 6.82 15.94 -19.75
C ALA B 94 8.34 15.91 -19.73
N GLU B 95 8.94 17.09 -19.80
CA GLU B 95 10.37 17.23 -19.59
C GLU B 95 10.61 17.43 -18.10
N ASP B 96 11.55 16.67 -17.55
CA ASP B 96 11.86 16.74 -16.13
C ASP B 96 13.36 16.67 -15.93
N LYS B 97 13.92 17.70 -15.29
CA LYS B 97 15.36 17.80 -15.08
C LYS B 97 15.88 16.69 -14.16
N LYS B 98 14.99 16.10 -13.38
CA LYS B 98 15.39 15.01 -12.48
C LYS B 98 15.74 13.73 -13.22
N TRP B 99 15.14 13.54 -14.40
CA TRP B 99 15.26 12.28 -15.12
C TRP B 99 15.85 12.45 -16.52
N PRO B 100 17.18 12.59 -16.61
CA PRO B 100 17.85 12.70 -17.91
C PRO B 100 17.81 11.39 -18.71
N PRO B 101 18.00 11.47 -20.03
CA PRO B 101 17.91 10.28 -20.88
C PRO B 101 18.96 9.23 -20.56
N LEU B 102 18.66 7.97 -20.87
CA LEU B 102 19.55 6.85 -20.59
C LEU B 102 20.17 6.31 -21.88
N GLU B 103 21.35 5.70 -21.74
CA GLU B 103 21.91 4.94 -22.84
C GLU B 103 21.01 3.75 -23.13
N ILE B 104 20.76 3.50 -24.40
CA ILE B 104 19.85 2.42 -24.80
C ILE B 104 20.40 1.06 -24.38
N GLU B 105 19.51 0.18 -23.96
CA GLU B 105 19.86 -1.18 -23.59
C GLU B 105 18.97 -2.15 -24.36
N HIS B 106 19.25 -2.25 -25.66
CA HIS B 106 18.39 -2.94 -26.61
C HIS B 106 18.80 -4.39 -26.79
N GLU B 107 20.00 -4.72 -26.32
CA GLU B 107 20.53 -6.07 -26.43
C GLU B 107 21.67 -6.26 -25.45
N GLN B 108 22.08 -7.51 -25.26
CA GLN B 108 23.20 -7.83 -24.39
C GLN B 108 24.09 -8.90 -25.04
N PRO B 109 25.36 -8.96 -24.62
CA PRO B 109 26.22 -10.05 -25.07
C PRO B 109 25.65 -11.41 -24.68
N LEU B 110 25.74 -12.39 -25.58
CA LEU B 110 25.36 -13.76 -25.24
C LEU B 110 26.46 -14.36 -24.39
N LEU B 111 26.09 -14.89 -23.23
CA LEU B 111 27.06 -15.47 -22.30
C LEU B 111 26.99 -17.00 -22.31
N GLU B 112 28.14 -17.63 -22.08
CA GLU B 112 28.21 -19.07 -22.00
C GLU B 112 27.35 -19.56 -20.85
N ALA B 113 27.20 -18.71 -19.84
CA ALA B 113 26.40 -19.04 -18.65
C ALA B 113 24.90 -18.91 -18.89
N ASP B 114 24.50 -18.24 -19.97
CA ASP B 114 23.09 -18.09 -20.30
C ASP B 114 22.49 -19.44 -20.70
N GLN B 115 21.49 -19.90 -19.94
CA GLN B 115 20.84 -21.16 -20.22
C GLN B 115 19.57 -20.93 -21.04
N ILE B 116 19.74 -20.65 -22.32
CA ILE B 116 18.60 -20.39 -23.20
C ILE B 116 17.95 -21.70 -23.66
N GLN B 117 16.64 -21.81 -23.46
CA GLN B 117 15.88 -22.93 -23.99
C GLN B 117 15.42 -22.59 -25.41
N LEU B 118 16.06 -23.23 -26.39
CA LEU B 118 15.78 -22.96 -27.79
C LEU B 118 14.40 -23.50 -28.19
N LEU B 119 13.63 -22.69 -28.92
CA LEU B 119 12.37 -23.15 -29.49
C LEU B 119 12.67 -23.81 -30.84
N ASP B 120 12.41 -25.10 -30.95
CA ASP B 120 12.79 -25.85 -32.14
C ASP B 120 11.71 -25.88 -33.21
N ASN B 121 11.22 -24.70 -33.57
CA ASN B 121 10.48 -24.53 -34.83
C ASN B 121 10.68 -23.10 -35.32
N ASP B 122 10.12 -22.80 -36.48
CA ASP B 122 10.41 -21.55 -37.15
C ASP B 122 9.91 -20.31 -36.41
N ASP B 123 10.55 -19.19 -36.70
CA ASP B 123 10.12 -17.87 -36.27
C ASP B 123 10.22 -16.94 -37.48
N LEU B 124 9.33 -15.97 -37.57
CA LEU B 124 9.27 -15.11 -38.76
C LEU B 124 10.33 -14.00 -38.74
N PHE B 125 10.80 -13.63 -37.56
CA PHE B 125 11.61 -12.42 -37.41
C PHE B 125 13.07 -12.70 -37.02
N ALA B 126 13.33 -13.86 -36.43
CA ALA B 126 14.68 -14.20 -35.98
C ALA B 126 15.01 -15.66 -36.27
N GLU B 127 16.29 -15.95 -36.52
CA GLU B 127 16.75 -17.30 -36.83
C GLU B 127 16.71 -18.21 -35.60
N LYS B 128 17.01 -17.63 -34.44
CA LYS B 128 17.02 -18.36 -33.19
C LYS B 128 16.21 -17.62 -32.13
N VAL B 129 15.22 -18.31 -31.57
CA VAL B 129 14.41 -17.76 -30.49
C VAL B 129 14.25 -18.82 -29.41
N GLY B 130 13.93 -18.37 -28.20
CA GLY B 130 13.73 -19.28 -27.11
C GLY B 130 13.38 -18.53 -25.84
N PHE B 131 13.79 -19.08 -24.71
CA PHE B 131 13.45 -18.53 -23.41
C PHE B 131 14.65 -18.52 -22.49
N LEU B 132 14.81 -17.41 -21.77
CA LEU B 132 15.89 -17.26 -20.81
C LEU B 132 15.29 -16.74 -19.51
N ASN B 133 15.32 -17.57 -18.47
CA ASN B 133 14.74 -17.22 -17.18
C ASN B 133 13.30 -16.71 -17.30
N GLY B 134 12.52 -17.40 -18.12
CA GLY B 134 11.09 -17.12 -18.20
C GLY B 134 10.71 -15.98 -19.12
N PHE B 135 11.69 -15.44 -19.84
CA PHE B 135 11.45 -14.34 -20.77
C PHE B 135 11.68 -14.80 -22.21
N PRO B 136 10.86 -14.31 -23.15
CA PRO B 136 11.07 -14.64 -24.56
C PRO B 136 12.29 -13.90 -25.11
N VAL B 137 13.19 -14.60 -25.79
CA VAL B 137 14.40 -13.98 -26.31
C VAL B 137 14.72 -14.40 -27.74
N GLY B 138 15.47 -13.54 -28.41
CA GLY B 138 16.12 -13.88 -29.68
C GLY B 138 17.62 -13.79 -29.44
N PHE B 139 18.39 -14.51 -30.24
CA PHE B 139 19.85 -14.45 -30.11
C PHE B 139 20.57 -14.90 -31.37
N ASP B 140 21.83 -14.47 -31.49
CA ASP B 140 22.72 -14.93 -32.54
C ASP B 140 24.02 -15.38 -31.89
N ALA B 141 25.13 -15.32 -32.62
CA ALA B 141 26.41 -15.79 -32.09
C ALA B 141 26.93 -14.91 -30.95
N GLU B 142 26.65 -13.61 -31.02
CA GLU B 142 27.22 -12.65 -30.07
C GLU B 142 26.23 -12.00 -29.12
N LYS B 143 24.99 -11.83 -29.57
CA LYS B 143 24.02 -11.02 -28.82
C LYS B 143 22.74 -11.78 -28.52
N LYS B 144 22.05 -11.28 -27.49
CA LYS B 144 20.71 -11.75 -27.16
C LYS B 144 19.84 -10.53 -26.89
N TRP B 145 18.55 -10.67 -27.14
CA TRP B 145 17.60 -9.58 -26.95
C TRP B 145 16.24 -10.12 -26.56
N LEU B 146 15.46 -9.27 -25.89
CA LEU B 146 14.09 -9.62 -25.52
C LEU B 146 13.15 -9.42 -26.71
N LEU B 147 12.15 -10.28 -26.81
CA LEU B 147 11.18 -10.20 -27.90
C LEU B 147 9.97 -9.36 -27.50
N HIS B 148 9.47 -8.56 -28.44
CA HIS B 148 8.27 -7.77 -28.22
C HIS B 148 7.02 -8.63 -28.33
N CYS B 149 6.91 -9.63 -27.46
CA CYS B 149 5.69 -10.41 -27.35
C CYS B 149 4.62 -9.54 -26.70
N PRO B 150 3.35 -10.02 -26.69
CA PRO B 150 2.35 -9.23 -25.96
C PRO B 150 2.67 -9.18 -24.47
N GLY B 151 2.28 -8.10 -23.80
CA GLY B 151 2.51 -7.97 -22.38
C GLY B 151 3.96 -7.76 -21.98
N MET B 152 4.73 -7.14 -22.86
CA MET B 152 6.12 -6.79 -22.55
C MET B 152 6.23 -5.30 -22.24
N LEU B 153 7.09 -4.97 -21.29
CA LEU B 153 7.32 -3.58 -20.88
C LEU B 153 8.60 -3.04 -21.49
N ALA B 154 8.51 -1.89 -22.16
CA ALA B 154 9.66 -1.27 -22.80
C ALA B 154 9.62 0.25 -22.64
N MET B 155 10.76 0.89 -22.90
CA MET B 155 10.89 2.33 -22.73
C MET B 155 10.73 3.05 -24.06
N ALA B 156 9.81 4.01 -24.10
CA ALA B 156 9.64 4.85 -25.28
C ALA B 156 10.85 5.77 -25.43
N ARG B 157 11.14 6.17 -26.67
CA ARG B 157 12.26 7.04 -26.96
C ARG B 157 12.00 7.86 -28.22
N ASP B 158 12.89 8.81 -28.50
CA ASP B 158 12.85 9.56 -29.74
C ASP B 158 13.73 8.86 -30.77
N SER B 159 13.92 9.49 -31.93
CA SER B 159 14.61 8.85 -33.05
C SER B 159 16.04 8.47 -32.67
N ASP B 160 16.71 9.35 -31.95
CA ASP B 160 18.06 9.08 -31.47
C ASP B 160 17.98 8.00 -30.38
N PRO B 161 18.83 6.96 -30.47
CA PRO B 161 18.70 5.80 -29.57
C PRO B 161 18.77 6.12 -28.07
N ASN B 162 19.59 7.08 -27.68
CA ASN B 162 19.80 7.37 -26.26
C ASN B 162 18.92 8.50 -25.73
N THR B 163 17.63 8.44 -26.03
CA THR B 163 16.70 9.49 -25.59
C THR B 163 15.57 9.02 -24.68
N GLY B 164 15.52 7.71 -24.41
CA GLY B 164 14.50 7.17 -23.52
C GLY B 164 14.87 7.33 -22.06
N GLY B 165 13.90 7.14 -21.16
CA GLY B 165 14.21 7.09 -19.75
C GLY B 165 13.10 7.40 -18.74
N THR B 166 11.96 7.92 -19.20
CA THR B 166 10.85 8.19 -18.27
C THR B 166 9.52 7.56 -18.69
N ASP B 167 9.26 7.50 -20.00
CA ASP B 167 7.96 7.07 -20.49
C ASP B 167 8.06 5.68 -21.13
N PHE B 168 7.12 4.82 -20.76
CA PHE B 168 7.16 3.40 -21.12
C PHE B 168 5.89 2.99 -21.86
N TYR B 169 5.94 1.81 -22.48
CA TYR B 169 4.76 1.24 -23.10
C TYR B 169 4.66 -0.25 -22.84
N ILE B 170 3.42 -0.74 -22.80
CA ILE B 170 3.14 -2.17 -22.68
C ILE B 170 2.51 -2.65 -23.98
N THR B 171 3.10 -3.69 -24.57
CA THR B 171 2.58 -4.25 -25.80
C THR B 171 1.23 -4.91 -25.59
N LEU B 172 0.28 -4.61 -26.47
CA LEU B 172 -1.05 -5.21 -26.42
C LEU B 172 -1.12 -6.42 -27.33
N ASP B 173 -0.19 -6.48 -28.27
CA ASP B 173 -0.05 -7.60 -29.19
C ASP B 173 1.43 -7.61 -29.58
N ALA B 174 1.87 -8.67 -30.26
CA ALA B 174 3.29 -8.76 -30.61
C ALA B 174 3.70 -7.66 -31.58
N GLN B 175 4.85 -7.04 -31.31
CA GLN B 175 5.40 -5.99 -32.19
C GLN B 175 6.86 -6.31 -32.48
N ARG B 176 7.09 -7.48 -33.06
CA ARG B 176 8.44 -8.01 -33.23
C ARG B 176 9.35 -7.12 -34.08
N TYR B 177 8.77 -6.28 -34.93
CA TYR B 177 9.56 -5.40 -35.77
C TYR B 177 10.37 -4.40 -34.94
N LEU B 178 9.94 -4.18 -33.71
CA LEU B 178 10.64 -3.26 -32.80
C LEU B 178 11.86 -3.90 -32.14
N ASP B 179 12.01 -5.21 -32.27
CA ASP B 179 13.10 -5.93 -31.62
C ASP B 179 14.47 -5.37 -32.00
N ARG B 180 15.36 -5.32 -31.01
CA ARG B 180 16.73 -4.81 -31.15
C ARG B 180 16.80 -3.32 -31.50
N ASN B 181 15.71 -2.59 -31.29
CA ASN B 181 15.68 -1.15 -31.52
C ASN B 181 15.13 -0.38 -30.31
N MET B 182 14.69 -1.11 -29.29
CA MET B 182 14.08 -0.51 -28.11
C MET B 182 14.60 -1.19 -26.85
N THR B 183 14.54 -0.50 -25.71
CA THR B 183 14.90 -1.12 -24.45
C THR B 183 13.68 -1.79 -23.83
N VAL B 184 13.64 -3.12 -23.94
CA VAL B 184 12.65 -3.91 -23.24
C VAL B 184 13.23 -4.25 -21.87
N PHE B 185 12.46 -4.03 -20.80
CA PHE B 185 12.99 -4.24 -19.46
C PHE B 185 12.01 -4.85 -18.46
N GLY B 186 10.90 -5.39 -18.96
CA GLY B 186 9.96 -6.09 -18.10
C GLY B 186 8.91 -6.89 -18.85
N ARG B 187 8.16 -7.72 -18.11
CA ARG B 187 7.03 -8.44 -18.67
C ARG B 187 5.85 -8.42 -17.70
N VAL B 188 4.63 -8.36 -18.22
CA VAL B 188 3.44 -8.42 -17.40
C VAL B 188 3.26 -9.84 -16.87
N ILE B 189 3.06 -9.99 -15.57
CA ILE B 189 2.89 -11.30 -14.97
C ILE B 189 1.48 -11.46 -14.39
N SER B 190 0.78 -10.35 -14.23
CA SER B 190 -0.61 -10.37 -13.79
C SER B 190 -1.32 -9.08 -14.18
N GLY B 191 -2.62 -9.18 -14.44
CA GLY B 191 -3.45 -8.02 -14.72
C GLY B 191 -3.37 -7.54 -16.16
N MET B 192 -2.96 -8.41 -17.07
CA MET B 192 -2.92 -8.06 -18.49
C MET B 192 -4.30 -7.64 -18.99
N GLN B 193 -5.34 -8.25 -18.45
CA GLN B 193 -6.70 -7.91 -18.83
C GLN B 193 -7.02 -6.45 -18.55
N TYR B 194 -6.40 -5.90 -17.51
CA TYR B 194 -6.64 -4.51 -17.13
C TYR B 194 -5.96 -3.56 -18.11
N VAL B 195 -4.80 -3.98 -18.61
CA VAL B 195 -4.12 -3.24 -19.66
C VAL B 195 -5.03 -3.14 -20.88
N GLN B 196 -5.78 -4.22 -21.14
CA GLN B 196 -6.69 -4.27 -22.28
C GLN B 196 -7.96 -3.44 -22.09
N LYS B 197 -8.23 -3.05 -20.84
CA LYS B 197 -9.40 -2.22 -20.55
C LYS B 197 -9.09 -0.73 -20.65
N LEU B 198 -7.81 -0.38 -20.72
CA LEU B 198 -7.36 1.02 -20.73
C LEU B 198 -8.01 1.84 -21.84
N GLN B 199 -8.30 3.11 -21.51
CA GLN B 199 -8.90 4.05 -22.44
C GLN B 199 -8.11 4.10 -23.73
N ARG B 200 -8.78 3.94 -24.87
CA ARG B 200 -8.08 3.90 -26.15
C ARG B 200 -8.01 5.31 -26.74
N GLY B 201 -6.95 5.60 -27.48
CA GLY B 201 -6.93 6.77 -28.35
C GLY B 201 -7.20 6.36 -29.78
N ASP B 202 -6.87 7.22 -30.73
CA ASP B 202 -7.03 6.94 -32.15
C ASP B 202 -5.69 7.16 -32.85
N LYS B 203 -5.19 6.12 -33.52
CA LYS B 203 -3.88 6.18 -34.16
C LYS B 203 -3.83 7.24 -35.26
N ASN B 204 -4.99 7.57 -35.81
CA ASN B 204 -5.06 8.57 -36.89
C ASN B 204 -5.23 9.97 -36.31
N ILE B 205 -5.30 10.07 -34.99
CA ILE B 205 -5.41 11.36 -34.31
C ILE B 205 -4.28 11.51 -33.30
N GLU B 206 -3.28 12.31 -33.65
CA GLU B 206 -2.13 12.56 -32.79
C GLU B 206 -1.46 11.27 -32.30
N GLY B 207 -1.34 10.30 -33.20
CA GLY B 207 -0.61 9.08 -32.92
C GLY B 207 -1.12 8.31 -31.71
N GLY B 208 -2.42 8.38 -31.47
CA GLY B 208 -3.04 7.62 -30.40
C GLY B 208 -3.11 8.35 -29.07
N VAL B 209 -2.61 9.59 -29.04
CA VAL B 209 -2.70 10.38 -27.82
C VAL B 209 -4.15 10.76 -27.56
N ILE B 210 -4.61 10.48 -26.35
CA ILE B 210 -5.98 10.76 -25.96
C ILE B 210 -6.21 12.26 -25.87
N GLN B 211 -7.30 12.73 -26.46
CA GLN B 211 -7.51 14.16 -26.68
C GLN B 211 -8.36 14.84 -25.61
N SER B 212 -8.01 16.10 -25.33
CA SER B 212 -8.78 16.93 -24.40
C SER B 212 -10.19 17.15 -24.93
N PRO B 213 -11.19 17.20 -24.05
CA PRO B 213 -11.15 17.13 -22.57
C PRO B 213 -11.02 15.71 -22.02
N ASN B 214 -10.74 14.72 -22.85
CA ASN B 214 -10.68 13.36 -22.34
C ASN B 214 -9.24 13.11 -21.94
N LYS B 215 -9.03 12.18 -21.01
CA LYS B 215 -7.69 11.84 -20.58
C LYS B 215 -7.54 10.33 -20.42
N GLY B 216 -6.32 9.84 -20.60
CA GLY B 216 -6.05 8.43 -20.43
C GLY B 216 -6.29 7.99 -19.01
N ASP B 217 -6.52 6.70 -18.83
CA ASP B 217 -6.77 6.15 -17.51
C ASP B 217 -5.55 6.38 -16.63
N GLU B 218 -5.82 6.59 -15.35
CA GLU B 218 -4.81 7.01 -14.41
C GLU B 218 -4.02 5.85 -13.84
N MET B 219 -2.72 6.04 -13.69
CA MET B 219 -1.92 5.20 -12.81
C MET B 219 -2.08 5.78 -11.43
N ILE B 220 -3.08 5.27 -10.70
CA ILE B 220 -3.45 5.84 -9.40
C ILE B 220 -2.26 5.75 -8.45
N SER B 221 -1.57 4.63 -8.48
CA SER B 221 -0.33 4.47 -7.73
C SER B 221 0.56 3.44 -8.41
N VAL B 222 1.87 3.63 -8.29
CA VAL B 222 2.85 2.67 -8.78
C VAL B 222 3.87 2.44 -7.66
N LYS B 223 4.02 1.17 -7.29
CA LYS B 223 4.88 0.75 -6.19
C LYS B 223 5.71 -0.45 -6.58
N LEU B 224 6.85 -0.62 -5.91
CA LEU B 224 7.57 -1.88 -5.95
C LEU B 224 7.02 -2.75 -4.84
N ALA B 225 6.98 -4.06 -5.06
CA ALA B 225 6.49 -4.97 -4.04
C ALA B 225 7.35 -4.85 -2.78
N SER B 226 8.62 -4.53 -2.97
CA SER B 226 9.55 -4.39 -1.85
C SER B 226 9.20 -3.22 -0.95
N GLU B 227 8.38 -2.29 -1.44
CA GLU B 227 7.97 -1.15 -0.65
C GLU B 227 6.85 -1.52 0.32
N LEU B 228 6.24 -2.67 0.09
CA LEU B 228 5.18 -3.16 0.97
C LEU B 228 5.77 -3.95 2.14
N PRO B 229 5.03 -4.01 3.26
CA PRO B 229 5.43 -4.88 4.37
C PRO B 229 5.44 -6.34 3.95
N GLU B 230 6.36 -7.12 4.48
CA GLU B 230 6.60 -8.50 4.07
C GLU B 230 5.31 -9.30 3.89
N ASN B 231 4.30 -8.97 4.69
CA ASN B 231 3.07 -9.74 4.75
C ASN B 231 2.01 -9.29 3.75
N GLN B 232 2.31 -8.27 2.96
CA GLN B 232 1.43 -7.83 1.88
C GLN B 232 2.07 -8.06 0.52
N GLN B 233 3.32 -8.51 0.51
CA GLN B 233 4.04 -8.71 -0.74
C GLN B 233 3.45 -9.86 -1.56
N PRO B 234 3.14 -9.60 -2.84
CA PRO B 234 2.73 -10.73 -3.68
C PRO B 234 3.94 -11.57 -4.03
N ASN B 235 3.94 -12.82 -3.58
CA ASN B 235 5.06 -13.72 -3.84
C ASN B 235 4.81 -14.48 -5.14
N TYR B 236 5.66 -14.24 -6.12
CA TYR B 236 5.54 -14.89 -7.42
C TYR B 236 6.74 -15.79 -7.70
N GLU B 237 6.46 -16.96 -8.29
CA GLU B 237 7.50 -17.89 -8.68
C GLU B 237 7.37 -18.23 -10.17
N VAL B 238 8.51 -18.41 -10.82
CA VAL B 238 8.56 -18.66 -12.25
C VAL B 238 9.30 -19.96 -12.52
N MET B 239 8.76 -20.77 -13.42
CA MET B 239 9.40 -22.04 -13.75
C MET B 239 10.74 -21.76 -14.43
N ARG B 240 11.75 -22.54 -14.09
CA ARG B 240 13.06 -22.44 -14.71
C ARG B 240 12.96 -23.00 -16.13
N THR B 241 13.06 -22.12 -17.12
CA THR B 241 12.76 -22.49 -18.50
C THR B 241 13.82 -23.40 -19.15
N GLU B 242 14.97 -23.53 -18.51
CA GLU B 242 16.02 -24.40 -19.05
C GLU B 242 15.83 -25.88 -18.68
N THR B 243 14.80 -26.17 -17.90
CA THR B 243 14.52 -27.55 -17.49
C THR B 243 13.67 -28.30 -18.51
N ALA B 244 13.75 -29.62 -18.50
CA ALA B 244 12.98 -30.45 -19.43
C ALA B 244 11.48 -30.28 -19.19
N GLY B 245 11.11 -30.03 -17.94
CA GLY B 245 9.71 -29.88 -17.57
C GLY B 245 9.02 -28.73 -18.29
N PHE B 246 9.77 -27.70 -18.66
CA PHE B 246 9.22 -26.54 -19.33
C PHE B 246 8.74 -26.88 -20.75
N MET B 247 9.38 -27.86 -21.37
CA MET B 247 9.04 -28.25 -22.74
C MET B 247 7.57 -28.61 -22.90
N ASN B 248 6.96 -29.21 -21.86
CA ASN B 248 5.52 -29.48 -21.91
C ASN B 248 4.70 -28.23 -22.20
N SER B 249 5.06 -27.14 -21.53
CA SER B 249 4.37 -25.87 -21.70
C SER B 249 4.46 -25.42 -23.16
N ILE B 250 5.48 -25.93 -23.86
CA ILE B 250 5.65 -25.65 -25.28
C ILE B 250 4.90 -26.69 -26.15
N ASN B 251 5.13 -27.96 -25.87
CA ASN B 251 4.57 -29.04 -26.69
C ASN B 251 3.08 -29.30 -26.46
N SER B 252 2.52 -28.75 -25.38
CA SER B 252 1.09 -28.90 -25.13
C SER B 252 0.32 -28.17 -26.22
N LYS B 253 0.92 -27.12 -26.75
CA LYS B 253 0.32 -26.32 -27.82
C LYS B 253 0.77 -26.73 -29.20
N ARG B 254 1.90 -27.42 -29.32
CA ARG B 254 2.37 -27.82 -30.63
C ARG B 254 1.71 -29.15 -30.96
N VAL B 255 1.66 -30.03 -29.98
CA VAL B 255 1.10 -31.36 -30.18
C VAL B 255 -0.32 -31.44 -29.61
N ARG B 256 -1.29 -31.33 -30.50
CA ARG B 256 -2.71 -31.44 -30.16
C ARG B 256 -3.32 -32.65 -30.84
N SER B 257 -3.46 -33.74 -30.08
CA SER B 257 -3.90 -35.02 -30.61
C SER B 257 -5.38 -35.26 -30.33
N ASP B 258 -6.03 -34.29 -29.70
CA ASP B 258 -7.45 -34.38 -29.39
C ASP B 258 -8.26 -34.62 -30.67
N PRO B 259 -9.14 -35.64 -30.66
CA PRO B 259 -9.97 -35.88 -31.85
C PRO B 259 -10.87 -34.70 -32.21
N PHE B 260 -11.02 -33.75 -31.29
CA PHE B 260 -11.74 -32.51 -31.58
C PHE B 260 -11.26 -31.91 -32.90
N PHE B 261 -9.96 -31.94 -33.11
CA PHE B 261 -9.35 -31.45 -34.34
C PHE B 261 -9.30 -32.57 -35.38
N PHE B 262 -10.21 -32.52 -36.35
CA PHE B 262 -10.22 -33.52 -37.42
C PHE B 262 -9.15 -33.18 -38.44
N ASN B 263 -8.72 -31.92 -38.45
CA ASN B 263 -7.50 -31.52 -39.15
C ASN B 263 -6.43 -31.19 -38.12
N THR B 264 -5.54 -32.14 -37.88
CA THR B 264 -4.53 -32.00 -36.84
C THR B 264 -3.68 -30.74 -37.06
N PRO B 265 -3.65 -29.83 -36.08
CA PRO B 265 -2.85 -28.61 -36.25
C PRO B 265 -1.37 -28.90 -36.45
N PRO B 266 -0.65 -28.01 -37.18
CA PRO B 266 0.80 -28.15 -37.33
C PRO B 266 1.54 -28.17 -35.99
N GLN B 267 2.64 -28.89 -35.90
CA GLN B 267 3.43 -28.91 -34.67
C GLN B 267 4.30 -27.65 -34.62
N VAL B 268 3.61 -26.53 -34.45
CA VAL B 268 4.27 -25.22 -34.42
C VAL B 268 3.56 -24.33 -33.39
N VAL B 269 4.36 -23.54 -32.70
CA VAL B 269 3.84 -22.52 -31.80
C VAL B 269 4.67 -21.24 -31.98
N ASP B 270 3.98 -20.11 -32.03
CA ASP B 270 4.65 -18.82 -32.03
C ASP B 270 5.32 -18.63 -30.68
N VAL B 271 6.60 -18.30 -30.69
CA VAL B 271 7.36 -18.13 -29.45
C VAL B 271 6.64 -17.21 -28.48
N CYS B 272 5.93 -16.22 -29.01
CA CYS B 272 5.27 -15.23 -28.19
C CYS B 272 3.90 -15.69 -27.67
N ASP B 273 3.47 -16.88 -28.07
CA ASP B 273 2.22 -17.48 -27.57
C ASP B 273 2.48 -18.48 -26.44
N VAL B 274 3.75 -18.84 -26.25
CA VAL B 274 4.10 -19.75 -25.17
C VAL B 274 3.95 -19.05 -23.82
N GLU B 275 3.21 -19.69 -22.93
CA GLU B 275 3.03 -19.17 -21.58
C GLU B 275 4.01 -19.83 -20.63
N VAL B 276 4.86 -19.01 -20.03
CA VAL B 276 5.81 -19.46 -19.03
C VAL B 276 5.09 -19.59 -17.70
N PRO B 277 5.09 -20.81 -17.10
CA PRO B 277 4.43 -20.96 -15.81
C PRO B 277 4.90 -19.93 -14.79
N THR B 278 3.96 -19.13 -14.32
CA THR B 278 4.22 -18.08 -13.35
C THR B 278 3.05 -18.06 -12.38
N GLU B 279 3.32 -18.23 -11.09
CA GLU B 279 2.27 -18.46 -10.11
C GLU B 279 2.42 -17.62 -8.86
N LEU B 280 1.28 -17.14 -8.37
CA LEU B 280 1.20 -16.48 -7.08
C LEU B 280 1.22 -17.49 -5.94
N VAL B 281 2.03 -17.24 -4.92
CA VAL B 281 2.11 -18.10 -3.75
C VAL B 281 1.94 -17.28 -2.47
N ILE C 11 24.42 2.46 19.82
CA ILE C 11 24.12 3.51 18.85
C ILE C 11 23.44 2.96 17.59
N ILE C 12 22.31 3.57 17.25
CA ILE C 12 21.57 3.22 16.05
C ILE C 12 22.34 3.75 14.84
N PRO C 13 22.82 2.85 13.97
CA PRO C 13 23.57 3.35 12.81
C PRO C 13 22.67 4.10 11.84
N LYS C 14 23.22 5.06 11.11
CA LYS C 14 22.40 5.83 10.17
C LYS C 14 22.05 4.98 8.96
N PRO C 15 20.79 5.06 8.49
CA PRO C 15 20.40 4.34 7.28
C PRO C 15 20.75 5.11 6.00
N THR C 16 20.44 4.51 4.86
CA THR C 16 20.70 5.13 3.57
C THR C 16 19.67 6.24 3.29
N PRO C 17 20.12 7.38 2.75
CA PRO C 17 19.15 8.44 2.47
C PRO C 17 18.18 8.06 1.35
N THR C 18 17.00 8.64 1.37
CA THR C 18 15.99 8.42 0.33
C THR C 18 15.54 9.76 -0.26
N PRO C 19 15.59 9.89 -1.60
CA PRO C 19 15.17 11.16 -2.19
C PRO C 19 13.70 11.48 -1.92
N LEU C 20 13.37 12.76 -1.81
CA LEU C 20 12.01 13.17 -1.54
C LEU C 20 11.09 12.85 -2.71
N SER C 21 9.83 12.58 -2.37
CA SER C 21 8.80 12.29 -3.37
C SER C 21 8.59 13.45 -4.34
N LEU C 22 8.41 13.13 -5.61
CA LEU C 22 8.13 14.14 -6.65
C LEU C 22 6.76 13.93 -7.29
N GLU C 23 5.83 13.35 -6.54
CA GLU C 23 4.47 13.17 -7.05
C GLU C 23 3.88 14.52 -7.42
N SER C 24 3.42 14.65 -8.66
CA SER C 24 2.86 15.91 -9.13
C SER C 24 1.57 16.23 -8.40
N GLY C 25 1.32 17.51 -8.19
CA GLY C 25 0.12 17.93 -7.48
C GLY C 25 -0.87 18.75 -8.27
N MET C 26 -1.87 19.25 -7.56
CA MET C 26 -2.91 20.09 -8.13
C MET C 26 -2.34 21.35 -8.77
N LYS C 27 -1.22 21.82 -8.24
CA LYS C 27 -0.61 23.05 -8.72
C LYS C 27 0.21 22.83 -9.97
N GLY C 28 0.50 21.56 -10.28
CA GLY C 28 1.21 21.21 -11.49
C GLY C 28 2.44 20.34 -11.31
N GLU C 29 3.07 20.05 -12.44
CA GLU C 29 4.22 19.17 -12.50
C GLU C 29 5.52 19.87 -12.08
N ASN C 30 5.43 21.19 -11.86
CA ASN C 30 6.55 21.96 -11.34
C ASN C 30 6.46 22.06 -9.81
N TRP C 31 5.52 21.32 -9.26
CA TRP C 31 5.32 21.22 -7.81
C TRP C 31 5.35 19.76 -7.39
N ARG C 32 5.68 19.51 -6.12
CA ARG C 32 5.65 18.16 -5.57
C ARG C 32 4.72 18.12 -4.35
N LYS C 33 4.04 17.00 -4.16
CA LYS C 33 3.27 16.78 -2.94
C LYS C 33 4.19 16.36 -1.82
N ILE C 34 3.99 16.92 -0.64
CA ILE C 34 4.67 16.44 0.56
C ILE C 34 3.94 15.20 1.05
N GLU C 35 4.68 14.12 1.29
CA GLU C 35 4.08 12.91 1.82
C GLU C 35 3.52 13.18 3.21
N PRO C 36 2.29 12.68 3.50
CA PRO C 36 1.70 12.93 4.82
C PRO C 36 2.55 12.41 5.99
N GLU C 37 3.30 11.33 5.79
CA GLU C 37 4.13 10.79 6.86
C GLU C 37 5.29 11.73 7.18
N ASN C 38 5.59 12.64 6.25
CA ASN C 38 6.67 13.60 6.43
C ASN C 38 6.18 14.96 6.93
N ILE C 39 4.90 15.03 7.29
CA ILE C 39 4.34 16.23 7.90
C ILE C 39 4.09 15.99 9.38
N VAL C 40 4.71 16.81 10.22
CA VAL C 40 4.50 16.76 11.66
C VAL C 40 3.65 17.94 12.08
N VAL C 41 2.63 17.67 12.89
CA VAL C 41 1.74 18.71 13.41
C VAL C 41 1.94 18.84 14.91
N ILE C 42 2.59 19.92 15.33
CA ILE C 42 2.75 20.21 16.76
C ILE C 42 1.67 21.21 17.19
N THR C 43 0.75 20.73 18.02
CA THR C 43 -0.32 21.57 18.53
C THR C 43 0.11 22.25 19.83
N THR C 44 0.12 23.58 19.81
CA THR C 44 0.40 24.37 21.01
C THR C 44 -0.87 25.14 21.36
N LYS C 45 -0.87 25.80 22.52
CA LYS C 45 -2.03 26.59 22.91
C LYS C 45 -2.22 27.81 22.00
N TYR C 46 -1.18 28.16 21.24
CA TYR C 46 -1.25 29.30 20.33
C TYR C 46 -1.80 28.90 18.96
N GLY C 47 -1.61 27.64 18.61
CA GLY C 47 -1.98 27.15 17.28
C GLY C 47 -1.04 26.06 16.84
N ASP C 48 -1.20 25.61 15.59
CA ASP C 48 -0.44 24.47 15.08
C ASP C 48 0.83 24.87 14.36
N ILE C 49 1.92 24.23 14.74
CA ILE C 49 3.20 24.33 14.03
C ILE C 49 3.35 23.11 13.12
N LEU C 50 3.47 23.34 11.82
CA LEU C 50 3.64 22.25 10.86
C LEU C 50 5.06 22.21 10.32
N ILE C 51 5.61 21.00 10.23
CA ILE C 51 7.00 20.80 9.83
C ILE C 51 7.09 19.72 8.76
N GLU C 52 7.88 19.98 7.72
CA GLU C 52 8.18 18.97 6.72
C GLU C 52 9.47 18.25 7.07
N LEU C 53 9.42 16.93 7.23
CA LEU C 53 10.61 16.14 7.51
C LEU C 53 11.36 15.83 6.22
N ASN C 54 12.66 15.58 6.36
CA ASN C 54 13.55 15.41 5.21
C ASN C 54 14.41 14.15 5.33
N PRO C 55 13.91 13.01 4.85
CA PRO C 55 14.71 11.78 4.89
C PRO C 55 15.80 11.73 3.82
N GLU C 56 15.86 12.75 2.96
CA GLU C 56 16.93 12.85 1.96
C GLU C 56 18.23 13.26 2.64
N PHE C 57 18.13 13.90 3.81
CA PHE C 57 19.30 14.34 4.55
C PHE C 57 19.51 13.58 5.87
N ALA C 58 18.41 13.17 6.51
CA ALA C 58 18.50 12.56 7.83
C ALA C 58 17.46 11.46 8.03
N PRO C 59 17.54 10.39 7.22
CA PRO C 59 16.56 9.31 7.27
C PRO C 59 16.44 8.66 8.64
N GLY C 60 17.58 8.50 9.32
CA GLY C 60 17.57 7.87 10.64
C GLY C 60 16.81 8.69 11.66
N HIS C 61 17.01 10.00 11.65
CA HIS C 61 16.34 10.89 12.59
C HIS C 61 14.87 11.04 12.24
N VAL C 62 14.55 11.05 10.94
CA VAL C 62 13.16 11.11 10.51
C VAL C 62 12.40 9.89 11.02
N ALA C 63 12.98 8.71 10.84
CA ALA C 63 12.36 7.47 11.27
C ALA C 63 12.17 7.45 12.78
N ARG C 64 13.21 7.86 13.52
CA ARG C 64 13.13 7.94 14.97
C ARG C 64 12.05 8.91 15.40
N PHE C 65 12.02 10.08 14.77
CA PHE C 65 11.05 11.11 15.13
C PHE C 65 9.64 10.60 14.89
N GLN C 66 9.44 9.97 13.74
CA GLN C 66 8.14 9.35 13.42
C GLN C 66 7.74 8.30 14.45
N ASP C 67 8.69 7.46 14.84
CA ASP C 67 8.44 6.43 15.84
C ASP C 67 7.97 7.04 17.15
N MET C 68 8.66 8.08 17.60
CA MET C 68 8.31 8.73 18.86
C MET C 68 6.95 9.40 18.79
N VAL C 69 6.66 10.04 17.66
CA VAL C 69 5.37 10.69 17.46
C VAL C 69 4.27 9.64 17.50
N LYS C 70 4.47 8.55 16.79
CA LYS C 70 3.50 7.44 16.78
C LYS C 70 3.31 6.84 18.17
N ALA C 71 4.35 6.84 18.98
CA ALA C 71 4.27 6.33 20.34
C ALA C 71 3.73 7.39 21.30
N ARG C 72 3.33 8.54 20.76
CA ARG C 72 2.76 9.64 21.55
C ARG C 72 3.73 10.13 22.63
N ALA C 73 5.02 9.95 22.40
CA ALA C 73 6.04 10.25 23.41
C ALA C 73 6.20 11.74 23.70
N TYR C 74 5.85 12.60 22.75
CA TYR C 74 6.02 14.04 22.90
C TYR C 74 4.78 14.72 23.48
N ASN C 75 3.67 13.99 23.56
CA ASN C 75 2.43 14.58 24.03
C ASN C 75 2.53 15.03 25.48
N GLY C 76 2.27 16.31 25.71
CA GLY C 76 2.33 16.89 27.04
C GLY C 76 3.73 17.31 27.46
N LYS C 77 4.70 17.12 26.58
CA LYS C 77 6.07 17.54 26.84
C LYS C 77 6.19 19.02 26.53
N GLU C 78 7.32 19.61 26.90
CA GLU C 78 7.49 21.06 26.92
C GLU C 78 8.59 21.56 26.01
N PHE C 79 8.41 22.77 25.49
CA PHE C 79 9.52 23.55 24.97
C PHE C 79 10.24 24.16 26.17
N TYR C 80 11.12 23.36 26.77
CA TYR C 80 11.70 23.69 28.08
C TYR C 80 12.89 24.63 28.01
N ARG C 81 13.41 24.85 26.81
CA ARG C 81 14.56 25.72 26.61
C ARG C 81 14.34 26.61 25.40
N VAL C 82 14.14 27.89 25.64
CA VAL C 82 13.85 28.85 24.58
C VAL C 82 14.63 30.14 24.81
N ILE C 83 15.44 30.49 23.82
CA ILE C 83 16.23 31.71 23.85
C ILE C 83 15.82 32.56 22.65
N ASP C 84 15.31 33.76 22.93
CA ASP C 84 14.83 34.64 21.88
C ASP C 84 15.90 34.91 20.84
N GLY C 85 15.52 34.80 19.57
CA GLY C 85 16.44 35.06 18.47
C GLY C 85 17.43 33.95 18.22
N PHE C 86 17.32 32.87 19.00
CA PHE C 86 18.23 31.74 18.86
C PHE C 86 17.47 30.48 18.46
N VAL C 87 17.01 29.70 19.43
CA VAL C 87 16.22 28.50 19.15
C VAL C 87 15.12 28.26 20.19
N ALA C 88 14.14 27.45 19.80
CA ALA C 88 13.15 26.93 20.73
C ALA C 88 13.35 25.42 20.79
N GLN C 89 13.79 24.94 21.96
CA GLN C 89 14.14 23.53 22.12
C GLN C 89 13.12 22.81 23.00
N GLY C 90 12.74 21.60 22.58
CA GLY C 90 11.78 20.81 23.31
C GLY C 90 12.03 19.33 23.17
N GLY C 91 11.28 18.54 23.94
CA GLY C 91 11.42 17.10 23.93
C GLY C 91 11.08 16.51 25.29
N ILE C 92 11.59 15.31 25.53
CA ILE C 92 11.27 14.57 26.75
C ILE C 92 12.10 15.07 27.93
N ASP C 93 13.18 15.80 27.64
CA ASP C 93 14.00 16.42 28.68
C ASP C 93 14.49 15.41 29.71
N ALA C 94 14.93 14.24 29.24
CA ALA C 94 15.36 13.18 30.12
C ALA C 94 16.04 12.08 29.34
N GLU C 95 16.69 11.18 30.05
CA GLU C 95 17.22 9.96 29.45
C GLU C 95 16.10 8.94 29.47
N ASP C 96 15.90 8.26 28.35
CA ASP C 96 14.82 7.29 28.22
C ASP C 96 15.37 6.05 27.55
N LYS C 97 15.22 4.92 28.23
CA LYS C 97 15.78 3.65 27.78
C LYS C 97 15.19 3.21 26.45
N LYS C 98 13.98 3.69 26.14
CA LYS C 98 13.32 3.37 24.89
C LYS C 98 13.99 4.02 23.68
N TRP C 99 14.65 5.15 23.92
CA TRP C 99 15.19 5.97 22.84
C TRP C 99 16.70 6.17 22.96
N PRO C 100 17.48 5.16 22.55
CA PRO C 100 18.94 5.31 22.56
C PRO C 100 19.42 6.32 21.52
N PRO C 101 20.64 6.87 21.70
CA PRO C 101 21.15 7.89 20.78
C PRO C 101 21.35 7.38 19.36
N LEU C 102 21.33 8.31 18.40
CA LEU C 102 21.48 7.98 16.99
C LEU C 102 22.85 8.42 16.47
N GLU C 103 23.32 7.75 15.43
CA GLU C 103 24.49 8.24 14.70
C GLU C 103 24.12 9.58 14.07
N ILE C 104 25.02 10.55 14.16
CA ILE C 104 24.74 11.88 13.64
C ILE C 104 24.57 11.82 12.12
N GLU C 105 23.65 12.63 11.62
CA GLU C 105 23.40 12.75 10.18
C GLU C 105 23.48 14.22 9.79
N HIS C 106 24.70 14.75 9.79
CA HIS C 106 24.95 16.18 9.66
C HIS C 106 25.18 16.58 8.20
N GLU C 107 25.41 15.59 7.36
CA GLU C 107 25.65 15.82 5.94
C GLU C 107 25.43 14.54 5.17
N GLN C 108 25.36 14.64 3.84
CA GLN C 108 25.20 13.50 2.98
C GLN C 108 26.11 13.62 1.77
N PRO C 109 26.45 12.48 1.13
CA PRO C 109 27.19 12.56 -0.13
C PRO C 109 26.41 13.35 -1.19
N LEU C 110 27.11 14.18 -1.94
CA LEU C 110 26.50 14.85 -3.09
C LEU C 110 26.34 13.88 -4.25
N LEU C 111 25.13 13.78 -4.77
CA LEU C 111 24.82 12.86 -5.87
C LEU C 111 24.64 13.63 -7.17
N GLU C 112 25.04 13.03 -8.29
CA GLU C 112 24.86 13.66 -9.59
C GLU C 112 23.37 13.86 -9.87
N ALA C 113 22.54 13.01 -9.28
CA ALA C 113 21.10 13.08 -9.46
C ALA C 113 20.47 14.25 -8.69
N ASP C 114 21.21 14.79 -7.73
CA ASP C 114 20.73 15.94 -6.96
C ASP C 114 20.64 17.17 -7.85
N GLN C 115 19.43 17.72 -7.97
CA GLN C 115 19.20 18.90 -8.80
C GLN C 115 19.23 20.15 -7.94
N ILE C 116 20.43 20.57 -7.54
CA ILE C 116 20.58 21.76 -6.70
C ILE C 116 20.50 23.03 -7.53
N GLN C 117 19.63 23.95 -7.12
CA GLN C 117 19.59 25.29 -7.72
C GLN C 117 20.55 26.21 -6.99
N LEU C 118 21.67 26.51 -7.64
CA LEU C 118 22.71 27.34 -7.05
C LEU C 118 22.24 28.79 -6.94
N LEU C 119 22.50 29.40 -5.78
CA LEU C 119 22.28 30.83 -5.60
C LEU C 119 23.53 31.58 -6.05
N ASP C 120 23.42 32.37 -7.11
CA ASP C 120 24.59 33.02 -7.71
C ASP C 120 24.88 34.39 -7.08
N ASN C 121 24.99 34.42 -5.76
CA ASN C 121 25.60 35.53 -5.06
C ASN C 121 26.29 35.03 -3.79
N ASP C 122 26.97 35.93 -3.10
CA ASP C 122 27.84 35.54 -2.01
C ASP C 122 27.09 34.92 -0.84
N ASP C 123 27.82 34.14 -0.05
CA ASP C 123 27.34 33.64 1.23
C ASP C 123 28.49 33.81 2.20
N LEU C 124 28.17 34.08 3.46
CA LEU C 124 29.19 34.37 4.46
C LEU C 124 29.85 33.11 5.02
N PHE C 125 29.14 31.98 4.94
CA PHE C 125 29.56 30.77 5.66
C PHE C 125 30.00 29.61 4.76
N ALA C 126 29.55 29.59 3.51
CA ALA C 126 29.89 28.51 2.57
C ALA C 126 30.16 29.07 1.18
N GLU C 127 31.07 28.42 0.44
CA GLU C 127 31.41 28.87 -0.90
C GLU C 127 30.26 28.65 -1.89
N LYS C 128 29.52 27.56 -1.69
CA LYS C 128 28.38 27.27 -2.56
C LYS C 128 27.13 26.95 -1.73
N VAL C 129 26.07 27.69 -2.03
CA VAL C 129 24.77 27.47 -1.39
C VAL C 129 23.69 27.48 -2.45
N GLY C 130 22.54 26.90 -2.13
CA GLY C 130 21.43 26.86 -3.05
C GLY C 130 20.24 26.15 -2.45
N PHE C 131 19.47 25.51 -3.31
CA PHE C 131 18.23 24.87 -2.88
C PHE C 131 18.09 23.49 -3.51
N LEU C 132 17.67 22.52 -2.70
CA LEU C 132 17.44 21.16 -3.16
C LEU C 132 16.11 20.66 -2.65
N ASN C 133 15.18 20.44 -3.57
CA ASN C 133 13.83 20.01 -3.25
C ASN C 133 13.20 20.88 -2.16
N GLY C 134 13.38 22.19 -2.30
CA GLY C 134 12.70 23.15 -1.44
C GLY C 134 13.39 23.44 -0.12
N PHE C 135 14.58 22.88 0.07
CA PHE C 135 15.37 23.10 1.29
C PHE C 135 16.65 23.88 1.02
N PRO C 136 17.03 24.79 1.92
CA PRO C 136 18.29 25.50 1.74
C PRO C 136 19.48 24.59 2.04
N VAL C 137 20.45 24.56 1.13
CA VAL C 137 21.60 23.68 1.28
C VAL C 137 22.92 24.37 1.00
N GLY C 138 23.98 23.83 1.57
CA GLY C 138 25.34 24.16 1.19
C GLY C 138 25.95 22.90 0.62
N PHE C 139 26.96 23.03 -0.23
CA PHE C 139 27.63 21.86 -0.78
C PHE C 139 29.03 22.16 -1.29
N ASP C 140 29.83 21.10 -1.39
CA ASP C 140 31.14 21.19 -2.02
C ASP C 140 31.24 20.06 -3.05
N ALA C 141 32.46 19.63 -3.36
CA ALA C 141 32.65 18.61 -4.40
C ALA C 141 32.10 17.24 -3.98
N GLU C 142 32.13 16.95 -2.67
CA GLU C 142 31.80 15.62 -2.17
C GLU C 142 30.52 15.56 -1.34
N LYS C 143 30.20 16.64 -0.64
CA LYS C 143 29.12 16.62 0.36
C LYS C 143 28.07 17.70 0.14
N LYS C 144 26.89 17.46 0.71
CA LYS C 144 25.84 18.47 0.79
C LYS C 144 25.29 18.46 2.20
N TRP C 145 24.79 19.61 2.65
CA TRP C 145 24.23 19.71 4.00
C TRP C 145 23.14 20.77 4.04
N LEU C 146 22.22 20.62 5.00
CA LEU C 146 21.16 21.59 5.19
C LEU C 146 21.69 22.80 5.96
N LEU C 147 21.15 23.98 5.64
CA LEU C 147 21.55 25.21 6.30
C LEU C 147 20.63 25.52 7.48
N HIS C 148 21.22 26.03 8.55
CA HIS C 148 20.45 26.46 9.72
C HIS C 148 19.82 27.83 9.46
N CYS C 149 18.94 27.88 8.46
CA CYS C 149 18.13 29.07 8.23
C CYS C 149 17.08 29.15 9.34
N PRO C 150 16.35 30.27 9.41
CA PRO C 150 15.26 30.31 10.39
C PRO C 150 14.18 29.26 10.09
N GLY C 151 13.52 28.76 11.13
CA GLY C 151 12.44 27.81 10.95
C GLY C 151 12.88 26.43 10.50
N MET C 152 14.10 26.03 10.89
CA MET C 152 14.60 24.69 10.60
C MET C 152 14.53 23.81 11.86
N LEU C 153 14.21 22.53 11.65
CA LEU C 153 14.11 21.56 12.74
C LEU C 153 15.37 20.71 12.77
N ALA C 154 16.01 20.65 13.94
CA ALA C 154 17.24 19.89 14.12
C ALA C 154 17.26 19.20 15.48
N MET C 155 18.19 18.26 15.65
CA MET C 155 18.28 17.46 16.86
C MET C 155 19.35 17.99 17.81
N ALA C 156 18.96 18.25 19.05
CA ALA C 156 19.92 18.64 20.07
C ALA C 156 20.80 17.46 20.44
N ARG C 157 22.03 17.74 20.85
CA ARG C 157 22.96 16.68 21.26
C ARG C 157 23.97 17.20 22.27
N ASP C 158 24.73 16.27 22.85
CA ASP C 158 25.84 16.61 23.72
C ASP C 158 27.12 16.68 22.89
N SER C 159 28.26 16.83 23.56
CA SER C 159 29.51 17.12 22.85
C SER C 159 29.91 16.02 21.85
N ASP C 160 29.71 14.77 22.23
CA ASP C 160 29.95 13.66 21.31
CA ASP C 160 29.95 13.64 21.32
C ASP C 160 28.88 13.66 20.22
N PRO C 161 29.30 13.60 18.94
CA PRO C 161 28.32 13.71 17.85
C PRO C 161 27.16 12.72 17.89
N ASN C 162 27.40 11.50 18.37
CA ASN C 162 26.38 10.46 18.33
C ASN C 162 25.58 10.37 19.63
N THR C 163 25.12 11.51 20.13
CA THR C 163 24.35 11.56 21.37
C THR C 163 22.94 12.14 21.20
N GLY C 164 22.59 12.57 20.00
CA GLY C 164 21.27 13.10 19.75
C GLY C 164 20.25 11.98 19.55
N GLY C 165 18.96 12.31 19.63
CA GLY C 165 17.94 11.35 19.27
C GLY C 165 16.54 11.51 19.84
N THR C 166 16.34 12.38 20.82
CA THR C 166 14.99 12.61 21.36
C THR C 166 14.55 14.06 21.40
N ASP C 167 15.49 14.97 21.68
CA ASP C 167 15.14 16.36 21.91
C ASP C 167 15.61 17.23 20.74
N PHE C 168 14.71 18.08 20.27
CA PHE C 168 14.90 18.83 19.03
C PHE C 168 14.83 20.32 19.29
N TYR C 169 15.28 21.11 18.32
CA TYR C 169 15.11 22.56 18.38
C TYR C 169 14.71 23.13 17.03
N ILE C 170 13.96 24.22 17.10
CA ILE C 170 13.56 24.98 15.93
C ILE C 170 14.28 26.31 15.95
N THR C 171 14.99 26.62 14.88
CA THR C 171 15.71 27.88 14.80
C THR C 171 14.74 29.05 14.70
N LEU C 172 14.99 30.09 15.50
CA LEU C 172 14.18 31.30 15.50
C LEU C 172 14.79 32.34 14.57
N ASP C 173 16.07 32.17 14.30
CA ASP C 173 16.82 33.04 13.39
C ASP C 173 17.93 32.17 12.82
N ALA C 174 18.64 32.66 11.81
CA ALA C 174 19.70 31.85 11.19
C ALA C 174 20.82 31.57 12.18
N GLN C 175 21.27 30.32 12.23
CA GLN C 175 22.38 29.91 13.10
C GLN C 175 23.40 29.11 12.29
N ARG C 176 23.94 29.74 11.25
CA ARG C 176 24.75 29.07 10.25
C ARG C 176 26.03 28.42 10.81
N TYR C 177 26.50 28.91 11.96
CA TYR C 177 27.71 28.37 12.56
C TYR C 177 27.52 26.92 12.98
N LEU C 178 26.28 26.50 13.13
CA LEU C 178 25.96 25.13 13.50
C LEU C 178 26.02 24.16 12.31
N ASP C 179 26.11 24.69 11.10
CA ASP C 179 26.08 23.87 9.90
C ASP C 179 27.20 22.81 9.92
N ARG C 180 26.86 21.61 9.46
CA ARG C 180 27.78 20.47 9.40
C ARG C 180 28.24 20.00 10.78
N ASN C 181 27.52 20.40 11.83
CA ASN C 181 27.82 19.96 13.20
C ASN C 181 26.60 19.42 13.93
N MET C 182 25.44 19.53 13.29
CA MET C 182 24.18 19.09 13.88
C MET C 182 23.35 18.34 12.85
N THR C 183 22.44 17.50 13.32
CA THR C 183 21.51 16.82 12.43
C THR C 183 20.27 17.68 12.21
N VAL C 184 20.20 18.30 11.04
CA VAL C 184 19.00 19.00 10.59
C VAL C 184 18.13 18.00 9.84
N PHE C 185 16.85 17.92 10.19
CA PHE C 185 16.00 16.91 9.57
C PHE C 185 14.57 17.39 9.26
N GLY C 186 14.35 18.70 9.30
CA GLY C 186 13.06 19.25 8.91
C GLY C 186 13.03 20.75 8.75
N ARG C 187 11.94 21.27 8.19
CA ARG C 187 11.72 22.71 8.10
C ARG C 187 10.26 23.04 8.45
N VAL C 188 10.07 24.19 9.09
CA VAL C 188 8.73 24.67 9.39
C VAL C 188 8.07 25.17 8.11
N ILE C 189 6.84 24.72 7.86
CA ILE C 189 6.10 25.12 6.66
C ILE C 189 4.86 25.93 7.01
N SER C 190 4.46 25.89 8.28
CA SER C 190 3.35 26.71 8.76
C SER C 190 3.41 26.89 10.28
N GLY C 191 2.92 28.03 10.75
CA GLY C 191 2.82 28.28 12.17
C GLY C 191 4.10 28.77 12.83
N MET C 192 5.02 29.32 12.03
CA MET C 192 6.25 29.86 12.56
C MET C 192 5.96 30.95 13.60
N GLN C 193 4.88 31.69 13.38
CA GLN C 193 4.48 32.73 14.32
C GLN C 193 4.23 32.17 15.71
N TYR C 194 3.79 30.92 15.78
CA TYR C 194 3.49 30.29 17.07
C TYR C 194 4.77 29.90 17.80
N VAL C 195 5.78 29.49 17.04
CA VAL C 195 7.09 29.23 17.62
C VAL C 195 7.63 30.51 18.26
N GLN C 196 7.33 31.65 17.64
CA GLN C 196 7.80 32.94 18.13
C GLN C 196 7.05 33.41 19.39
N LYS C 197 5.91 32.78 19.67
CA LYS C 197 5.12 33.12 20.86
C LYS C 197 5.54 32.30 22.07
N LEU C 198 6.30 31.24 21.85
CA LEU C 198 6.67 30.32 22.93
C LEU C 198 7.34 31.04 24.09
N GLN C 199 6.98 30.64 25.30
CA GLN C 199 7.55 31.21 26.51
C GLN C 199 9.07 31.13 26.47
N ARG C 200 9.72 32.25 26.76
CA ARG C 200 11.18 32.35 26.75
C ARG C 200 11.81 32.03 28.10
N GLY C 201 13.02 31.49 28.05
CA GLY C 201 13.90 31.45 29.21
C GLY C 201 14.89 32.59 29.13
N ASP C 202 15.99 32.47 29.88
CA ASP C 202 17.06 33.46 29.87
C ASP C 202 18.37 32.74 29.56
N LYS C 203 19.05 33.18 28.51
CA LYS C 203 20.26 32.49 28.06
C LYS C 203 21.38 32.49 29.09
N ASN C 204 21.38 33.46 29.99
CA ASN C 204 22.42 33.55 31.02
C ASN C 204 22.02 32.77 32.27
N ILE C 205 20.85 32.14 32.22
CA ILE C 205 20.36 31.32 33.34
C ILE C 205 20.07 29.89 32.89
N GLU C 206 20.97 28.98 33.27
CA GLU C 206 20.85 27.57 32.92
C GLU C 206 20.64 27.38 31.41
N GLY C 207 21.38 28.18 30.63
CA GLY C 207 21.39 28.04 29.19
C GLY C 207 20.03 28.17 28.53
N GLY C 208 19.16 28.97 29.11
CA GLY C 208 17.85 29.24 28.52
C GLY C 208 16.76 28.28 28.96
N VAL C 209 17.11 27.35 29.83
CA VAL C 209 16.12 26.42 30.36
C VAL C 209 15.15 27.19 31.27
N ILE C 210 13.86 27.05 31.02
CA ILE C 210 12.85 27.79 31.77
C ILE C 210 12.80 27.32 33.22
N GLN C 211 12.80 28.29 34.12
CA GLN C 211 13.01 28.03 35.55
C GLN C 211 11.73 28.00 36.37
N SER C 212 11.74 27.24 37.47
CA SER C 212 10.62 27.23 38.40
C SER C 212 10.45 28.63 38.97
N PRO C 213 9.19 29.05 39.22
CA PRO C 213 7.91 28.34 39.21
C PRO C 213 7.31 28.17 37.81
N ASN C 214 8.06 28.54 36.77
CA ASN C 214 7.50 28.55 35.42
C ASN C 214 7.79 27.27 34.67
N LYS C 215 7.01 27.02 33.63
CA LYS C 215 7.19 25.88 32.77
C LYS C 215 7.12 26.33 31.32
N GLY C 216 7.85 25.64 30.46
CA GLY C 216 7.78 25.92 29.05
C GLY C 216 6.40 25.60 28.52
N ASP C 217 6.03 26.24 27.42
CA ASP C 217 4.75 25.99 26.78
C ASP C 217 4.70 24.55 26.29
N GLU C 218 3.51 23.97 26.32
CA GLU C 218 3.32 22.54 26.05
C GLU C 218 3.19 22.21 24.57
N MET C 219 3.79 21.10 24.18
CA MET C 219 3.41 20.41 22.96
C MET C 219 2.20 19.56 23.32
N ILE C 220 1.02 20.16 23.19
CA ILE C 220 -0.21 19.54 23.68
C ILE C 220 -0.41 18.20 22.98
N SER C 221 -0.09 18.18 21.70
CA SER C 221 -0.08 16.93 20.95
C SER C 221 0.89 17.06 19.79
N VAL C 222 1.49 15.93 19.44
CA VAL C 222 2.33 15.87 18.26
C VAL C 222 1.89 14.67 17.42
N LYS C 223 1.55 14.94 16.17
CA LYS C 223 1.13 13.90 15.23
C LYS C 223 1.72 14.03 13.85
N LEU C 224 1.72 12.91 13.14
CA LEU C 224 1.98 12.90 11.71
C LEU C 224 0.65 13.10 10.99
N ALA C 225 0.68 13.78 9.86
CA ALA C 225 -0.52 14.00 9.08
C ALA C 225 -1.13 12.66 8.64
N SER C 226 -0.26 11.67 8.45
CA SER C 226 -0.68 10.34 8.01
C SER C 226 -1.55 9.61 9.04
N GLU C 227 -1.53 10.08 10.28
CA GLU C 227 -2.34 9.49 11.34
C GLU C 227 -3.80 9.96 11.26
N LEU C 228 -4.03 11.01 10.48
CA LEU C 228 -5.36 11.55 10.27
C LEU C 228 -6.07 10.85 9.11
N PRO C 229 -7.42 10.85 9.12
CA PRO C 229 -8.16 10.33 7.96
C PRO C 229 -7.90 11.20 6.74
N GLU C 230 -7.80 10.60 5.55
CA GLU C 230 -7.34 11.30 4.36
C GLU C 230 -7.96 12.68 4.11
N ASN C 231 -9.24 12.87 4.44
CA ASN C 231 -9.91 14.12 4.08
C ASN C 231 -9.78 15.20 5.16
N GLN C 232 -9.05 14.88 6.23
CA GLN C 232 -8.68 15.87 7.25
C GLN C 232 -7.19 16.15 7.20
N GLN C 233 -6.49 15.43 6.34
CA GLN C 233 -5.05 15.61 6.17
C GLN C 233 -4.76 16.95 5.51
N PRO C 234 -3.83 17.74 6.07
CA PRO C 234 -3.45 18.97 5.36
C PRO C 234 -2.60 18.65 4.13
N ASN C 235 -3.10 18.99 2.96
CA ASN C 235 -2.39 18.70 1.71
C ASN C 235 -1.46 19.87 1.38
N TYR C 236 -0.15 19.60 1.40
CA TYR C 236 0.83 20.63 1.09
C TYR C 236 1.61 20.27 -0.16
N GLU C 237 1.87 21.28 -0.99
CA GLU C 237 2.69 21.10 -2.18
C GLU C 237 3.81 22.13 -2.19
N VAL C 238 4.97 21.73 -2.70
CA VAL C 238 6.16 22.57 -2.70
C VAL C 238 6.66 22.74 -4.13
N MET C 239 7.04 23.96 -4.48
CA MET C 239 7.56 24.22 -5.81
C MET C 239 8.88 23.47 -6.00
N ARG C 240 9.05 22.91 -7.19
CA ARG C 240 10.29 22.23 -7.56
C ARG C 240 11.35 23.29 -7.78
N THR C 241 12.34 23.35 -6.90
CA THR C 241 13.28 24.46 -6.90
C THR C 241 14.25 24.40 -8.08
N GLU C 242 14.29 23.27 -8.77
CA GLU C 242 15.14 23.12 -9.95
C GLU C 242 14.48 23.65 -11.23
N THR C 243 13.22 24.07 -11.12
CA THR C 243 12.48 24.60 -12.27
C THR C 243 12.72 26.10 -12.43
N ALA C 244 12.51 26.60 -13.64
CA ALA C 244 12.75 28.01 -13.94
C ALA C 244 11.83 28.93 -13.14
N GLY C 245 10.63 28.45 -12.83
CA GLY C 245 9.66 29.24 -12.09
C GLY C 245 10.13 29.68 -10.71
N PHE C 246 11.02 28.89 -10.11
CA PHE C 246 11.52 29.19 -8.77
C PHE C 246 12.42 30.43 -8.75
N MET C 247 13.08 30.71 -9.86
CA MET C 247 14.02 31.82 -9.93
C MET C 247 13.38 33.16 -9.54
N ASN C 248 12.11 33.35 -9.86
CA ASN C 248 11.40 34.56 -9.44
C ASN C 248 11.47 34.78 -7.93
N SER C 249 11.31 33.71 -7.17
CA SER C 249 11.36 33.79 -5.71
C SER C 249 12.70 34.34 -5.25
N ILE C 250 13.73 34.15 -6.08
CA ILE C 250 15.06 34.68 -5.81
C ILE C 250 15.25 36.08 -6.38
N ASN C 251 14.92 36.27 -7.65
CA ASN C 251 15.19 37.54 -8.32
C ASN C 251 14.25 38.66 -7.87
N SER C 252 13.11 38.28 -7.29
CA SER C 252 12.18 39.25 -6.73
C SER C 252 12.80 39.88 -5.48
N LYS C 253 13.67 39.12 -4.82
CA LYS C 253 14.31 39.59 -3.60
C LYS C 253 15.61 40.32 -3.90
N ARG C 254 16.21 40.04 -5.04
CA ARG C 254 17.46 40.69 -5.43
C ARG C 254 17.22 41.95 -6.24
N VAL C 255 16.29 41.89 -7.19
CA VAL C 255 15.99 43.03 -8.04
C VAL C 255 14.73 43.74 -7.56
N ARG C 256 14.94 44.86 -6.87
CA ARG C 256 13.84 45.66 -6.34
C ARG C 256 13.89 46.99 -7.07
N SER C 257 13.05 47.12 -8.10
CA SER C 257 13.10 48.27 -8.99
C SER C 257 12.04 49.32 -8.67
N ASP C 258 11.27 49.07 -7.62
CA ASP C 258 10.24 50.02 -7.18
C ASP C 258 10.88 51.38 -6.91
N PRO C 259 10.33 52.46 -7.49
CA PRO C 259 10.89 53.79 -7.22
C PRO C 259 10.82 54.18 -5.74
N PHE C 260 10.07 53.41 -4.94
CA PHE C 260 10.07 53.57 -3.50
C PHE C 260 11.51 53.66 -2.99
N PHE C 261 12.36 52.82 -3.54
CA PHE C 261 13.77 52.80 -3.17
C PHE C 261 14.53 53.77 -4.05
N PHE C 262 14.86 54.94 -3.51
CA PHE C 262 15.62 55.93 -4.25
C PHE C 262 17.11 55.57 -4.25
N ASN C 263 17.50 54.73 -3.30
CA ASN C 263 18.80 54.05 -3.35
C ASN C 263 18.56 52.58 -3.65
N THR C 264 18.75 52.20 -4.91
CA THR C 264 18.44 50.86 -5.36
C THR C 264 19.21 49.82 -4.54
N PRO C 265 18.50 48.88 -3.91
CA PRO C 265 19.19 47.86 -3.10
C PRO C 265 20.17 47.02 -3.92
N PRO C 266 21.23 46.51 -3.27
CA PRO C 266 22.14 45.58 -3.96
C PRO C 266 21.40 44.35 -4.48
N GLN C 267 21.84 43.82 -5.62
CA GLN C 267 21.22 42.62 -6.19
C GLN C 267 21.78 41.38 -5.49
N VAL C 268 21.42 41.26 -4.21
CA VAL C 268 21.91 40.19 -3.35
C VAL C 268 20.78 39.75 -2.43
N VAL C 269 20.70 38.45 -2.17
CA VAL C 269 19.79 37.93 -1.17
C VAL C 269 20.47 36.85 -0.34
N ASP C 270 20.26 36.91 0.97
CA ASP C 270 20.72 35.86 1.87
C ASP C 270 19.94 34.60 1.55
N VAL C 271 20.66 33.50 1.33
CA VAL C 271 20.04 32.22 0.99
C VAL C 271 18.91 31.86 1.94
N CYS C 272 19.05 32.26 3.20
CA CYS C 272 18.08 31.91 4.22
C CYS C 272 16.87 32.85 4.29
N ASP C 273 16.87 33.90 3.45
CA ASP C 273 15.73 34.81 3.35
C ASP C 273 14.83 34.46 2.17
N VAL C 274 15.31 33.57 1.29
CA VAL C 274 14.52 33.14 0.16
C VAL C 274 13.35 32.27 0.63
N GLU C 275 12.15 32.62 0.20
CA GLU C 275 10.95 31.88 0.54
C GLU C 275 10.64 30.88 -0.59
N VAL C 276 10.69 29.60 -0.27
CA VAL C 276 10.34 28.56 -1.23
C VAL C 276 8.82 28.42 -1.26
N PRO C 277 8.20 28.66 -2.43
CA PRO C 277 6.73 28.51 -2.50
C PRO C 277 6.24 27.18 -1.96
N THR C 278 5.41 27.27 -0.93
CA THR C 278 4.85 26.12 -0.24
C THR C 278 3.41 26.47 0.06
N GLU C 279 2.48 25.66 -0.41
CA GLU C 279 1.07 26.02 -0.38
C GLU C 279 0.18 24.90 0.12
N LEU C 280 -0.83 25.27 0.92
CA LEU C 280 -1.89 24.37 1.31
C LEU C 280 -2.88 24.25 0.16
N VAL C 281 -3.29 23.02 -0.17
CA VAL C 281 -4.23 22.80 -1.26
C VAL C 281 -5.42 22.00 -0.74
N ASP C 282 -6.53 22.08 -1.48
CA ASP C 282 -7.73 21.32 -1.13
C ASP C 282 -7.82 20.03 -1.94
N ILE D 11 -30.82 -31.23 -38.62
CA ILE D 11 -29.46 -30.78 -38.93
C ILE D 11 -29.46 -30.05 -40.28
N ILE D 12 -29.00 -28.80 -40.26
CA ILE D 12 -28.98 -27.99 -41.49
C ILE D 12 -27.75 -28.26 -42.37
N PRO D 13 -27.97 -28.77 -43.60
CA PRO D 13 -26.81 -28.98 -44.49
C PRO D 13 -26.23 -27.66 -44.96
N LYS D 14 -24.94 -27.61 -45.27
CA LYS D 14 -24.34 -26.35 -45.72
C LYS D 14 -24.77 -26.02 -47.14
N PRO D 15 -25.11 -24.75 -47.41
CA PRO D 15 -25.38 -24.38 -48.79
C PRO D 15 -24.09 -24.05 -49.56
N THR D 16 -24.21 -23.79 -50.85
CA THR D 16 -23.06 -23.43 -51.69
C THR D 16 -22.65 -21.99 -51.40
N PRO D 17 -21.34 -21.70 -51.35
CA PRO D 17 -20.88 -20.34 -51.03
C PRO D 17 -21.25 -19.29 -52.07
N THR D 18 -21.35 -18.04 -51.61
CA THR D 18 -21.61 -16.92 -52.50
C THR D 18 -20.47 -15.92 -52.35
N PRO D 19 -19.78 -15.58 -53.46
CA PRO D 19 -18.70 -14.60 -53.34
C PRO D 19 -19.22 -13.24 -52.90
N LEU D 20 -18.39 -12.48 -52.20
CA LEU D 20 -18.78 -11.17 -51.70
C LEU D 20 -19.10 -10.20 -52.83
N SER D 21 -20.06 -9.32 -52.58
CA SER D 21 -20.44 -8.29 -53.54
C SER D 21 -19.27 -7.35 -53.78
N LEU D 22 -19.08 -6.97 -55.04
CA LEU D 22 -18.00 -6.07 -55.42
C LEU D 22 -18.51 -4.74 -55.99
N GLU D 23 -19.71 -4.33 -55.57
CA GLU D 23 -20.24 -3.04 -55.99
C GLU D 23 -19.30 -1.91 -55.58
N SER D 24 -18.94 -1.08 -56.55
CA SER D 24 -18.06 0.05 -56.29
C SER D 24 -18.76 1.05 -55.38
N GLY D 25 -18.00 1.74 -54.55
CA GLY D 25 -18.55 2.71 -53.62
C GLY D 25 -18.11 4.13 -53.92
N MET D 26 -18.46 5.03 -53.01
CA MET D 26 -18.11 6.44 -53.14
C MET D 26 -16.59 6.66 -53.25
N LYS D 27 -15.81 5.76 -52.66
CA LYS D 27 -14.35 5.87 -52.69
C LYS D 27 -13.72 5.42 -54.00
N GLY D 28 -14.49 4.82 -54.89
CA GLY D 28 -14.00 4.41 -56.18
C GLY D 28 -14.07 2.92 -56.46
N GLU D 29 -13.55 2.55 -57.63
CA GLU D 29 -13.56 1.16 -58.10
C GLU D 29 -12.54 0.24 -57.44
N ASN D 30 -11.63 0.80 -56.66
CA ASN D 30 -10.68 -0.02 -55.92
C ASN D 30 -11.20 -0.32 -54.51
N TRP D 31 -12.46 0.06 -54.27
CA TRP D 31 -13.13 -0.24 -53.01
C TRP D 31 -14.46 -0.92 -53.29
N ARG D 32 -14.93 -1.72 -52.34
CA ARG D 32 -16.24 -2.36 -52.42
C ARG D 32 -17.10 -1.97 -51.22
N LYS D 33 -18.40 -1.87 -51.42
CA LYS D 33 -19.32 -1.67 -50.29
C LYS D 33 -19.62 -2.98 -49.59
N ILE D 34 -19.65 -2.94 -48.27
CA ILE D 34 -20.15 -4.05 -47.48
C ILE D 34 -21.66 -3.99 -47.49
N GLU D 35 -22.31 -5.10 -47.84
CA GLU D 35 -23.78 -5.14 -47.83
C GLU D 35 -24.28 -4.94 -46.40
N PRO D 36 -25.34 -4.12 -46.23
CA PRO D 36 -25.83 -3.86 -44.87
C PRO D 36 -26.26 -5.13 -44.11
N GLU D 37 -26.76 -6.12 -44.82
CA GLU D 37 -27.20 -7.37 -44.19
C GLU D 37 -26.00 -8.15 -43.65
N ASN D 38 -24.81 -7.81 -44.14
CA ASN D 38 -23.58 -8.49 -43.72
C ASN D 38 -22.83 -7.73 -42.62
N ILE D 39 -23.45 -6.67 -42.10
CA ILE D 39 -22.89 -5.94 -40.96
C ILE D 39 -23.71 -6.23 -39.72
N VAL D 40 -23.04 -6.74 -38.68
CA VAL D 40 -23.67 -7.00 -37.39
C VAL D 40 -23.25 -5.96 -36.38
N VAL D 41 -24.22 -5.41 -35.65
CA VAL D 41 -23.95 -4.43 -34.60
C VAL D 41 -24.26 -4.99 -33.23
N ILE D 42 -23.22 -5.30 -32.45
CA ILE D 42 -23.38 -5.76 -31.09
C ILE D 42 -23.19 -4.61 -30.11
N THR D 43 -24.27 -4.24 -29.42
CA THR D 43 -24.22 -3.15 -28.46
C THR D 43 -23.90 -3.68 -27.06
N THR D 44 -22.79 -3.20 -26.50
CA THR D 44 -22.42 -3.49 -25.11
C THR D 44 -22.43 -2.21 -24.30
N LYS D 45 -22.27 -2.33 -23.00
CA LYS D 45 -22.22 -1.16 -22.13
C LYS D 45 -20.97 -0.32 -22.40
N TYR D 46 -20.00 -0.90 -23.10
CA TYR D 46 -18.77 -0.20 -23.42
C TYR D 46 -18.89 0.57 -24.75
N GLY D 47 -19.76 0.08 -25.63
CA GLY D 47 -19.90 0.63 -26.97
C GLY D 47 -20.24 -0.44 -27.99
N ASP D 48 -20.26 -0.07 -29.26
CA ASP D 48 -20.70 -0.98 -30.33
C ASP D 48 -19.55 -1.74 -30.99
N ILE D 49 -19.73 -3.06 -31.10
CA ILE D 49 -18.84 -3.92 -31.86
C ILE D 49 -19.46 -4.21 -33.24
N LEU D 50 -18.76 -3.84 -34.31
CA LEU D 50 -19.25 -4.07 -35.67
C LEU D 50 -18.47 -5.17 -36.37
N ILE D 51 -19.19 -6.07 -37.04
CA ILE D 51 -18.59 -7.23 -37.68
C ILE D 51 -19.10 -7.39 -39.11
N GLU D 52 -18.17 -7.66 -40.04
CA GLU D 52 -18.52 -7.97 -41.42
C GLU D 52 -18.64 -9.49 -41.59
N LEU D 53 -19.81 -9.95 -42.01
CA LEU D 53 -20.03 -11.37 -42.24
C LEU D 53 -19.53 -11.79 -43.62
N ASN D 54 -19.19 -13.08 -43.77
CA ASN D 54 -18.57 -13.59 -44.98
C ASN D 54 -19.26 -14.85 -45.51
N PRO D 55 -20.28 -14.67 -46.37
CA PRO D 55 -20.98 -15.82 -46.96
C PRO D 55 -20.18 -16.51 -48.06
N GLU D 56 -19.01 -15.97 -48.42
CA GLU D 56 -18.13 -16.61 -49.39
C GLU D 56 -17.46 -17.83 -48.76
N PHE D 57 -17.38 -17.84 -47.43
CA PHE D 57 -16.75 -18.94 -46.70
C PHE D 57 -17.74 -19.77 -45.87
N ALA D 58 -18.79 -19.13 -45.34
CA ALA D 58 -19.72 -19.81 -44.45
C ALA D 58 -21.16 -19.30 -44.60
N PRO D 59 -21.76 -19.48 -45.79
CA PRO D 59 -23.10 -18.96 -46.09
C PRO D 59 -24.18 -19.48 -45.13
N GLY D 60 -24.08 -20.74 -44.74
CA GLY D 60 -25.04 -21.35 -43.85
C GLY D 60 -25.05 -20.70 -42.48
N HIS D 61 -23.85 -20.46 -41.95
CA HIS D 61 -23.71 -19.84 -40.64
C HIS D 61 -24.11 -18.37 -40.66
N VAL D 62 -23.79 -17.69 -41.76
CA VAL D 62 -24.18 -16.29 -41.92
C VAL D 62 -25.70 -16.17 -41.90
N ALA D 63 -26.37 -17.02 -42.66
CA ALA D 63 -27.82 -17.01 -42.72
C ALA D 63 -28.42 -17.32 -41.35
N ARG D 64 -27.85 -18.33 -40.68
CA ARG D 64 -28.30 -18.69 -39.34
C ARG D 64 -28.09 -17.52 -38.39
N PHE D 65 -26.91 -16.92 -38.45
CA PHE D 65 -26.58 -15.81 -37.57
C PHE D 65 -27.55 -14.65 -37.82
N GLN D 66 -27.77 -14.35 -39.09
CA GLN D 66 -28.74 -13.33 -39.50
C GLN D 66 -30.13 -13.64 -38.97
N ASP D 67 -30.55 -14.90 -39.10
CA ASP D 67 -31.84 -15.36 -38.59
C ASP D 67 -31.97 -15.14 -37.10
N MET D 68 -30.94 -15.53 -36.35
CA MET D 68 -30.96 -15.42 -34.89
C MET D 68 -30.96 -13.97 -34.42
N VAL D 69 -30.22 -13.11 -35.11
CA VAL D 69 -30.15 -11.70 -34.75
C VAL D 69 -31.49 -10.99 -34.89
N LYS D 70 -32.14 -11.16 -36.03
CA LYS D 70 -33.45 -10.53 -36.26
C LYS D 70 -34.51 -11.06 -35.29
N ALA D 71 -34.34 -12.31 -34.86
CA ALA D 71 -35.27 -12.93 -33.92
C ALA D 71 -34.92 -12.52 -32.50
N ARG D 72 -33.94 -11.63 -32.37
CA ARG D 72 -33.54 -11.06 -31.09
C ARG D 72 -33.09 -12.15 -30.12
N ALA D 73 -32.60 -13.26 -30.66
CA ALA D 73 -32.22 -14.41 -29.85
C ALA D 73 -31.00 -14.09 -29.00
N TYR D 74 -30.19 -13.13 -29.45
CA TYR D 74 -28.96 -12.77 -28.75
C TYR D 74 -29.14 -11.60 -27.78
N ASN D 75 -30.27 -10.92 -27.84
CA ASN D 75 -30.49 -9.76 -26.98
C ASN D 75 -30.59 -10.14 -25.50
N GLY D 76 -29.73 -9.52 -24.70
CA GLY D 76 -29.69 -9.79 -23.27
C GLY D 76 -28.84 -10.99 -22.92
N LYS D 77 -28.24 -11.61 -23.93
CA LYS D 77 -27.39 -12.77 -23.72
C LYS D 77 -25.99 -12.33 -23.30
N GLU D 78 -25.16 -13.29 -22.89
CA GLU D 78 -23.91 -12.98 -22.22
C GLU D 78 -22.70 -13.50 -22.98
N PHE D 79 -21.59 -12.76 -22.88
CA PHE D 79 -20.28 -13.31 -23.19
C PHE D 79 -19.85 -14.13 -21.97
N TYR D 80 -20.32 -15.37 -21.91
CA TYR D 80 -20.24 -16.17 -20.69
C TYR D 80 -18.88 -16.86 -20.51
N ARG D 81 -18.06 -16.83 -21.54
CA ARG D 81 -16.73 -17.43 -21.50
C ARG D 81 -15.70 -16.53 -22.17
N VAL D 82 -14.82 -15.95 -21.38
CA VAL D 82 -13.81 -15.02 -21.89
C VAL D 82 -12.45 -15.30 -21.25
N ILE D 83 -11.46 -15.59 -22.08
CA ILE D 83 -10.10 -15.84 -21.63
C ILE D 83 -9.16 -14.83 -22.26
N ASP D 84 -8.48 -14.05 -21.41
CA ASP D 84 -7.61 -12.99 -21.87
C ASP D 84 -6.55 -13.49 -22.85
N GLY D 85 -6.41 -12.79 -23.97
CA GLY D 85 -5.43 -13.15 -24.98
C GLY D 85 -5.84 -14.33 -25.84
N PHE D 86 -7.04 -14.87 -25.60
CA PHE D 86 -7.53 -16.03 -26.35
C PHE D 86 -8.77 -15.67 -27.15
N VAL D 87 -9.96 -15.87 -26.59
CA VAL D 87 -11.20 -15.49 -27.27
C VAL D 87 -12.24 -14.98 -26.29
N ALA D 88 -13.23 -14.27 -26.84
CA ALA D 88 -14.43 -13.89 -26.09
C ALA D 88 -15.62 -14.62 -26.68
N GLN D 89 -16.19 -15.53 -25.89
CA GLN D 89 -17.26 -16.40 -26.35
C GLN D 89 -18.60 -16.02 -25.72
N GLY D 90 -19.64 -15.98 -26.55
CA GLY D 90 -20.96 -15.62 -26.10
C GLY D 90 -22.04 -16.34 -26.89
N GLY D 91 -23.28 -16.18 -26.45
CA GLY D 91 -24.41 -16.83 -27.09
C GLY D 91 -25.52 -17.14 -26.12
N ILE D 92 -26.37 -18.09 -26.48
CA ILE D 92 -27.53 -18.45 -25.69
C ILE D 92 -27.15 -19.37 -24.54
N ASP D 93 -25.98 -19.98 -24.63
CA ASP D 93 -25.43 -20.84 -23.58
C ASP D 93 -26.41 -21.96 -23.23
N ALA D 94 -27.01 -22.55 -24.27
CA ALA D 94 -27.98 -23.62 -24.10
C ALA D 94 -28.31 -24.24 -25.46
N GLU D 95 -28.93 -25.41 -25.42
CA GLU D 95 -29.48 -26.02 -26.63
C GLU D 95 -30.94 -25.56 -26.79
N ASP D 96 -31.31 -25.20 -28.02
CA ASP D 96 -32.66 -24.72 -28.31
C ASP D 96 -33.17 -25.40 -29.57
N LYS D 97 -34.35 -26.00 -29.45
CA LYS D 97 -34.94 -26.79 -30.53
C LYS D 97 -35.20 -25.94 -31.77
N LYS D 98 -35.30 -24.62 -31.57
CA LYS D 98 -35.49 -23.70 -32.68
C LYS D 98 -34.23 -23.59 -33.53
N TRP D 99 -33.08 -23.86 -32.92
CA TRP D 99 -31.79 -23.69 -33.56
C TRP D 99 -30.98 -24.98 -33.59
N PRO D 100 -31.32 -25.88 -34.53
CA PRO D 100 -30.56 -27.13 -34.67
C PRO D 100 -29.15 -26.89 -35.20
N PRO D 101 -28.23 -27.83 -34.96
CA PRO D 101 -26.82 -27.65 -35.36
C PRO D 101 -26.63 -27.57 -36.88
N LEU D 102 -25.54 -26.93 -37.29
CA LEU D 102 -25.22 -26.73 -38.70
C LEU D 102 -24.07 -27.62 -39.14
N GLU D 103 -24.05 -27.94 -40.43
CA GLU D 103 -22.89 -28.60 -41.02
C GLU D 103 -21.72 -27.61 -40.97
N ILE D 104 -20.54 -28.11 -40.59
CA ILE D 104 -19.38 -27.25 -40.46
C ILE D 104 -19.00 -26.64 -41.81
N GLU D 105 -18.56 -25.38 -41.77
CA GLU D 105 -18.09 -24.69 -42.97
C GLU D 105 -16.72 -24.11 -42.69
N HIS D 106 -15.75 -25.01 -42.60
CA HIS D 106 -14.41 -24.69 -42.14
C HIS D 106 -13.48 -24.34 -43.29
N GLU D 107 -13.91 -24.66 -44.51
CA GLU D 107 -13.12 -24.38 -45.70
C GLU D 107 -14.03 -24.44 -46.93
N GLN D 108 -13.51 -23.95 -48.05
CA GLN D 108 -14.24 -23.98 -49.31
C GLN D 108 -13.28 -24.39 -50.42
N PRO D 109 -13.82 -24.95 -51.52
CA PRO D 109 -12.96 -25.21 -52.68
C PRO D 109 -12.33 -23.93 -53.23
N LEU D 110 -11.07 -24.01 -53.62
CA LEU D 110 -10.39 -22.90 -54.28
C LEU D 110 -10.87 -22.77 -55.72
N LEU D 111 -11.30 -21.56 -56.08
CA LEU D 111 -11.85 -21.31 -57.42
C LEU D 111 -10.87 -20.55 -58.29
N GLU D 112 -10.90 -20.84 -59.59
CA GLU D 112 -10.06 -20.15 -60.55
C GLU D 112 -10.42 -18.66 -60.57
N ALA D 113 -11.68 -18.38 -60.23
CA ALA D 113 -12.18 -17.01 -60.20
C ALA D 113 -11.71 -16.24 -58.96
N ASP D 114 -11.25 -16.96 -57.95
CA ASP D 114 -10.78 -16.32 -56.72
C ASP D 114 -9.49 -15.53 -56.96
N GLN D 115 -9.54 -14.23 -56.69
CA GLN D 115 -8.39 -13.35 -56.86
C GLN D 115 -7.67 -13.19 -55.52
N ILE D 116 -6.94 -14.21 -55.11
CA ILE D 116 -6.21 -14.16 -53.85
C ILE D 116 -4.91 -13.39 -54.03
N GLN D 117 -4.68 -12.41 -53.16
CA GLN D 117 -3.43 -11.68 -53.14
C GLN D 117 -2.44 -12.42 -52.23
N LEU D 118 -1.46 -13.08 -52.83
CA LEU D 118 -0.49 -13.87 -52.09
C LEU D 118 0.46 -12.99 -51.28
N LEU D 119 0.70 -13.38 -50.04
CA LEU D 119 1.69 -12.72 -49.19
C LEU D 119 3.07 -13.29 -49.45
N ASP D 120 3.98 -12.43 -49.92
CA ASP D 120 5.30 -12.87 -50.36
C ASP D 120 6.32 -12.91 -49.22
N ASN D 121 5.93 -13.54 -48.11
CA ASN D 121 6.89 -13.95 -47.10
C ASN D 121 6.38 -15.15 -46.31
N ASP D 122 7.19 -15.68 -45.40
CA ASP D 122 6.86 -16.93 -44.72
C ASP D 122 5.67 -16.80 -43.78
N ASP D 123 5.04 -17.94 -43.50
CA ASP D 123 4.02 -18.05 -42.48
C ASP D 123 4.30 -19.31 -41.66
N LEU D 124 3.96 -19.29 -40.38
CA LEU D 124 4.32 -20.39 -39.48
C LEU D 124 3.40 -21.60 -39.60
N PHE D 125 2.17 -21.40 -40.06
CA PHE D 125 1.14 -22.43 -39.98
C PHE D 125 0.69 -22.95 -41.35
N ALA D 126 0.92 -22.17 -42.40
CA ALA D 126 0.50 -22.56 -43.75
C ALA D 126 1.56 -22.19 -44.78
N GLU D 127 1.65 -22.99 -45.84
CA GLU D 127 2.62 -22.75 -46.90
C GLU D 127 2.26 -21.52 -47.72
N LYS D 128 0.95 -21.30 -47.92
CA LYS D 128 0.48 -20.16 -48.70
C LYS D 128 -0.59 -19.40 -47.93
N VAL D 129 -0.37 -18.11 -47.73
CA VAL D 129 -1.35 -17.25 -47.10
C VAL D 129 -1.48 -15.97 -47.91
N GLY D 130 -2.61 -15.28 -47.74
CA GLY D 130 -2.85 -14.04 -48.46
C GLY D 130 -4.18 -13.42 -48.10
N PHE D 131 -4.77 -12.74 -49.07
CA PHE D 131 -6.01 -12.00 -48.84
C PHE D 131 -7.01 -12.19 -49.97
N LEU D 132 -8.27 -12.37 -49.59
CA LEU D 132 -9.36 -12.52 -50.53
C LEU D 132 -10.52 -11.64 -50.12
N ASN D 133 -10.79 -10.61 -50.92
CA ASN D 133 -11.87 -9.66 -50.66
C ASN D 133 -11.82 -9.10 -49.23
N GLY D 134 -10.62 -8.73 -48.79
CA GLY D 134 -10.44 -8.03 -47.53
C GLY D 134 -10.36 -8.93 -46.30
N PHE D 135 -10.34 -10.23 -46.51
CA PHE D 135 -10.21 -11.20 -45.42
C PHE D 135 -8.88 -11.95 -45.52
N PRO D 136 -8.24 -12.23 -44.37
CA PRO D 136 -7.02 -13.03 -44.38
C PRO D 136 -7.32 -14.50 -44.66
N VAL D 137 -6.60 -15.10 -45.59
CA VAL D 137 -6.86 -16.49 -45.98
C VAL D 137 -5.60 -17.34 -46.08
N GLY D 138 -5.81 -18.64 -45.93
CA GLY D 138 -4.81 -19.63 -46.29
C GLY D 138 -5.40 -20.48 -47.40
N PHE D 139 -4.55 -21.09 -48.22
CA PHE D 139 -5.03 -21.94 -49.29
C PHE D 139 -3.95 -22.91 -49.76
N ASP D 140 -4.39 -23.98 -50.40
CA ASP D 140 -3.50 -24.91 -51.05
C ASP D 140 -3.98 -25.12 -52.49
N ALA D 141 -3.65 -26.24 -53.09
CA ALA D 141 -4.03 -26.51 -54.47
C ALA D 141 -5.54 -26.68 -54.61
N GLU D 142 -6.17 -27.18 -53.57
CA GLU D 142 -7.57 -27.61 -53.65
C GLU D 142 -8.53 -26.72 -52.86
N LYS D 143 -8.05 -26.18 -51.74
CA LYS D 143 -8.92 -25.51 -50.76
C LYS D 143 -8.45 -24.10 -50.35
N LYS D 144 -9.39 -23.32 -49.82
CA LYS D 144 -9.07 -22.05 -49.19
C LYS D 144 -9.82 -21.97 -47.86
N TRP D 145 -9.25 -21.25 -46.90
CA TRP D 145 -9.87 -21.10 -45.58
C TRP D 145 -9.52 -19.76 -44.95
N LEU D 146 -10.37 -19.30 -44.03
CA LEU D 146 -10.12 -18.07 -43.29
C LEU D 146 -9.13 -18.32 -42.17
N LEU D 147 -8.29 -17.33 -41.88
CA LEU D 147 -7.30 -17.45 -40.81
C LEU D 147 -7.84 -16.91 -39.50
N HIS D 148 -7.51 -17.59 -38.41
CA HIS D 148 -7.89 -17.13 -37.08
C HIS D 148 -6.99 -15.98 -36.62
N CYS D 149 -7.03 -14.89 -37.37
CA CYS D 149 -6.36 -13.66 -36.95
C CYS D 149 -7.13 -13.07 -35.78
N PRO D 150 -6.56 -12.05 -35.11
CA PRO D 150 -7.35 -11.39 -34.07
C PRO D 150 -8.56 -10.68 -34.67
N GLY D 151 -9.65 -10.58 -33.90
CA GLY D 151 -10.84 -9.89 -34.33
C GLY D 151 -11.60 -10.65 -35.41
N MET D 152 -11.51 -11.97 -35.39
CA MET D 152 -12.28 -12.81 -36.30
C MET D 152 -13.45 -13.45 -35.58
N LEU D 153 -14.58 -13.56 -36.27
CA LEU D 153 -15.79 -14.15 -35.70
C LEU D 153 -15.94 -15.58 -36.22
N ALA D 154 -16.10 -16.52 -35.29
CA ALA D 154 -16.26 -17.92 -35.65
C ALA D 154 -17.27 -18.58 -34.72
N MET D 155 -17.73 -19.77 -35.10
CA MET D 155 -18.75 -20.48 -34.35
C MET D 155 -18.13 -21.56 -33.46
N ALA D 156 -18.44 -21.50 -32.17
CA ALA D 156 -18.01 -22.52 -31.22
C ALA D 156 -18.76 -23.83 -31.48
N ARG D 157 -18.13 -24.94 -31.14
CA ARG D 157 -18.74 -26.25 -31.36
C ARG D 157 -18.24 -27.29 -30.36
N ASP D 158 -18.88 -28.45 -30.38
CA ASP D 158 -18.42 -29.60 -29.60
C ASP D 158 -17.49 -30.44 -30.47
N SER D 159 -17.09 -31.61 -29.96
CA SER D 159 -16.08 -32.42 -30.62
C SER D 159 -16.50 -32.85 -32.02
N ASP D 160 -17.77 -33.22 -32.19
CA ASP D 160 -18.28 -33.54 -33.52
C ASP D 160 -18.38 -32.26 -34.37
N PRO D 161 -17.88 -32.29 -35.62
CA PRO D 161 -17.79 -31.07 -36.42
C PRO D 161 -19.14 -30.37 -36.62
N ASN D 162 -20.20 -31.15 -36.75
CA ASN D 162 -21.51 -30.59 -37.08
C ASN D 162 -22.38 -30.35 -35.85
N THR D 163 -21.81 -29.71 -34.82
CA THR D 163 -22.54 -29.41 -33.59
C THR D 163 -22.62 -27.89 -33.32
N GLY D 164 -21.98 -27.10 -34.18
CA GLY D 164 -22.02 -25.66 -34.02
C GLY D 164 -23.31 -25.08 -34.57
N GLY D 165 -23.62 -23.83 -34.23
CA GLY D 165 -24.73 -23.12 -34.85
C GLY D 165 -25.42 -22.00 -34.09
N THR D 166 -25.12 -21.84 -32.80
CA THR D 166 -25.73 -20.75 -32.02
C THR D 166 -24.72 -19.88 -31.28
N ASP D 167 -23.64 -20.47 -30.78
CA ASP D 167 -22.71 -19.76 -29.92
C ASP D 167 -21.39 -19.51 -30.64
N PHE D 168 -20.92 -18.27 -30.55
CA PHE D 168 -19.79 -17.79 -31.33
C PHE D 168 -18.67 -17.30 -30.43
N TYR D 169 -17.49 -17.09 -31.01
CA TYR D 169 -16.40 -16.47 -30.28
C TYR D 169 -15.67 -15.47 -31.17
N ILE D 170 -15.11 -14.45 -30.53
CA ILE D 170 -14.27 -13.47 -31.20
C ILE D 170 -12.84 -13.61 -30.71
N THR D 171 -11.91 -13.77 -31.65
CA THR D 171 -10.50 -13.93 -31.29
C THR D 171 -9.94 -12.64 -30.73
N LEU D 172 -9.22 -12.76 -29.62
CA LEU D 172 -8.57 -11.62 -28.97
C LEU D 172 -7.13 -11.50 -29.42
N ASP D 173 -6.59 -12.60 -29.92
CA ASP D 173 -5.23 -12.66 -30.45
C ASP D 173 -5.26 -13.79 -31.48
N ALA D 174 -4.21 -13.94 -32.27
CA ALA D 174 -4.22 -14.98 -33.31
C ALA D 174 -4.28 -16.37 -32.69
N GLN D 175 -5.17 -17.21 -33.24
CA GLN D 175 -5.32 -18.59 -32.79
C GLN D 175 -5.28 -19.51 -34.00
N ARG D 176 -4.18 -19.45 -34.73
CA ARG D 176 -4.04 -20.11 -36.03
C ARG D 176 -4.17 -21.63 -35.96
N TYR D 177 -3.94 -22.21 -34.79
CA TYR D 177 -4.01 -23.66 -34.64
C TYR D 177 -5.44 -24.17 -34.87
N LEU D 178 -6.41 -23.27 -34.75
CA LEU D 178 -7.81 -23.62 -34.98
C LEU D 178 -8.20 -23.65 -36.46
N ASP D 179 -7.33 -23.16 -37.33
CA ASP D 179 -7.63 -23.06 -38.75
C ASP D 179 -8.01 -24.42 -39.35
N ARG D 180 -9.00 -24.41 -40.24
CA ARG D 180 -9.50 -25.61 -40.91
C ARG D 180 -10.14 -26.62 -39.95
N ASN D 181 -10.50 -26.16 -38.76
CA ASN D 181 -11.19 -27.01 -37.78
C ASN D 181 -12.44 -26.34 -37.22
N MET D 182 -12.65 -25.08 -37.59
CA MET D 182 -13.77 -24.31 -37.07
C MET D 182 -14.39 -23.50 -38.20
N THR D 183 -15.66 -23.13 -38.05
CA THR D 183 -16.32 -22.26 -39.01
C THR D 183 -16.09 -20.80 -38.66
N VAL D 184 -15.19 -20.17 -39.41
CA VAL D 184 -14.98 -18.73 -39.32
C VAL D 184 -15.93 -18.07 -40.32
N PHE D 185 -16.68 -17.07 -39.87
CA PHE D 185 -17.69 -16.45 -40.74
C PHE D 185 -17.83 -14.93 -40.57
N GLY D 186 -16.85 -14.29 -39.94
CA GLY D 186 -16.85 -12.83 -39.85
C GLY D 186 -15.55 -12.23 -39.35
N ARG D 187 -15.44 -10.90 -39.48
CA ARG D 187 -14.30 -10.17 -38.93
C ARG D 187 -14.79 -8.87 -38.29
N VAL D 188 -14.14 -8.46 -37.20
CA VAL D 188 -14.44 -7.20 -36.56
C VAL D 188 -13.91 -6.05 -37.41
N ILE D 189 -14.77 -5.07 -37.67
CA ILE D 189 -14.40 -3.91 -38.47
C ILE D 189 -14.43 -2.63 -37.62
N SER D 190 -15.06 -2.70 -36.46
CA SER D 190 -15.06 -1.59 -35.52
C SER D 190 -15.38 -2.07 -34.11
N GLY D 191 -14.83 -1.40 -33.11
CA GLY D 191 -15.14 -1.67 -31.72
C GLY D 191 -14.38 -2.84 -31.13
N MET D 192 -13.25 -3.19 -31.73
CA MET D 192 -12.42 -4.26 -31.20
C MET D 192 -11.99 -3.95 -29.77
N GLN D 193 -11.77 -2.66 -29.50
CA GLN D 193 -11.38 -2.22 -28.15
C GLN D 193 -12.42 -2.61 -27.11
N TYR D 194 -13.69 -2.67 -27.51
CA TYR D 194 -14.76 -3.02 -26.60
C TYR D 194 -14.77 -4.51 -26.28
N VAL D 195 -14.41 -5.33 -27.27
CA VAL D 195 -14.23 -6.75 -27.04
C VAL D 195 -13.14 -6.96 -26.00
N GLN D 196 -12.12 -6.11 -26.03
CA GLN D 196 -10.99 -6.20 -25.11
C GLN D 196 -11.36 -5.76 -23.69
N LYS D 197 -12.49 -5.07 -23.54
CA LYS D 197 -12.96 -4.62 -22.24
C LYS D 197 -13.86 -5.66 -21.57
N LEU D 198 -14.30 -6.65 -22.33
CA LEU D 198 -15.25 -7.65 -21.84
C LEU D 198 -14.76 -8.35 -20.57
N GLN D 199 -15.67 -8.60 -19.65
CA GLN D 199 -15.36 -9.29 -18.40
C GLN D 199 -14.68 -10.62 -18.66
N ARG D 200 -13.57 -10.84 -17.95
CA ARG D 200 -12.75 -12.02 -18.12
C ARG D 200 -13.16 -13.16 -17.17
N GLY D 201 -12.98 -14.39 -17.63
CA GLY D 201 -13.02 -15.55 -16.75
C GLY D 201 -11.61 -16.03 -16.44
N ASP D 202 -11.50 -17.27 -15.96
CA ASP D 202 -10.20 -17.88 -15.66
C ASP D 202 -10.09 -19.20 -16.42
N LYS D 203 -9.05 -19.33 -17.26
CA LYS D 203 -8.90 -20.50 -18.11
C LYS D 203 -8.75 -21.77 -17.30
N ASN D 204 -8.25 -21.63 -16.07
CA ASN D 204 -8.03 -22.77 -15.18
C ASN D 204 -9.25 -23.08 -14.33
N ILE D 205 -10.32 -22.31 -14.52
CA ILE D 205 -11.58 -22.56 -13.84
C ILE D 205 -12.67 -22.75 -14.89
N GLU D 206 -13.02 -24.02 -15.12
CA GLU D 206 -14.06 -24.41 -16.07
C GLU D 206 -13.87 -23.76 -17.45
N GLY D 207 -12.64 -23.74 -17.93
CA GLY D 207 -12.35 -23.28 -19.27
C GLY D 207 -12.75 -21.84 -19.57
N GLY D 208 -12.66 -20.97 -18.56
CA GLY D 208 -12.89 -19.56 -18.76
C GLY D 208 -14.33 -19.12 -18.56
N VAL D 209 -15.21 -20.07 -18.22
CA VAL D 209 -16.60 -19.72 -17.96
C VAL D 209 -16.70 -18.92 -16.67
N ILE D 210 -17.35 -17.76 -16.77
CA ILE D 210 -17.50 -16.87 -15.63
C ILE D 210 -18.47 -17.48 -14.62
N GLN D 211 -18.11 -17.40 -13.34
CA GLN D 211 -18.77 -18.18 -12.29
C GLN D 211 -19.91 -17.43 -11.60
N SER D 212 -20.56 -18.09 -10.65
CA SER D 212 -21.74 -17.57 -9.93
C SER D 212 -21.66 -16.22 -9.19
N PRO D 213 -20.47 -15.77 -8.77
CA PRO D 213 -20.52 -14.40 -8.20
C PRO D 213 -20.55 -13.30 -9.26
N ASN D 214 -20.62 -13.70 -10.53
CA ASN D 214 -20.58 -12.78 -11.67
C ASN D 214 -21.29 -13.33 -12.91
N LYS D 215 -21.54 -12.43 -13.85
CA LYS D 215 -22.16 -12.79 -15.11
C LYS D 215 -21.31 -12.16 -16.21
N GLY D 216 -21.25 -12.81 -17.37
CA GLY D 216 -20.51 -12.25 -18.48
C GLY D 216 -21.16 -10.95 -18.91
N ASP D 217 -20.40 -10.07 -19.55
CA ASP D 217 -20.97 -8.82 -20.01
C ASP D 217 -22.05 -9.11 -21.04
N GLU D 218 -23.09 -8.29 -21.02
CA GLU D 218 -24.30 -8.53 -21.78
C GLU D 218 -24.25 -7.96 -23.19
N MET D 219 -24.79 -8.70 -24.15
CA MET D 219 -25.13 -8.15 -25.46
C MET D 219 -26.50 -7.49 -25.35
N ILE D 220 -26.51 -6.21 -25.05
CA ILE D 220 -27.75 -5.48 -24.77
C ILE D 220 -28.69 -5.52 -25.95
N SER D 221 -28.15 -5.36 -27.14
CA SER D 221 -28.91 -5.51 -28.37
C SER D 221 -28.00 -5.95 -29.51
N VAL D 222 -28.54 -6.73 -30.43
CA VAL D 222 -27.82 -7.14 -31.63
C VAL D 222 -28.68 -6.89 -32.85
N LYS D 223 -28.14 -6.14 -33.81
CA LYS D 223 -28.89 -5.79 -35.01
C LYS D 223 -28.02 -5.98 -36.24
N LEU D 224 -28.67 -6.18 -37.39
CA LEU D 224 -27.99 -6.03 -38.66
C LEU D 224 -28.16 -4.59 -39.09
N ALA D 225 -27.17 -4.04 -39.80
CA ALA D 225 -27.27 -2.67 -40.26
C ALA D 225 -28.50 -2.50 -41.15
N SER D 226 -28.87 -3.57 -41.85
CA SER D 226 -30.02 -3.53 -42.74
C SER D 226 -31.33 -3.31 -41.99
N GLU D 227 -31.31 -3.55 -40.68
CA GLU D 227 -32.50 -3.34 -39.85
C GLU D 227 -32.67 -1.86 -39.48
N LEU D 228 -31.61 -1.08 -39.69
CA LEU D 228 -31.64 0.36 -39.38
C LEU D 228 -32.16 1.21 -40.54
N PRO D 229 -32.69 2.41 -40.23
CA PRO D 229 -33.11 3.38 -41.25
C PRO D 229 -31.95 3.83 -42.13
N GLU D 230 -32.22 4.04 -43.42
CA GLU D 230 -31.18 4.27 -44.42
C GLU D 230 -30.14 5.30 -43.96
N ASN D 231 -30.60 6.32 -43.24
CA ASN D 231 -29.73 7.42 -42.81
C ASN D 231 -29.12 7.23 -41.42
N GLN D 232 -29.41 6.09 -40.81
CA GLN D 232 -28.81 5.71 -39.52
C GLN D 232 -27.84 4.53 -39.71
N GLN D 233 -27.82 4.00 -40.93
CA GLN D 233 -26.94 2.89 -41.29
C GLN D 233 -25.47 3.28 -41.39
N PRO D 234 -24.58 2.51 -40.74
CA PRO D 234 -23.15 2.77 -40.99
C PRO D 234 -22.75 2.24 -42.36
N ASN D 235 -22.35 3.12 -43.27
CA ASN D 235 -21.93 2.70 -44.60
C ASN D 235 -20.43 2.44 -44.61
N TYR D 236 -20.04 1.18 -44.84
CA TYR D 236 -18.64 0.80 -44.84
C TYR D 236 -18.19 0.33 -46.21
N GLU D 237 -16.96 0.73 -46.57
CA GLU D 237 -16.34 0.28 -47.80
C GLU D 237 -14.96 -0.32 -47.51
N VAL D 238 -14.60 -1.35 -48.26
CA VAL D 238 -13.35 -2.07 -48.05
C VAL D 238 -12.53 -2.06 -49.33
N MET D 239 -11.22 -1.84 -49.19
CA MET D 239 -10.31 -1.82 -50.34
C MET D 239 -10.24 -3.18 -51.00
N ARG D 240 -10.22 -3.17 -52.33
CA ARG D 240 -10.11 -4.40 -53.09
C ARG D 240 -8.69 -4.92 -53.01
N THR D 241 -8.50 -6.03 -52.31
CA THR D 241 -7.16 -6.52 -51.99
C THR D 241 -6.44 -7.10 -53.20
N GLU D 242 -7.17 -7.31 -54.30
CA GLU D 242 -6.55 -7.83 -55.52
C GLU D 242 -5.93 -6.69 -56.33
N THR D 243 -6.12 -5.46 -55.88
CA THR D 243 -5.59 -4.29 -56.58
C THR D 243 -4.17 -3.97 -56.13
N ALA D 244 -3.44 -3.25 -56.99
CA ALA D 244 -2.05 -2.89 -56.72
C ALA D 244 -1.92 -1.98 -55.51
N GLY D 245 -2.94 -1.15 -55.29
CA GLY D 245 -2.94 -0.20 -54.18
C GLY D 245 -2.82 -0.85 -52.81
N PHE D 246 -3.29 -2.08 -52.71
CA PHE D 246 -3.28 -2.80 -51.43
C PHE D 246 -1.84 -3.11 -51.00
N MET D 247 -0.93 -3.19 -51.96
CA MET D 247 0.48 -3.50 -51.67
C MET D 247 1.08 -2.51 -50.66
N ASN D 248 0.65 -1.25 -50.73
CA ASN D 248 1.09 -0.26 -49.76
C ASN D 248 0.81 -0.74 -48.34
N SER D 249 -0.38 -1.29 -48.12
CA SER D 249 -0.74 -1.80 -46.80
C SER D 249 0.18 -2.95 -46.38
N ILE D 250 0.76 -3.65 -47.35
CA ILE D 250 1.67 -4.76 -47.07
C ILE D 250 3.14 -4.33 -46.97
N ASN D 251 3.61 -3.60 -47.97
CA ASN D 251 5.02 -3.25 -48.05
C ASN D 251 5.44 -2.18 -47.05
N SER D 252 4.46 -1.45 -46.53
CA SER D 252 4.73 -0.46 -45.49
C SER D 252 5.11 -1.14 -44.18
N LYS D 253 4.62 -2.36 -44.00
CA LYS D 253 4.87 -3.13 -42.80
C LYS D 253 6.12 -4.00 -43.00
N ARG D 254 6.48 -4.23 -44.25
CA ARG D 254 7.66 -5.03 -44.55
C ARG D 254 8.91 -4.18 -44.64
N VAL D 255 8.82 -3.07 -45.36
CA VAL D 255 9.96 -2.17 -45.54
C VAL D 255 9.84 -0.94 -44.65
N ARG D 256 10.59 -0.94 -43.54
CA ARG D 256 10.57 0.18 -42.59
C ARG D 256 11.93 0.88 -42.58
N SER D 257 11.98 2.02 -43.26
CA SER D 257 13.22 2.76 -43.48
C SER D 257 13.34 3.97 -42.53
N ASP D 258 12.39 4.11 -41.61
CA ASP D 258 12.40 5.19 -40.63
C ASP D 258 13.74 5.24 -39.91
N PRO D 259 14.40 6.43 -39.87
CA PRO D 259 15.71 6.51 -39.21
C PRO D 259 15.67 6.14 -37.74
N PHE D 260 14.47 6.11 -37.17
CA PHE D 260 14.24 5.63 -35.82
C PHE D 260 14.91 4.28 -35.59
N PHE D 261 14.82 3.40 -36.59
CA PHE D 261 15.39 2.06 -36.51
C PHE D 261 16.85 1.98 -36.96
N PHE D 262 17.77 1.87 -36.01
CA PHE D 262 19.18 1.72 -36.34
C PHE D 262 19.52 0.27 -36.71
N ASN D 263 18.66 -0.65 -36.28
CA ASN D 263 18.67 -2.02 -36.79
C ASN D 263 17.45 -2.25 -37.67
N THR D 264 17.65 -2.22 -38.99
CA THR D 264 16.54 -2.30 -39.93
C THR D 264 15.74 -3.58 -39.70
N PRO D 265 14.43 -3.45 -39.44
CA PRO D 265 13.63 -4.66 -39.22
C PRO D 265 13.64 -5.60 -40.41
N PRO D 266 13.48 -6.92 -40.17
CA PRO D 266 13.37 -7.88 -41.28
C PRO D 266 12.21 -7.52 -42.20
N GLN D 267 12.36 -7.79 -43.50
CA GLN D 267 11.30 -7.48 -44.45
C GLN D 267 10.23 -8.58 -44.45
N VAL D 268 9.52 -8.68 -43.34
CA VAL D 268 8.50 -9.70 -43.14
C VAL D 268 7.36 -9.12 -42.32
N VAL D 269 6.14 -9.54 -42.63
CA VAL D 269 4.98 -9.19 -41.81
C VAL D 269 4.11 -10.41 -41.62
N ASP D 270 3.62 -10.58 -40.40
CA ASP D 270 2.65 -11.62 -40.10
C ASP D 270 1.36 -11.27 -40.83
N VAL D 271 0.83 -12.21 -41.60
CA VAL D 271 -0.37 -11.99 -42.39
C VAL D 271 -1.50 -11.41 -41.54
N CYS D 272 -1.55 -11.79 -40.27
CA CYS D 272 -2.60 -11.35 -39.37
C CYS D 272 -2.35 -9.97 -38.77
N ASP D 273 -1.21 -9.38 -39.09
CA ASP D 273 -0.91 -8.02 -38.66
C ASP D 273 -1.22 -6.98 -39.74
N VAL D 274 -1.46 -7.46 -40.96
CA VAL D 274 -1.84 -6.58 -42.07
C VAL D 274 -3.24 -6.04 -41.85
N GLU D 275 -3.38 -4.73 -41.95
CA GLU D 275 -4.68 -4.09 -41.78
C GLU D 275 -5.27 -3.80 -43.16
N VAL D 276 -6.43 -4.38 -43.44
CA VAL D 276 -7.12 -4.14 -44.70
C VAL D 276 -7.87 -2.81 -44.60
N PRO D 277 -7.53 -1.85 -45.48
CA PRO D 277 -8.24 -0.57 -45.42
C PRO D 277 -9.76 -0.74 -45.42
N THR D 278 -10.39 -0.27 -44.34
CA THR D 278 -11.83 -0.39 -44.16
C THR D 278 -12.31 0.91 -43.52
N GLU D 279 -13.22 1.62 -44.18
CA GLU D 279 -13.60 2.95 -43.73
C GLU D 279 -15.10 3.21 -43.77
N LEU D 280 -15.57 3.94 -42.77
CA LEU D 280 -16.93 4.44 -42.73
C LEU D 280 -17.02 5.65 -43.66
N VAL D 281 -18.06 5.70 -44.49
CA VAL D 281 -18.23 6.80 -45.45
C VAL D 281 -19.59 7.48 -45.33
N ASP D 282 -19.68 8.73 -45.75
CA ASP D 282 -20.93 9.48 -45.82
C ASP D 282 -20.77 10.72 -46.68
N LYS E 10 3.69 -35.83 16.71
CA LYS E 10 2.83 -34.68 16.49
C LYS E 10 1.55 -35.09 15.77
N ILE E 11 0.44 -35.10 16.50
CA ILE E 11 -0.86 -35.42 15.93
C ILE E 11 -1.35 -34.25 15.07
N ILE E 12 -1.78 -34.57 13.86
CA ILE E 12 -2.25 -33.56 12.90
C ILE E 12 -3.63 -33.03 13.31
N PRO E 13 -3.72 -31.72 13.59
CA PRO E 13 -5.01 -31.16 14.00
C PRO E 13 -6.02 -31.16 12.85
N LYS E 14 -7.31 -31.22 13.19
CA LYS E 14 -8.35 -31.20 12.18
C LYS E 14 -8.50 -29.79 11.61
N PRO E 15 -8.63 -29.67 10.27
CA PRO E 15 -8.88 -28.35 9.67
C PRO E 15 -10.36 -27.98 9.70
N THR E 16 -10.68 -26.80 9.22
CA THR E 16 -12.07 -26.35 9.16
C THR E 16 -12.78 -27.04 8.00
N PRO E 17 -14.02 -27.51 8.20
CA PRO E 17 -14.77 -28.18 7.13
C PRO E 17 -15.19 -27.24 6.00
N THR E 18 -15.40 -27.83 4.83
CA THR E 18 -15.88 -27.10 3.65
C THR E 18 -17.15 -27.76 3.13
N PRO E 19 -18.22 -26.98 2.94
CA PRO E 19 -19.46 -27.60 2.41
C PRO E 19 -19.22 -28.19 1.02
N LEU E 20 -19.93 -29.25 0.68
CA LEU E 20 -19.74 -29.89 -0.61
C LEU E 20 -20.21 -28.97 -1.73
N SER E 21 -19.53 -29.06 -2.88
CA SER E 21 -19.88 -28.26 -4.05
C SER E 21 -21.27 -28.61 -4.55
N LEU E 22 -22.01 -27.58 -4.97
CA LEU E 22 -23.35 -27.75 -5.50
C LEU E 22 -23.39 -27.32 -6.97
N GLU E 23 -22.25 -27.43 -7.63
CA GLU E 23 -22.15 -27.10 -9.05
C GLU E 23 -23.09 -27.97 -9.89
N SER E 24 -23.92 -27.32 -10.70
CA SER E 24 -24.87 -28.03 -11.56
C SER E 24 -24.11 -28.83 -12.63
N GLY E 25 -24.70 -29.97 -13.01
CA GLY E 25 -24.12 -30.88 -13.99
C GLY E 25 -24.98 -30.97 -15.23
N MET E 26 -24.72 -31.96 -16.07
CA MET E 26 -25.53 -32.20 -17.26
C MET E 26 -26.99 -32.40 -16.86
N LYS E 27 -27.20 -32.90 -15.63
CA LYS E 27 -28.55 -33.11 -15.13
C LYS E 27 -29.09 -31.77 -14.64
N GLY E 28 -30.32 -31.74 -14.14
CA GLY E 28 -30.92 -30.50 -13.67
C GLY E 28 -30.24 -29.80 -12.52
N GLU E 29 -30.85 -28.70 -12.07
CA GLU E 29 -30.32 -27.89 -10.97
C GLU E 29 -30.57 -28.61 -9.65
N ASN E 30 -31.28 -29.73 -9.72
CA ASN E 30 -31.56 -30.57 -8.56
C ASN E 30 -30.50 -31.64 -8.34
N TRP E 31 -29.41 -31.55 -9.10
CA TRP E 31 -28.26 -32.45 -8.96
C TRP E 31 -26.98 -31.65 -8.76
N ARG E 32 -25.98 -32.28 -8.14
CA ARG E 32 -24.66 -31.70 -7.97
C ARG E 32 -23.58 -32.61 -8.57
N LYS E 33 -22.53 -31.99 -9.09
CA LYS E 33 -21.36 -32.70 -9.59
C LYS E 33 -20.49 -33.15 -8.42
N ILE E 34 -20.02 -34.39 -8.42
CA ILE E 34 -18.97 -34.77 -7.48
C ILE E 34 -17.63 -34.30 -8.03
N GLU E 35 -16.87 -33.54 -7.25
CA GLU E 35 -15.55 -33.10 -7.71
CA GLU E 35 -15.55 -33.10 -7.71
C GLU E 35 -14.62 -34.31 -7.84
N PRO E 36 -13.82 -34.37 -8.93
CA PRO E 36 -12.99 -35.54 -9.17
C PRO E 36 -11.99 -35.90 -8.06
N GLU E 37 -11.48 -34.92 -7.31
CA GLU E 37 -10.52 -35.22 -6.26
C GLU E 37 -11.21 -36.00 -5.14
N ASN E 38 -12.54 -35.95 -5.11
CA ASN E 38 -13.30 -36.64 -4.08
C ASN E 38 -13.83 -38.00 -4.52
N ILE E 39 -13.40 -38.45 -5.70
CA ILE E 39 -13.74 -39.80 -6.16
C ILE E 39 -12.51 -40.68 -6.08
N VAL E 40 -12.61 -41.74 -5.30
CA VAL E 40 -11.54 -42.72 -5.15
C VAL E 40 -11.92 -44.01 -5.88
N VAL E 41 -10.99 -44.53 -6.67
CA VAL E 41 -11.19 -45.79 -7.38
C VAL E 41 -10.27 -46.85 -6.80
N ILE E 42 -10.85 -47.80 -6.07
CA ILE E 42 -10.09 -48.93 -5.53
C ILE E 42 -10.23 -50.12 -6.45
N THR E 43 -9.13 -50.51 -7.10
CA THR E 43 -9.14 -51.63 -8.03
C THR E 43 -8.81 -52.94 -7.31
N THR E 44 -9.75 -53.87 -7.34
CA THR E 44 -9.55 -55.22 -6.81
C THR E 44 -9.62 -56.21 -7.97
N LYS E 45 -9.31 -57.47 -7.70
CA LYS E 45 -9.38 -58.50 -8.75
C LYS E 45 -10.81 -58.75 -9.19
N TYR E 46 -11.77 -58.30 -8.37
CA TYR E 46 -13.19 -58.48 -8.67
C TYR E 46 -13.74 -57.35 -9.52
N GLY E 47 -13.12 -56.18 -9.40
CA GLY E 47 -13.61 -54.98 -10.06
C GLY E 47 -13.33 -53.73 -9.25
N ASP E 48 -13.85 -52.60 -9.71
CA ASP E 48 -13.56 -51.31 -9.09
C ASP E 48 -14.59 -50.89 -8.06
N ILE E 49 -14.10 -50.50 -6.89
CA ILE E 49 -14.91 -49.90 -5.84
C ILE E 49 -14.74 -48.38 -5.91
N LEU E 50 -15.83 -47.65 -6.12
CA LEU E 50 -15.76 -46.19 -6.19
C LEU E 50 -16.39 -45.55 -4.96
N ILE E 51 -15.69 -44.54 -4.44
CA ILE E 51 -16.08 -43.89 -3.20
C ILE E 51 -16.08 -42.36 -3.33
N GLU E 52 -17.13 -41.73 -2.83
CA GLU E 52 -17.19 -40.28 -2.73
C GLU E 52 -16.70 -39.83 -1.35
N LEU E 53 -15.66 -39.00 -1.34
CA LEU E 53 -15.13 -38.48 -0.09
C LEU E 53 -15.94 -37.27 0.37
N ASN E 54 -15.91 -37.00 1.66
CA ASN E 54 -16.75 -35.96 2.26
C ASN E 54 -15.94 -35.02 3.15
N PRO E 55 -15.39 -33.94 2.57
CA PRO E 55 -14.62 -32.96 3.36
C PRO E 55 -15.51 -32.03 4.19
N GLU E 56 -16.82 -32.17 4.05
CA GLU E 56 -17.75 -31.39 4.87
C GLU E 56 -17.83 -31.94 6.31
N PHE E 57 -17.48 -33.22 6.47
CA PHE E 57 -17.53 -33.86 7.79
C PHE E 57 -16.14 -34.20 8.33
N ALA E 58 -15.20 -34.52 7.43
CA ALA E 58 -13.87 -34.97 7.84
C ALA E 58 -12.80 -34.47 6.89
N PRO E 59 -12.64 -33.14 6.77
CA PRO E 59 -11.68 -32.55 5.84
C PRO E 59 -10.24 -33.02 6.05
N GLY E 60 -9.85 -33.18 7.32
CA GLY E 60 -8.50 -33.60 7.63
C GLY E 60 -8.21 -35.00 7.11
N HIS E 61 -9.16 -35.90 7.29
CA HIS E 61 -8.99 -37.28 6.83
C HIS E 61 -9.05 -37.37 5.30
N VAL E 62 -9.91 -36.56 4.68
CA VAL E 62 -10.00 -36.54 3.23
C VAL E 62 -8.66 -36.13 2.63
N ALA E 63 -8.06 -35.08 3.18
CA ALA E 63 -6.77 -34.59 2.70
C ALA E 63 -5.68 -35.66 2.87
N ARG E 64 -5.66 -36.31 4.02
CA ARG E 64 -4.71 -37.38 4.28
C ARG E 64 -4.90 -38.53 3.31
N PHE E 65 -6.16 -38.91 3.09
CA PHE E 65 -6.47 -40.02 2.21
C PHE E 65 -6.00 -39.74 0.80
N GLN E 66 -6.28 -38.53 0.32
CA GLN E 66 -5.84 -38.09 -1.00
C GLN E 66 -4.32 -38.15 -1.13
N ASP E 67 -3.62 -37.66 -0.11
CA ASP E 67 -2.16 -37.68 -0.10
C ASP E 67 -1.62 -39.08 -0.25
N MET E 68 -2.17 -40.02 0.52
CA MET E 68 -1.72 -41.40 0.49
C MET E 68 -2.02 -42.04 -0.86
N VAL E 69 -3.19 -41.75 -1.40
CA VAL E 69 -3.58 -42.29 -2.71
C VAL E 69 -2.65 -41.75 -3.79
N LYS E 70 -2.43 -40.43 -3.82
CA LYS E 70 -1.53 -39.85 -4.82
C LYS E 70 -0.12 -40.39 -4.67
N ALA E 71 0.28 -40.70 -3.44
CA ALA E 71 1.61 -41.23 -3.17
C ALA E 71 1.72 -42.73 -3.41
N ARG E 72 0.66 -43.35 -3.95
CA ARG E 72 0.65 -44.77 -4.24
C ARG E 72 0.85 -45.61 -2.98
N ALA E 73 0.50 -45.06 -1.83
CA ALA E 73 0.73 -45.72 -0.55
C ALA E 73 -0.13 -46.96 -0.34
N TYR E 74 -1.29 -47.00 -0.99
CA TYR E 74 -2.22 -48.11 -0.85
C TYR E 74 -2.05 -49.20 -1.91
N ASN E 75 -1.24 -48.93 -2.92
CA ASN E 75 -1.07 -49.91 -4.00
C ASN E 75 -0.41 -51.20 -3.52
N GLY E 76 -1.09 -52.31 -3.74
CA GLY E 76 -0.59 -53.61 -3.33
C GLY E 76 -0.90 -53.97 -1.90
N LYS E 77 -1.58 -53.07 -1.20
CA LYS E 77 -1.94 -53.31 0.19
C LYS E 77 -3.21 -54.17 0.27
N GLU E 78 -3.53 -54.64 1.47
CA GLU E 78 -4.54 -55.68 1.63
C GLU E 78 -5.73 -55.24 2.50
N PHE E 79 -6.89 -55.80 2.17
CA PHE E 79 -8.01 -55.82 3.11
C PHE E 79 -7.73 -56.95 4.09
N TYR E 80 -6.91 -56.66 5.10
CA TYR E 80 -6.32 -57.69 5.95
C TYR E 80 -7.25 -58.13 7.08
N ARG E 81 -8.33 -57.40 7.29
CA ARG E 81 -9.29 -57.73 8.34
C ARG E 81 -10.71 -57.57 7.81
N VAL E 82 -11.41 -58.69 7.67
CA VAL E 82 -12.74 -58.68 7.10
C VAL E 82 -13.66 -59.62 7.89
N ILE E 83 -14.75 -59.05 8.41
CA ILE E 83 -15.74 -59.80 9.15
C ILE E 83 -17.09 -59.70 8.44
N ASP E 84 -17.62 -60.85 8.00
CA ASP E 84 -18.86 -60.87 7.25
C ASP E 84 -19.99 -60.18 8.00
N GLY E 85 -20.71 -59.31 7.31
CA GLY E 85 -21.84 -58.61 7.90
C GLY E 85 -21.44 -57.45 8.80
N PHE E 86 -20.14 -57.21 8.93
CA PHE E 86 -19.63 -56.15 9.80
C PHE E 86 -18.89 -55.09 8.97
N VAL E 87 -17.58 -55.26 8.79
CA VAL E 87 -16.80 -54.33 7.97
C VAL E 87 -15.69 -55.03 7.21
N ALA E 88 -15.20 -54.36 6.17
CA ALA E 88 -13.98 -54.77 5.47
C ALA E 88 -12.90 -53.73 5.70
N GLN E 89 -11.85 -54.11 6.41
CA GLN E 89 -10.79 -53.18 6.81
C GLN E 89 -9.50 -53.44 6.06
N GLY E 90 -8.88 -52.36 5.59
CA GLY E 90 -7.64 -52.44 4.85
C GLY E 90 -6.77 -51.23 5.09
N GLY E 91 -5.54 -51.27 4.56
CA GLY E 91 -4.59 -50.19 4.74
C GLY E 91 -3.17 -50.70 4.72
N ILE E 92 -2.25 -49.93 5.27
CA ILE E 92 -0.83 -50.28 5.23
C ILE E 92 -0.48 -51.31 6.29
N ASP E 93 -1.36 -51.49 7.27
CA ASP E 93 -1.21 -52.51 8.29
C ASP E 93 0.14 -52.37 8.99
N ALA E 94 0.51 -51.12 9.24
CA ALA E 94 1.79 -50.80 9.89
C ALA E 94 1.82 -49.32 10.27
N GLU E 95 2.77 -48.95 11.12
CA GLU E 95 3.02 -47.55 11.41
C GLU E 95 4.10 -46.99 10.48
N ASP E 96 3.88 -45.79 9.98
CA ASP E 96 4.80 -45.15 9.03
C ASP E 96 5.02 -43.70 9.43
N LYS E 97 6.29 -43.34 9.60
CA LYS E 97 6.67 -42.00 10.04
C LYS E 97 6.20 -40.95 9.03
N LYS E 98 5.95 -41.39 7.79
CA LYS E 98 5.44 -40.50 6.75
C LYS E 98 3.98 -40.12 7.02
N TRP E 99 3.27 -40.99 7.74
CA TRP E 99 1.83 -40.80 7.98
C TRP E 99 1.50 -40.80 9.47
N PRO E 100 1.74 -39.66 10.15
CA PRO E 100 1.38 -39.56 11.58
C PRO E 100 -0.13 -39.54 11.80
N PRO E 101 -0.58 -39.87 13.02
CA PRO E 101 -2.01 -39.94 13.34
C PRO E 101 -2.74 -38.60 13.23
N LEU E 102 -4.05 -38.67 13.01
CA LEU E 102 -4.88 -37.48 12.85
C LEU E 102 -5.78 -37.25 14.04
N GLU E 103 -6.15 -35.99 14.28
CA GLU E 103 -7.19 -35.68 15.24
C GLU E 103 -8.50 -36.25 14.72
N ILE E 104 -9.28 -36.87 15.61
CA ILE E 104 -10.53 -37.50 15.20
C ILE E 104 -11.51 -36.45 14.68
N GLU E 105 -12.27 -36.83 13.65
CA GLU E 105 -13.29 -35.96 13.07
C GLU E 105 -14.62 -36.73 13.03
N HIS E 106 -15.20 -36.90 14.21
CA HIS E 106 -16.34 -37.80 14.41
C HIS E 106 -17.68 -37.08 14.28
N GLU E 107 -17.64 -35.75 14.31
CA GLU E 107 -18.84 -34.94 14.20
C GLU E 107 -18.46 -33.51 13.83
N GLN E 108 -19.45 -32.71 13.48
CA GLN E 108 -19.21 -31.31 13.13
C GLN E 108 -20.27 -30.40 13.73
N PRO E 109 -19.94 -29.11 13.90
CA PRO E 109 -20.97 -28.17 14.30
C PRO E 109 -22.11 -28.13 13.29
N LEU E 110 -23.34 -28.05 13.77
CA LEU E 110 -24.47 -27.85 12.88
C LEU E 110 -24.47 -26.38 12.44
N LEU E 111 -24.54 -26.15 11.14
CA LEU E 111 -24.48 -24.79 10.59
C LEU E 111 -25.85 -24.30 10.15
N GLU E 112 -26.07 -23.00 10.28
CA GLU E 112 -27.34 -22.37 9.91
C GLU E 112 -27.64 -22.57 8.42
N ALA E 113 -26.58 -22.67 7.61
CA ALA E 113 -26.70 -22.88 6.17
C ALA E 113 -26.98 -24.34 5.79
N ASP E 114 -26.76 -25.27 6.72
CA ASP E 114 -26.95 -26.68 6.42
C ASP E 114 -28.41 -26.99 6.11
N GLN E 115 -28.64 -27.49 4.90
CA GLN E 115 -29.97 -27.83 4.44
C GLN E 115 -30.25 -29.32 4.61
N ILE E 116 -30.50 -29.75 5.83
CA ILE E 116 -30.78 -31.15 6.11
C ILE E 116 -32.22 -31.51 5.80
N GLN E 117 -32.40 -32.58 5.03
CA GLN E 117 -33.72 -33.14 4.76
C GLN E 117 -34.07 -34.12 5.87
N LEU E 118 -34.96 -33.72 6.77
CA LEU E 118 -35.33 -34.56 7.90
C LEU E 118 -36.17 -35.75 7.47
N LEU E 119 -35.84 -36.93 7.98
CA LEU E 119 -36.65 -38.12 7.75
C LEU E 119 -37.76 -38.19 8.80
N ASP E 120 -39.00 -38.08 8.36
CA ASP E 120 -40.13 -37.98 9.28
C ASP E 120 -40.70 -39.35 9.67
N ASN E 121 -39.82 -40.23 10.13
CA ASN E 121 -40.24 -41.41 10.86
C ASN E 121 -39.13 -41.80 11.85
N ASP E 122 -39.39 -42.80 12.67
CA ASP E 122 -38.50 -43.10 13.80
C ASP E 122 -37.12 -43.62 13.37
N ASP E 123 -36.17 -43.47 14.28
CA ASP E 123 -34.85 -44.09 14.17
C ASP E 123 -34.49 -44.70 15.51
N LEU E 124 -33.75 -45.80 15.50
CA LEU E 124 -33.46 -46.52 16.73
C LEU E 124 -32.35 -45.89 17.55
N PHE E 125 -31.46 -45.14 16.90
CA PHE E 125 -30.22 -44.68 17.53
C PHE E 125 -30.14 -43.18 17.75
N ALA E 126 -30.93 -42.41 16.99
CA ALA E 126 -30.90 -40.95 17.10
C ALA E 126 -32.30 -40.36 17.05
N GLU E 127 -32.48 -39.23 17.75
CA GLU E 127 -33.76 -38.55 17.80
C GLU E 127 -34.08 -37.92 16.44
N LYS E 128 -33.05 -37.42 15.76
CA LYS E 128 -33.19 -36.77 14.45
C LYS E 128 -32.20 -37.33 13.44
N VAL E 129 -32.72 -37.83 12.32
CA VAL E 129 -31.87 -38.31 11.23
C VAL E 129 -32.41 -37.77 9.92
N GLY E 130 -31.54 -37.73 8.91
CA GLY E 130 -31.95 -37.24 7.61
C GLY E 130 -30.80 -37.28 6.63
N PHE E 131 -30.79 -36.32 5.70
CA PHE E 131 -29.80 -36.30 4.64
C PHE E 131 -29.24 -34.91 4.38
N LEU E 132 -27.92 -34.85 4.17
CA LEU E 132 -27.22 -33.62 3.85
C LEU E 132 -26.27 -33.84 2.68
N ASN E 133 -26.58 -33.21 1.55
CA ASN E 133 -25.79 -33.36 0.33
C ASN E 133 -25.54 -34.81 -0.05
N GLY E 134 -26.57 -35.63 0.05
CA GLY E 134 -26.53 -37.01 -0.42
C GLY E 134 -25.95 -38.00 0.56
N PHE E 135 -25.67 -37.55 1.79
CA PHE E 135 -25.15 -38.42 2.83
C PHE E 135 -26.14 -38.58 3.97
N PRO E 136 -26.23 -39.80 4.55
CA PRO E 136 -27.11 -40.01 5.70
C PRO E 136 -26.52 -39.37 6.95
N VAL E 137 -27.33 -38.62 7.69
CA VAL E 137 -26.85 -37.91 8.87
C VAL E 137 -27.76 -38.03 10.07
N GLY E 138 -27.15 -37.85 11.25
CA GLY E 138 -27.89 -37.62 12.47
C GLY E 138 -27.50 -36.24 12.95
N PHE E 139 -28.37 -35.60 13.73
CA PHE E 139 -28.06 -34.27 14.24
C PHE E 139 -28.90 -33.92 15.45
N ASP E 140 -28.43 -32.96 16.23
CA ASP E 140 -29.22 -32.39 17.32
C ASP E 140 -29.19 -30.87 17.18
N ALA E 141 -29.37 -30.17 18.29
CA ALA E 141 -29.40 -28.71 18.26
C ALA E 141 -28.04 -28.12 17.89
N GLU E 142 -26.97 -28.81 18.27
CA GLU E 142 -25.61 -28.27 18.14
C GLU E 142 -24.73 -28.97 17.11
N LYS E 143 -24.92 -30.27 16.92
CA LYS E 143 -23.98 -31.09 16.14
C LYS E 143 -24.66 -31.88 15.03
N LYS E 144 -23.85 -32.28 14.04
CA LYS E 144 -24.27 -33.21 13.01
C LYS E 144 -23.18 -34.25 12.80
N TRP E 145 -23.58 -35.45 12.39
CA TRP E 145 -22.62 -36.52 12.15
C TRP E 145 -23.11 -37.46 11.07
N LEU E 146 -22.18 -38.17 10.43
CA LEU E 146 -22.51 -39.15 9.42
C LEU E 146 -22.95 -40.45 10.09
N LEU E 147 -23.89 -41.16 9.47
CA LEU E 147 -24.38 -42.43 10.01
C LEU E 147 -23.61 -43.61 9.43
N HIS E 148 -23.34 -44.61 10.27
CA HIS E 148 -22.69 -45.83 9.81
C HIS E 148 -23.69 -46.73 9.09
N CYS E 149 -24.23 -46.23 7.98
CA CYS E 149 -25.05 -47.03 7.09
C CYS E 149 -24.15 -48.02 6.36
N PRO E 150 -24.73 -48.98 5.62
CA PRO E 150 -23.87 -49.84 4.80
C PRO E 150 -23.16 -49.05 3.70
N GLY E 151 -21.97 -49.49 3.31
CA GLY E 151 -21.23 -48.85 2.23
C GLY E 151 -20.67 -47.49 2.61
N MET E 152 -20.34 -47.31 3.88
CA MET E 152 -19.70 -46.09 4.34
C MET E 152 -18.21 -46.31 4.58
N LEU E 153 -17.42 -45.29 4.25
CA LEU E 153 -15.97 -45.35 4.44
C LEU E 153 -15.59 -44.57 5.68
N ALA E 154 -14.85 -45.22 6.57
CA ALA E 154 -14.43 -44.62 7.82
C ALA E 154 -13.01 -45.03 8.16
N MET E 155 -12.41 -44.35 9.12
CA MET E 155 -11.02 -44.59 9.51
C MET E 155 -10.94 -45.46 10.76
N ALA E 156 -10.19 -46.55 10.67
CA ALA E 156 -9.94 -47.39 11.84
C ALA E 156 -9.00 -46.66 12.81
N ARG E 157 -9.13 -46.97 14.09
CA ARG E 157 -8.30 -46.34 15.11
C ARG E 157 -8.10 -47.26 16.31
N ASP E 158 -7.22 -46.83 17.21
CA ASP E 158 -7.02 -47.51 18.49
C ASP E 158 -7.93 -46.86 19.52
N SER E 159 -7.81 -47.29 20.77
CA SER E 159 -8.75 -46.86 21.81
C SER E 159 -8.72 -45.35 22.02
N ASP E 160 -7.53 -44.76 22.01
CA ASP E 160 -7.42 -43.30 22.10
C ASP E 160 -7.93 -42.68 20.79
N PRO E 161 -8.80 -41.67 20.89
CA PRO E 161 -9.49 -41.14 19.70
C PRO E 161 -8.57 -40.64 18.59
N ASN E 162 -7.44 -40.04 18.94
CA ASN E 162 -6.57 -39.41 17.94
C ASN E 162 -5.47 -40.35 17.47
N THR E 163 -5.82 -41.58 17.12
CA THR E 163 -4.85 -42.58 16.68
C THR E 163 -5.06 -43.09 15.26
N GLY E 164 -6.13 -42.64 14.61
CA GLY E 164 -6.40 -43.05 13.24
C GLY E 164 -5.58 -42.25 12.23
N GLY E 165 -5.52 -42.74 10.99
CA GLY E 165 -4.93 -41.96 9.92
C GLY E 165 -4.39 -42.68 8.68
N THR E 166 -4.27 -44.00 8.70
CA THR E 166 -3.84 -44.73 7.51
C THR E 166 -4.77 -45.88 7.12
N ASP E 167 -5.36 -46.55 8.11
CA ASP E 167 -6.13 -47.76 7.83
C ASP E 167 -7.62 -47.49 7.99
N PHE E 168 -8.38 -47.93 7.00
CA PHE E 168 -9.79 -47.59 6.87
C PHE E 168 -10.64 -48.84 6.82
N TYR E 169 -11.95 -48.66 6.99
CA TYR E 169 -12.88 -49.76 6.83
C TYR E 169 -14.13 -49.33 6.08
N ILE E 170 -14.72 -50.28 5.36
CA ILE E 170 -15.99 -50.09 4.68
C ILE E 170 -17.05 -50.95 5.37
N THR E 171 -18.15 -50.34 5.78
CA THR E 171 -19.23 -51.07 6.43
C THR E 171 -19.94 -52.00 5.45
N LEU E 172 -20.17 -53.23 5.89
CA LEU E 172 -20.85 -54.24 5.09
C LEU E 172 -22.35 -54.26 5.43
N ASP E 173 -22.67 -53.73 6.61
CA ASP E 173 -24.05 -53.60 7.07
C ASP E 173 -24.02 -52.41 8.03
N ALA E 174 -25.19 -51.94 8.46
CA ALA E 174 -25.23 -50.76 9.32
C ALA E 174 -24.60 -51.07 10.69
N GLN E 175 -23.76 -50.15 11.16
CA GLN E 175 -23.12 -50.27 12.47
C GLN E 175 -23.31 -48.96 13.24
N ARG E 176 -24.57 -48.61 13.47
CA ARG E 176 -24.94 -47.31 14.01
C ARG E 176 -24.35 -47.04 15.40
N TYR E 177 -24.02 -48.08 16.14
CA TYR E 177 -23.46 -47.91 17.47
C TYR E 177 -22.09 -47.21 17.43
N LEU E 178 -21.45 -47.24 16.26
CA LEU E 178 -20.16 -46.60 16.07
C LEU E 178 -20.28 -45.10 15.86
N ASP E 179 -21.51 -44.62 15.63
CA ASP E 179 -21.73 -43.21 15.32
C ASP E 179 -21.18 -42.31 16.43
N ARG E 180 -20.58 -41.20 16.01
CA ARG E 180 -19.99 -40.21 16.91
C ARG E 180 -18.80 -40.75 17.72
N ASN E 181 -18.23 -41.86 17.28
CA ASN E 181 -17.04 -42.43 17.93
C ASN E 181 -15.94 -42.73 16.92
N MET E 182 -16.25 -42.55 15.64
CA MET E 182 -15.32 -42.86 14.56
C MET E 182 -15.36 -41.76 13.52
N THR E 183 -14.28 -41.63 12.74
CA THR E 183 -14.26 -40.69 11.63
C THR E 183 -14.79 -41.33 10.36
N VAL E 184 -16.01 -40.99 10.00
CA VAL E 184 -16.58 -41.36 8.72
C VAL E 184 -16.23 -40.26 7.71
N PHE E 185 -15.69 -40.63 6.56
CA PHE E 185 -15.26 -39.61 5.59
C PHE E 185 -15.53 -39.99 4.14
N GLY E 186 -16.37 -40.99 3.92
CA GLY E 186 -16.78 -41.33 2.56
C GLY E 186 -17.94 -42.32 2.48
N ARG E 187 -18.48 -42.48 1.28
CA ARG E 187 -19.50 -43.48 1.01
C ARG E 187 -19.24 -44.17 -0.33
N VAL E 188 -19.56 -45.46 -0.41
CA VAL E 188 -19.43 -46.20 -1.65
C VAL E 188 -20.54 -45.79 -2.62
N ILE E 189 -20.17 -45.46 -3.86
CA ILE E 189 -21.15 -45.03 -4.86
C ILE E 189 -21.24 -46.03 -6.01
N SER E 190 -20.26 -46.93 -6.10
CA SER E 190 -20.30 -48.02 -7.08
C SER E 190 -19.39 -49.16 -6.64
N GLY E 191 -19.75 -50.38 -6.99
CA GLY E 191 -18.91 -51.54 -6.73
C GLY E 191 -19.04 -52.10 -5.32
N MET E 192 -20.15 -51.83 -4.66
CA MET E 192 -20.38 -52.38 -3.32
C MET E 192 -20.35 -53.92 -3.35
N GLN E 193 -20.80 -54.50 -4.44
CA GLN E 193 -20.80 -55.96 -4.60
C GLN E 193 -19.39 -56.55 -4.50
N TYR E 194 -18.40 -55.79 -4.94
CA TYR E 194 -17.01 -56.27 -4.91
C TYR E 194 -16.49 -56.27 -3.49
N VAL E 195 -16.92 -55.29 -2.69
CA VAL E 195 -16.60 -55.26 -1.28
C VAL E 195 -17.12 -56.53 -0.61
N GLN E 196 -18.29 -56.98 -1.07
CA GLN E 196 -18.93 -58.15 -0.51
C GLN E 196 -18.24 -59.46 -0.94
N LYS E 197 -17.40 -59.39 -1.96
CA LYS E 197 -16.66 -60.56 -2.42
C LYS E 197 -15.33 -60.73 -1.71
N LEU E 198 -14.90 -59.70 -0.98
CA LEU E 198 -13.60 -59.72 -0.33
C LEU E 198 -13.43 -60.93 0.60
N GLN E 199 -12.23 -61.50 0.59
CA GLN E 199 -11.91 -62.64 1.45
C GLN E 199 -12.20 -62.30 2.91
N ARG E 200 -12.91 -63.19 3.58
CA ARG E 200 -13.34 -62.97 4.95
C ARG E 200 -12.31 -63.53 5.92
N GLY E 201 -12.19 -62.90 7.09
CA GLY E 201 -11.49 -63.50 8.21
C GLY E 201 -12.53 -64.14 9.13
N ASP E 202 -12.13 -64.41 10.37
CA ASP E 202 -13.03 -64.98 11.38
C ASP E 202 -13.01 -64.08 12.61
N LYS E 203 -14.18 -63.62 13.02
CA LYS E 203 -14.27 -62.67 14.12
C LYS E 203 -13.71 -63.24 15.43
N ASN E 204 -13.72 -64.56 15.54
CA ASN E 204 -13.23 -65.22 16.75
C ASN E 204 -11.73 -65.53 16.69
N ILE E 205 -11.09 -65.18 15.58
CA ILE E 205 -9.65 -65.37 15.42
C ILE E 205 -8.95 -64.04 15.11
N GLU E 206 -8.27 -63.50 16.11
CA GLU E 206 -7.56 -62.23 16.01
C GLU E 206 -8.47 -61.13 15.44
N GLY E 207 -9.71 -61.11 15.91
CA GLY E 207 -10.63 -60.04 15.56
C GLY E 207 -10.88 -59.88 14.07
N GLY E 208 -10.84 -61.00 13.35
CA GLY E 208 -11.14 -60.99 11.93
C GLY E 208 -9.93 -60.78 11.03
N VAL E 209 -8.75 -60.66 11.61
CA VAL E 209 -7.53 -60.52 10.82
C VAL E 209 -7.28 -61.83 10.10
N ILE E 210 -7.10 -61.76 8.79
CA ILE E 210 -6.88 -62.95 7.99
C ILE E 210 -5.52 -63.53 8.33
N GLN E 211 -5.49 -64.84 8.58
CA GLN E 211 -4.32 -65.47 9.16
C GLN E 211 -3.42 -66.13 8.14
N SER E 212 -2.13 -66.13 8.42
CA SER E 212 -1.16 -66.83 7.59
C SER E 212 -1.49 -68.32 7.62
N PRO E 213 -1.33 -69.03 6.49
CA PRO E 213 -0.62 -68.66 5.26
C PRO E 213 -1.45 -67.80 4.32
N ASN E 214 -2.65 -67.39 4.73
CA ASN E 214 -3.53 -66.68 3.82
C ASN E 214 -3.39 -65.19 4.00
N LYS E 215 -3.78 -64.46 2.96
CA LYS E 215 -3.74 -63.01 2.99
C LYS E 215 -5.01 -62.42 2.40
N GLY E 216 -5.37 -61.24 2.89
CA GLY E 216 -6.54 -60.54 2.38
C GLY E 216 -6.40 -60.16 0.93
N ASP E 217 -7.53 -59.94 0.27
CA ASP E 217 -7.52 -59.53 -1.12
C ASP E 217 -6.83 -58.18 -1.27
N GLU E 218 -6.16 -58.01 -2.41
CA GLU E 218 -5.28 -56.89 -2.65
C GLU E 218 -5.99 -55.66 -3.18
N MET E 219 -5.55 -54.49 -2.72
CA MET E 219 -5.83 -53.23 -3.40
C MET E 219 -4.79 -53.09 -4.50
N ILE E 220 -5.12 -53.57 -5.69
CA ILE E 220 -4.15 -53.61 -6.78
C ILE E 220 -3.67 -52.21 -7.12
N SER E 221 -4.61 -51.26 -7.15
CA SER E 221 -4.27 -49.85 -7.31
C SER E 221 -5.38 -48.99 -6.71
N VAL E 222 -4.99 -47.81 -6.20
CA VAL E 222 -5.94 -46.83 -5.74
C VAL E 222 -5.57 -45.46 -6.31
N LYS E 223 -6.54 -44.82 -6.96
CA LYS E 223 -6.30 -43.52 -7.60
C LYS E 223 -7.47 -42.60 -7.28
N LEU E 224 -7.23 -41.30 -7.38
CA LEU E 224 -8.32 -40.32 -7.43
C LEU E 224 -8.71 -40.13 -8.89
N ALA E 225 -9.99 -39.85 -9.12
CA ALA E 225 -10.45 -39.61 -10.49
C ALA E 225 -9.69 -38.43 -11.08
N SER E 226 -9.31 -37.48 -10.23
CA SER E 226 -8.60 -36.29 -10.67
C SER E 226 -7.21 -36.60 -11.22
N GLU E 227 -6.70 -37.79 -10.92
CA GLU E 227 -5.38 -38.18 -11.43
C GLU E 227 -5.47 -38.67 -12.87
N LEU E 228 -6.68 -38.94 -13.33
CA LEU E 228 -6.91 -39.36 -14.70
C LEU E 228 -7.07 -38.12 -15.56
N PRO E 229 -6.71 -38.20 -16.86
CA PRO E 229 -7.04 -37.09 -17.73
C PRO E 229 -8.56 -36.97 -17.85
N GLU E 230 -9.08 -35.74 -17.91
CA GLU E 230 -10.53 -35.53 -17.82
C GLU E 230 -11.37 -36.46 -18.69
N ASN E 231 -10.87 -36.84 -19.85
CA ASN E 231 -11.72 -37.55 -20.80
C ASN E 231 -11.78 -39.03 -20.44
N GLN E 232 -11.09 -39.38 -19.37
CA GLN E 232 -11.14 -40.71 -18.79
C GLN E 232 -11.74 -40.66 -17.38
N GLN E 233 -12.01 -39.45 -16.88
CA GLN E 233 -12.57 -39.28 -15.54
C GLN E 233 -14.01 -39.77 -15.47
N PRO E 234 -14.32 -40.62 -14.48
CA PRO E 234 -15.73 -40.98 -14.32
C PRO E 234 -16.50 -39.82 -13.73
N ASN E 235 -17.46 -39.31 -14.49
CA ASN E 235 -18.25 -38.16 -14.07
C ASN E 235 -19.48 -38.64 -13.30
N TYR E 236 -19.57 -38.26 -12.03
CA TYR E 236 -20.71 -38.65 -11.20
C TYR E 236 -21.50 -37.43 -10.73
N GLU E 237 -22.82 -37.56 -10.73
CA GLU E 237 -23.70 -36.52 -10.18
C GLU E 237 -24.65 -37.13 -9.16
N VAL E 238 -24.96 -36.34 -8.13
CA VAL E 238 -25.79 -36.78 -7.02
C VAL E 238 -26.99 -35.87 -6.87
N MET E 239 -28.16 -36.45 -6.64
CA MET E 239 -29.36 -35.66 -6.44
C MET E 239 -29.23 -34.84 -5.16
N ARG E 240 -29.63 -33.58 -5.26
CA ARG E 240 -29.62 -32.69 -4.11
C ARG E 240 -30.80 -33.04 -3.19
N THR E 241 -30.46 -33.56 -2.02
CA THR E 241 -31.44 -34.15 -1.11
C THR E 241 -32.32 -33.12 -0.42
N GLU E 242 -31.97 -31.84 -0.54
CA GLU E 242 -32.77 -30.78 0.08
C GLU E 242 -33.95 -30.39 -0.81
N THR E 243 -34.00 -30.97 -2.01
CA THR E 243 -35.07 -30.65 -2.95
C THR E 243 -36.28 -31.55 -2.75
N ALA E 244 -37.43 -31.08 -3.19
CA ALA E 244 -38.68 -31.82 -3.05
C ALA E 244 -38.64 -33.12 -3.84
N GLY E 245 -37.90 -33.12 -4.95
CA GLY E 245 -37.78 -34.29 -5.81
C GLY E 245 -37.22 -35.50 -5.10
N PHE E 246 -36.39 -35.27 -4.09
CA PHE E 246 -35.76 -36.36 -3.35
C PHE E 246 -36.76 -37.16 -2.50
N MET E 247 -37.83 -36.52 -2.06
CA MET E 247 -38.81 -37.15 -1.18
C MET E 247 -39.36 -38.46 -1.77
N ASN E 248 -39.52 -38.50 -3.08
CA ASN E 248 -39.98 -39.71 -3.76
C ASN E 248 -39.10 -40.91 -3.42
N SER E 249 -37.80 -40.69 -3.39
CA SER E 249 -36.85 -41.74 -3.03
C SER E 249 -37.15 -42.20 -1.60
N ILE E 250 -37.77 -41.33 -0.81
CA ILE E 250 -38.17 -41.68 0.56
C ILE E 250 -39.60 -42.28 0.56
N ASN E 251 -40.54 -41.64 -0.14
CA ASN E 251 -41.94 -42.10 -0.11
C ASN E 251 -42.20 -43.41 -0.85
N SER E 252 -41.31 -43.78 -1.76
CA SER E 252 -41.46 -45.04 -2.48
C SER E 252 -41.25 -46.27 -1.58
N LYS E 253 -40.43 -46.09 -0.55
CA LYS E 253 -40.10 -47.17 0.39
C LYS E 253 -41.03 -47.21 1.59
N ARG E 254 -41.68 -46.09 1.87
CA ARG E 254 -42.62 -45.99 2.98
C ARG E 254 -44.04 -46.35 2.55
N VAL E 255 -44.46 -45.83 1.40
CA VAL E 255 -45.80 -46.06 0.87
C VAL E 255 -45.70 -47.13 -0.22
N ARG E 256 -46.07 -48.35 0.12
CA ARG E 256 -45.97 -49.48 -0.78
C ARG E 256 -47.38 -50.01 -1.10
N SER E 257 -47.89 -49.63 -2.27
CA SER E 257 -49.27 -49.91 -2.65
C SER E 257 -49.45 -51.10 -3.60
N ASP E 258 -48.34 -51.77 -3.93
CA ASP E 258 -48.37 -52.92 -4.82
C ASP E 258 -49.39 -53.95 -4.31
N PRO E 259 -50.31 -54.41 -5.19
CA PRO E 259 -51.30 -55.40 -4.74
C PRO E 259 -50.66 -56.68 -4.24
N PHE E 260 -49.39 -56.86 -4.55
CA PHE E 260 -48.56 -57.93 -4.01
C PHE E 260 -48.72 -58.04 -2.49
N PHE E 261 -48.76 -56.87 -1.82
CA PHE E 261 -48.89 -56.81 -0.36
C PHE E 261 -50.35 -56.83 0.11
N PHE E 262 -50.79 -57.97 0.63
CA PHE E 262 -52.13 -58.06 1.21
C PHE E 262 -52.12 -57.52 2.64
N ASN E 263 -50.93 -57.50 3.24
CA ASN E 263 -50.68 -56.77 4.49
C ASN E 263 -49.83 -55.55 4.22
N THR E 264 -50.47 -54.39 4.15
CA THR E 264 -49.80 -53.15 3.77
C THR E 264 -48.62 -52.89 4.70
N PRO E 265 -47.41 -52.75 4.14
CA PRO E 265 -46.24 -52.49 4.99
C PRO E 265 -46.37 -51.19 5.78
N PRO E 266 -45.74 -51.12 6.97
CA PRO E 266 -45.73 -49.86 7.73
C PRO E 266 -45.12 -48.72 6.93
N GLN E 267 -45.63 -47.50 7.14
CA GLN E 267 -45.08 -46.34 6.45
C GLN E 267 -43.82 -45.85 7.15
N VAL E 268 -42.79 -46.68 7.08
CA VAL E 268 -41.52 -46.43 7.74
C VAL E 268 -40.38 -46.91 6.84
N VAL E 269 -39.28 -46.17 6.85
CA VAL E 269 -38.07 -46.62 6.18
C VAL E 269 -36.87 -46.32 7.07
N ASP E 270 -35.96 -47.29 7.16
CA ASP E 270 -34.70 -47.09 7.84
C ASP E 270 -33.87 -46.09 7.03
N VAL E 271 -33.39 -45.05 7.70
CA VAL E 271 -32.60 -44.01 7.05
C VAL E 271 -31.46 -44.59 6.23
N CYS E 272 -30.90 -45.70 6.70
CA CYS E 272 -29.75 -46.30 6.03
C CYS E 272 -30.15 -47.20 4.87
N ASP E 273 -31.46 -47.37 4.67
CA ASP E 273 -31.93 -48.12 3.52
C ASP E 273 -32.30 -47.16 2.38
N VAL E 274 -32.43 -45.88 2.69
CA VAL E 274 -32.78 -44.90 1.65
C VAL E 274 -31.61 -44.75 0.68
N GLU E 275 -31.90 -44.93 -0.61
CA GLU E 275 -30.88 -44.79 -1.64
C GLU E 275 -30.93 -43.42 -2.30
N VAL E 276 -29.82 -42.68 -2.18
CA VAL E 276 -29.69 -41.37 -2.80
C VAL E 276 -29.33 -41.53 -4.27
N PRO E 277 -30.18 -41.03 -5.18
CA PRO E 277 -29.87 -41.14 -6.61
C PRO E 277 -28.47 -40.63 -6.96
N THR E 278 -27.67 -41.52 -7.52
CA THR E 278 -26.29 -41.23 -7.89
C THR E 278 -26.04 -41.93 -9.22
N GLU E 279 -25.63 -41.16 -10.22
CA GLU E 279 -25.55 -41.66 -11.59
C GLU E 279 -24.23 -41.31 -12.24
N LEU E 280 -23.69 -42.23 -13.03
CA LEU E 280 -22.53 -41.92 -13.84
C LEU E 280 -22.99 -41.11 -15.04
N VAL E 281 -22.29 -40.01 -15.33
CA VAL E 281 -22.60 -39.16 -16.48
C VAL E 281 -21.34 -38.94 -17.32
N LYS F 10 5.54 72.05 3.87
CA LYS F 10 5.44 72.13 5.33
C LYS F 10 6.06 70.90 5.99
N ILE F 11 6.91 70.20 5.25
CA ILE F 11 7.66 69.09 5.80
C ILE F 11 8.73 69.64 6.74
N ILE F 12 8.81 69.05 7.93
CA ILE F 12 9.78 69.47 8.93
C ILE F 12 11.18 69.08 8.48
N PRO F 13 12.06 70.08 8.27
CA PRO F 13 13.43 69.75 7.83
C PRO F 13 14.23 69.04 8.91
N LYS F 14 15.18 68.22 8.49
CA LYS F 14 15.99 67.47 9.44
C LYS F 14 16.99 68.40 10.12
N PRO F 15 17.14 68.28 11.45
CA PRO F 15 18.13 69.10 12.17
C PRO F 15 19.54 68.50 12.12
N THR F 16 20.50 69.18 12.72
CA THR F 16 21.87 68.69 12.75
C THR F 16 21.98 67.58 13.81
N PRO F 17 22.68 66.47 13.47
CA PRO F 17 22.83 65.38 14.45
C PRO F 17 23.72 65.73 15.63
N THR F 18 23.49 65.04 16.76
CA THR F 18 24.30 65.19 17.96
C THR F 18 24.86 63.84 18.40
N PRO F 19 26.18 63.75 18.61
CA PRO F 19 26.76 62.46 19.04
C PRO F 19 26.23 62.01 20.39
N LEU F 20 26.14 60.69 20.58
CA LEU F 20 25.62 60.14 21.83
C LEU F 20 26.57 60.43 23.00
N SER F 21 25.97 60.59 24.18
CA SER F 21 26.74 60.81 25.40
C SER F 21 27.63 59.61 25.67
N LEU F 22 28.84 59.87 26.13
CA LEU F 22 29.78 58.81 26.46
C LEU F 22 30.04 58.88 27.97
N GLU F 23 29.08 59.44 28.69
CA GLU F 23 29.15 59.50 30.14
C GLU F 23 29.16 58.11 30.76
N SER F 24 30.18 57.86 31.57
CA SER F 24 30.31 56.58 32.26
C SER F 24 29.27 56.41 33.36
N GLY F 25 28.90 55.16 33.62
CA GLY F 25 27.90 54.79 34.60
C GLY F 25 28.52 54.01 35.74
N MET F 26 27.68 53.35 36.53
CA MET F 26 28.13 52.55 37.67
C MET F 26 29.19 51.52 37.26
N LYS F 27 29.15 51.11 36.01
CA LYS F 27 30.11 50.15 35.50
C LYS F 27 31.42 50.87 35.20
N GLY F 28 32.34 50.21 34.52
CA GLY F 28 33.59 50.87 34.18
C GLY F 28 33.40 51.88 33.07
N GLU F 29 34.49 52.52 32.68
CA GLU F 29 34.45 53.53 31.63
C GLU F 29 34.41 52.86 30.25
N ASN F 30 34.37 51.53 30.25
CA ASN F 30 34.20 50.78 29.01
C ASN F 30 32.72 50.66 28.71
N TRP F 31 31.91 51.36 29.50
CA TRP F 31 30.47 51.42 29.30
C TRP F 31 30.01 52.89 29.25
N ARG F 32 28.88 53.14 28.59
CA ARG F 32 28.27 54.46 28.57
C ARG F 32 26.85 54.39 29.12
N LYS F 33 26.42 55.48 29.77
CA LYS F 33 25.04 55.61 30.22
C LYS F 33 24.11 56.00 29.08
N ILE F 34 22.97 55.33 28.97
CA ILE F 34 21.92 55.78 28.08
C ILE F 34 21.13 56.86 28.79
N GLU F 35 21.01 58.03 28.17
CA GLU F 35 20.21 59.11 28.76
C GLU F 35 18.74 58.69 28.78
N PRO F 36 18.04 58.97 29.90
CA PRO F 36 16.64 58.55 30.04
C PRO F 36 15.71 59.06 28.94
N GLU F 37 15.98 60.24 28.38
CA GLU F 37 15.11 60.78 27.35
C GLU F 37 15.17 59.94 26.08
N ASN F 38 16.23 59.13 25.95
CA ASN F 38 16.41 58.28 24.78
C ASN F 38 15.95 56.85 25.01
N ILE F 39 15.30 56.61 26.15
CA ILE F 39 14.70 55.30 26.43
C ILE F 39 13.19 55.36 26.30
N VAL F 40 12.65 54.54 25.41
CA VAL F 40 11.21 54.43 25.23
C VAL F 40 10.70 53.12 25.82
N VAL F 41 9.62 53.20 26.59
CA VAL F 41 8.99 52.03 27.18
C VAL F 41 7.61 51.80 26.56
N ILE F 42 7.50 50.77 25.72
CA ILE F 42 6.22 50.40 25.13
C ILE F 42 5.57 49.27 25.92
N THR F 43 4.46 49.57 26.57
CA THR F 43 3.74 48.57 27.36
C THR F 43 2.70 47.85 26.51
N THR F 44 2.87 46.54 26.38
CA THR F 44 1.89 45.68 25.72
C THR F 44 1.31 44.73 26.76
N LYS F 45 0.29 43.97 26.37
CA LYS F 45 -0.31 43.00 27.29
C LYS F 45 0.65 41.86 27.61
N TYR F 46 1.71 41.73 26.81
CA TYR F 46 2.70 40.69 27.02
C TYR F 46 3.81 41.13 27.97
N GLY F 47 4.05 42.44 28.05
CA GLY F 47 5.15 42.99 28.81
C GLY F 47 5.70 44.25 28.15
N ASP F 48 6.81 44.76 28.70
CA ASP F 48 7.39 46.02 28.24
C ASP F 48 8.47 45.82 27.18
N ILE F 49 8.35 46.57 26.08
CA ILE F 49 9.39 46.65 25.06
C ILE F 49 10.19 47.94 25.29
N LEU F 50 11.50 47.81 25.52
CA LEU F 50 12.35 48.98 25.74
C LEU F 50 13.27 49.24 24.56
N ILE F 51 13.36 50.51 24.18
CA ILE F 51 14.10 50.94 22.99
C ILE F 51 15.03 52.12 23.29
N GLU F 52 16.26 52.04 22.79
CA GLU F 52 17.19 53.15 22.85
C GLU F 52 17.10 53.98 21.57
N LEU F 53 16.80 55.27 21.71
CA LEU F 53 16.73 56.16 20.57
C LEU F 53 18.13 56.66 20.18
N ASN F 54 18.30 57.03 18.92
CA ASN F 54 19.60 57.40 18.40
C ASN F 54 19.56 58.71 17.62
N PRO F 55 19.73 59.85 18.31
CA PRO F 55 19.74 61.16 17.66
C PRO F 55 21.04 61.47 16.93
N GLU F 56 22.01 60.56 17.02
CA GLU F 56 23.27 60.70 16.30
C GLU F 56 23.04 60.40 14.82
N PHE F 57 21.97 59.64 14.52
CA PHE F 57 21.62 59.28 13.15
C PHE F 57 20.32 59.93 12.67
N ALA F 58 19.37 60.15 13.58
CA ALA F 58 18.05 60.65 13.20
C ALA F 58 17.47 61.59 14.25
N PRO F 59 18.15 62.72 14.49
CA PRO F 59 17.75 63.68 15.53
C PRO F 59 16.32 64.20 15.37
N GLY F 60 15.91 64.45 14.13
CA GLY F 60 14.58 64.96 13.86
C GLY F 60 13.48 63.98 14.23
N HIS F 61 13.67 62.71 13.87
CA HIS F 61 12.68 61.68 14.16
C HIS F 61 12.64 61.36 15.66
N VAL F 62 13.80 61.41 16.30
CA VAL F 62 13.87 61.19 17.75
C VAL F 62 13.05 62.26 18.46
N ALA F 63 13.25 63.51 18.06
CA ALA F 63 12.54 64.64 18.65
C ALA F 63 11.03 64.50 18.45
N ARG F 64 10.64 64.14 17.23
CA ARG F 64 9.23 63.91 16.92
C ARG F 64 8.66 62.77 17.75
N PHE F 65 9.42 61.67 17.82
CA PHE F 65 8.96 60.50 18.55
C PHE F 65 8.78 60.87 20.02
N GLN F 66 9.77 61.58 20.56
CA GLN F 66 9.69 62.05 21.94
C GLN F 66 8.44 62.91 22.14
N ASP F 67 8.19 63.84 21.22
CA ASP F 67 7.02 64.72 21.32
C ASP F 67 5.72 63.93 21.38
N MET F 68 5.57 62.95 20.49
CA MET F 68 4.34 62.17 20.41
C MET F 68 4.16 61.32 21.66
N VAL F 69 5.26 60.74 22.16
CA VAL F 69 5.22 59.94 23.37
C VAL F 69 4.80 60.83 24.55
N LYS F 70 5.44 62.00 24.67
CA LYS F 70 5.15 62.91 25.77
C LYS F 70 3.69 63.33 25.70
N ALA F 71 3.17 63.46 24.48
CA ALA F 71 1.79 63.86 24.26
C ALA F 71 0.82 62.68 24.34
N ARG F 72 1.34 61.50 24.66
CA ARG F 72 0.51 60.30 24.81
C ARG F 72 -0.24 59.95 23.53
N ALA F 73 0.33 60.34 22.40
CA ALA F 73 -0.32 60.14 21.10
C ALA F 73 -0.41 58.66 20.72
N TYR F 74 0.48 57.84 21.27
CA TYR F 74 0.53 56.42 20.95
C TYR F 74 -0.29 55.53 21.89
N ASN F 75 -0.79 56.10 23.00
CA ASN F 75 -1.51 55.30 23.98
C ASN F 75 -2.84 54.77 23.44
N GLY F 76 -2.99 53.45 23.49
CA GLY F 76 -4.19 52.79 23.00
C GLY F 76 -4.13 52.52 21.51
N LYS F 77 -3.04 52.89 20.85
CA LYS F 77 -2.89 52.64 19.43
C LYS F 77 -2.41 51.21 19.18
N GLU F 78 -2.42 50.80 17.91
CA GLU F 78 -2.26 49.40 17.56
C GLU F 78 -1.05 49.10 16.70
N PHE F 79 -0.49 47.90 16.90
CA PHE F 79 0.39 47.29 15.91
C PHE F 79 -0.50 46.69 14.83
N TYR F 80 -0.93 47.54 13.91
CA TYR F 80 -2.00 47.21 12.97
C TYR F 80 -1.49 46.42 11.76
N ARG F 81 -0.17 46.37 11.59
CA ARG F 81 0.43 45.65 10.48
C ARG F 81 1.63 44.86 10.96
N VAL F 82 1.49 43.54 10.98
CA VAL F 82 2.54 42.65 11.49
C VAL F 82 2.68 41.45 10.56
N ILE F 83 3.88 41.28 10.03
CA ILE F 83 4.21 40.16 9.15
C ILE F 83 5.34 39.35 9.77
N ASP F 84 5.07 38.08 10.05
CA ASP F 84 6.04 37.22 10.73
C ASP F 84 7.36 37.16 9.97
N GLY F 85 8.46 37.33 10.70
CA GLY F 85 9.79 37.27 10.12
C GLY F 85 10.17 38.53 9.36
N PHE F 86 9.28 39.52 9.32
CA PHE F 86 9.51 40.75 8.59
C PHE F 86 9.55 41.94 9.55
N VAL F 87 8.39 42.57 9.79
CA VAL F 87 8.33 43.70 10.73
C VAL F 87 7.01 43.71 11.49
N ALA F 88 7.01 44.42 12.62
CA ALA F 88 5.80 44.76 13.34
C ALA F 88 5.61 46.26 13.28
N GLN F 89 4.56 46.70 12.58
CA GLN F 89 4.33 48.11 12.33
C GLN F 89 3.13 48.62 13.14
N GLY F 90 3.30 49.78 13.74
CA GLY F 90 2.25 50.38 14.56
C GLY F 90 2.29 51.90 14.48
N GLY F 91 1.29 52.52 15.09
CA GLY F 91 1.18 53.97 15.08
C GLY F 91 -0.26 54.41 15.12
N ILE F 92 -0.50 55.64 14.69
CA ILE F 92 -1.83 56.25 14.78
C ILE F 92 -2.72 55.76 13.63
N ASP F 93 -2.10 55.19 12.61
CA ASP F 93 -2.82 54.56 11.49
C ASP F 93 -3.79 55.55 10.84
N ALA F 94 -3.32 56.78 10.69
CA ALA F 94 -4.11 57.86 10.12
C ALA F 94 -3.23 59.08 9.87
N GLU F 95 -3.77 60.04 9.13
CA GLU F 95 -3.12 61.34 8.97
C GLU F 95 -3.58 62.28 10.08
N ASP F 96 -2.65 63.00 10.67
CA ASP F 96 -2.95 63.94 11.76
C ASP F 96 -2.21 65.24 11.53
N LYS F 97 -2.97 66.32 11.45
CA LYS F 97 -2.44 67.63 11.13
C LYS F 97 -1.47 68.11 12.22
N LYS F 98 -1.63 67.52 13.42
CA LYS F 98 -0.77 67.85 14.55
C LYS F 98 0.64 67.33 14.29
N TRP F 99 0.74 66.29 13.47
CA TRP F 99 2.01 65.61 13.20
C TRP F 99 2.32 65.58 11.71
N PRO F 100 2.84 66.71 11.18
CA PRO F 100 3.21 66.73 9.75
C PRO F 100 4.42 65.86 9.44
N PRO F 101 4.58 65.48 8.16
CA PRO F 101 5.68 64.58 7.76
C PRO F 101 7.06 65.20 7.98
N LEU F 102 8.07 64.34 8.15
CA LEU F 102 9.44 64.75 8.41
C LEU F 102 10.32 64.52 7.20
N GLU F 103 11.39 65.31 7.08
CA GLU F 103 12.43 65.04 6.10
C GLU F 103 13.11 63.72 6.47
N ILE F 104 13.36 62.88 5.47
CA ILE F 104 13.96 61.58 5.72
C ILE F 104 15.37 61.74 6.29
N GLU F 105 15.73 60.86 7.23
CA GLU F 105 17.05 60.84 7.84
C GLU F 105 17.64 59.44 7.73
N HIS F 106 18.01 59.06 6.51
CA HIS F 106 18.38 57.69 6.19
C HIS F 106 19.89 57.44 6.32
N GLU F 107 20.64 58.52 6.41
CA GLU F 107 22.09 58.43 6.55
C GLU F 107 22.64 59.75 7.08
N GLN F 108 23.90 59.75 7.49
CA GLN F 108 24.55 60.95 7.99
C GLN F 108 25.98 61.06 7.46
N PRO F 109 26.52 62.29 7.39
CA PRO F 109 27.94 62.42 7.08
C PRO F 109 28.80 61.68 8.10
N LEU F 110 29.85 61.02 7.64
CA LEU F 110 30.79 60.40 8.55
C LEU F 110 31.64 61.50 9.17
N LEU F 111 31.69 61.52 10.51
CA LEU F 111 32.40 62.57 11.23
C LEU F 111 33.73 62.03 11.77
N GLU F 112 34.72 62.92 11.85
CA GLU F 112 36.05 62.56 12.31
C GLU F 112 36.03 62.03 13.75
N ALA F 113 35.07 62.50 14.53
CA ALA F 113 34.94 62.06 15.92
C ALA F 113 34.32 60.67 16.02
N ASP F 114 33.67 60.21 14.96
CA ASP F 114 33.04 58.90 14.99
C ASP F 114 34.09 57.78 15.05
N GLN F 115 34.08 57.04 16.16
CA GLN F 115 34.97 55.90 16.38
C GLN F 115 34.28 54.58 16.06
N ILE F 116 34.20 54.28 14.77
CA ILE F 116 33.56 53.06 14.30
C ILE F 116 34.49 51.86 14.48
N GLN F 117 33.97 50.83 15.12
CA GLN F 117 34.67 49.55 15.24
C GLN F 117 34.35 48.71 14.01
N LEU F 118 35.32 48.59 13.11
CA LEU F 118 35.12 47.85 11.88
C LEU F 118 35.02 46.35 12.14
N LEU F 119 34.05 45.71 11.51
CA LEU F 119 33.94 44.26 11.55
C LEU F 119 34.79 43.66 10.44
N ASP F 120 35.82 42.92 10.82
CA ASP F 120 36.80 42.41 9.86
C ASP F 120 36.41 41.05 9.28
N ASN F 121 35.18 40.95 8.79
CA ASN F 121 34.77 39.86 7.90
C ASN F 121 33.71 40.35 6.94
N ASP F 122 33.31 39.50 5.99
CA ASP F 122 32.47 39.91 4.89
C ASP F 122 31.05 40.31 5.32
N ASP F 123 30.42 41.12 4.48
CA ASP F 123 29.00 41.44 4.63
C ASP F 123 28.36 41.34 3.24
N LEU F 124 27.10 40.94 3.18
CA LEU F 124 26.45 40.70 1.89
C LEU F 124 25.98 41.97 1.19
N PHE F 125 25.72 43.02 1.96
CA PHE F 125 25.02 44.20 1.44
C PHE F 125 25.88 45.46 1.40
N ALA F 126 26.94 45.48 2.19
CA ALA F 126 27.80 46.66 2.28
C ALA F 126 29.27 46.28 2.30
N GLU F 127 30.08 47.18 1.74
CA GLU F 127 31.53 47.01 1.66
C GLU F 127 32.18 47.12 3.03
N LYS F 128 31.65 48.01 3.84
CA LYS F 128 32.13 48.25 5.20
C LYS F 128 31.00 48.30 6.21
N VAL F 129 31.12 47.46 7.24
CA VAL F 129 30.15 47.46 8.33
C VAL F 129 30.90 47.40 9.65
N GLY F 130 30.23 47.81 10.72
CA GLY F 130 30.82 47.79 12.04
C GLY F 130 29.86 48.32 13.09
N PHE F 131 30.42 48.93 14.13
CA PHE F 131 29.62 49.40 15.26
C PHE F 131 30.05 50.79 15.71
N LEU F 132 29.05 51.62 15.99
CA LEU F 132 29.27 52.96 16.48
C LEU F 132 28.37 53.19 17.69
N ASN F 133 29.00 53.33 18.85
CA ASN F 133 28.28 53.55 20.11
C ASN F 133 27.15 52.53 20.31
N GLY F 134 27.45 51.27 20.03
CA GLY F 134 26.53 50.17 20.33
C GLY F 134 25.48 49.90 19.28
N PHE F 135 25.56 50.58 18.14
CA PHE F 135 24.61 50.36 17.05
C PHE F 135 25.32 49.77 15.84
N PRO F 136 24.65 48.82 15.13
CA PRO F 136 25.25 48.29 13.90
C PRO F 136 25.17 49.31 12.77
N VAL F 137 26.29 49.55 12.10
CA VAL F 137 26.33 50.56 11.04
C VAL F 137 27.05 50.07 9.79
N GLY F 138 26.70 50.70 8.67
CA GLY F 138 27.47 50.58 7.44
C GLY F 138 28.01 51.96 7.11
N PHE F 139 29.10 52.02 6.36
CA PHE F 139 29.67 53.31 5.99
C PHE F 139 30.59 53.20 4.77
N ASP F 140 30.79 54.34 4.11
CA ASP F 140 31.75 54.44 3.02
C ASP F 140 32.67 55.64 3.28
N ALA F 141 33.21 56.24 2.23
CA ALA F 141 34.15 57.34 2.40
C ALA F 141 33.48 58.58 2.98
N GLU F 142 32.21 58.78 2.65
CA GLU F 142 31.50 60.01 2.99
C GLU F 142 30.38 59.84 4.02
N LYS F 143 29.75 58.66 4.00
CA LYS F 143 28.50 58.47 4.74
C LYS F 143 28.53 57.30 5.73
N LYS F 144 27.64 57.37 6.70
CA LYS F 144 27.37 56.25 7.59
C LYS F 144 25.86 56.11 7.73
N TRP F 145 25.41 54.88 7.98
CA TRP F 145 23.99 54.60 8.12
C TRP F 145 23.78 53.43 9.06
N LEU F 146 22.59 53.38 9.66
CA LEU F 146 22.23 52.28 10.54
C LEU F 146 21.78 51.08 9.71
N LEU F 147 22.08 49.88 10.20
CA LEU F 147 21.70 48.65 9.51
C LEU F 147 20.36 48.11 10.03
N HIS F 148 19.55 47.58 9.11
CA HIS F 148 18.29 46.96 9.47
C HIS F 148 18.49 45.57 10.05
N CYS F 149 19.20 45.50 11.17
CA CYS F 149 19.33 44.26 11.92
C CYS F 149 18.00 43.95 12.59
N PRO F 150 17.85 42.75 13.15
CA PRO F 150 16.62 42.50 13.93
C PRO F 150 16.55 43.42 15.14
N GLY F 151 15.33 43.77 15.56
CA GLY F 151 15.15 44.59 16.74
C GLY F 151 15.55 46.04 16.53
N MET F 152 15.44 46.53 15.30
CA MET F 152 15.70 47.93 15.01
C MET F 152 14.39 48.69 14.83
N LEU F 153 14.37 49.93 15.29
CA LEU F 153 13.21 50.79 15.18
C LEU F 153 13.38 51.79 14.04
N ALA F 154 12.41 51.83 13.14
CA ALA F 154 12.47 52.72 11.99
C ALA F 154 11.09 53.31 11.70
N MET F 155 11.06 54.35 10.87
CA MET F 155 9.82 55.05 10.55
C MET F 155 9.25 54.55 9.22
N ALA F 156 8.00 54.14 9.24
CA ALA F 156 7.31 53.76 8.01
C ALA F 156 7.05 55.01 7.19
N ARG F 157 6.98 54.85 5.88
CA ARG F 157 6.73 55.98 4.99
C ARG F 157 6.05 55.53 3.71
N ASP F 158 5.62 56.50 2.91
CA ASP F 158 5.07 56.24 1.60
C ASP F 158 6.20 56.31 0.58
N SER F 159 5.87 56.21 -0.70
CA SER F 159 6.89 56.10 -1.75
C SER F 159 7.80 57.31 -1.77
N ASP F 160 7.24 58.48 -1.59
CA ASP F 160 8.05 59.69 -1.51
C ASP F 160 8.83 59.71 -0.19
N PRO F 161 10.14 59.98 -0.24
CA PRO F 161 10.98 59.83 0.96
C PRO F 161 10.55 60.66 2.18
N ASN F 162 10.04 61.87 1.97
CA ASN F 162 9.74 62.78 3.08
C ASN F 162 8.28 62.70 3.51
N THR F 163 7.78 61.48 3.70
CA THR F 163 6.38 61.27 4.09
C THR F 163 6.22 60.53 5.42
N GLY F 164 7.31 60.13 6.04
CA GLY F 164 7.25 59.45 7.33
C GLY F 164 7.09 60.46 8.45
N GLY F 165 6.71 59.98 9.64
CA GLY F 165 6.72 60.84 10.82
C GLY F 165 5.83 60.48 11.98
N THR F 166 4.91 59.51 11.81
CA THR F 166 4.06 59.08 12.93
C THR F 166 4.09 57.58 13.17
N ASP F 167 4.17 56.80 12.09
CA ASP F 167 4.03 55.36 12.21
C ASP F 167 5.36 54.65 11.99
N PHE F 168 5.66 53.72 12.89
CA PHE F 168 6.99 53.11 12.96
C PHE F 168 6.89 51.59 12.81
N TYR F 169 8.02 50.94 12.59
CA TYR F 169 8.08 49.49 12.58
C TYR F 169 9.33 48.98 13.30
N ILE F 170 9.20 47.79 13.89
CA ILE F 170 10.33 47.10 14.50
C ILE F 170 10.63 45.86 13.67
N THR F 171 11.87 45.72 13.25
CA THR F 171 12.28 44.57 12.45
C THR F 171 12.26 43.29 13.29
N LEU F 172 11.68 42.24 12.73
CA LEU F 172 11.60 40.94 13.40
C LEU F 172 12.77 40.05 12.96
N ASP F 173 13.35 40.38 11.82
CA ASP F 173 14.50 39.69 11.28
C ASP F 173 15.23 40.73 10.43
N ALA F 174 16.44 40.42 9.96
CA ALA F 174 17.21 41.40 9.21
C ALA F 174 16.53 41.77 7.90
N GLN F 175 16.47 43.06 7.59
CA GLN F 175 15.89 43.54 6.34
C GLN F 175 16.85 44.53 5.68
N ARG F 176 18.05 44.06 5.38
CA ARG F 176 19.13 44.92 4.94
C ARG F 176 18.85 45.67 3.64
N TYR F 177 17.94 45.15 2.83
CA TYR F 177 17.61 45.79 1.55
C TYR F 177 17.00 47.17 1.77
N LEU F 178 16.48 47.40 2.96
CA LEU F 178 15.89 48.69 3.32
C LEU F 178 16.92 49.74 3.69
N ASP F 179 18.18 49.32 3.87
CA ASP F 179 19.23 50.22 4.31
C ASP F 179 19.39 51.41 3.36
N ARG F 180 19.60 52.59 3.92
CA ARG F 180 19.78 53.84 3.17
C ARG F 180 18.53 54.23 2.37
N ASN F 181 17.39 53.67 2.73
CA ASN F 181 16.11 54.03 2.10
C ASN F 181 15.03 54.36 3.13
N MET F 182 15.36 54.17 4.40
CA MET F 182 14.42 54.40 5.50
C MET F 182 15.10 55.10 6.65
N THR F 183 14.32 55.77 7.48
CA THR F 183 14.87 56.38 8.69
C THR F 183 14.87 55.39 9.85
N VAL F 184 16.04 54.87 10.17
CA VAL F 184 16.22 54.06 11.37
C VAL F 184 16.63 54.99 12.50
N PHE F 185 15.96 54.91 13.65
CA PHE F 185 16.23 55.85 14.73
C PHE F 185 16.20 55.25 16.14
N GLY F 186 16.23 53.92 16.23
CA GLY F 186 16.32 53.28 17.52
C GLY F 186 16.62 51.78 17.44
N ARG F 187 16.93 51.19 18.59
CA ARG F 187 17.11 49.73 18.68
C ARG F 187 16.45 49.21 19.95
N VAL F 188 15.90 48.00 19.87
CA VAL F 188 15.32 47.34 21.04
C VAL F 188 16.44 46.86 21.96
N ILE F 189 16.34 47.17 23.25
CA ILE F 189 17.34 46.77 24.23
C ILE F 189 16.77 45.78 25.24
N SER F 190 15.45 45.68 25.30
CA SER F 190 14.77 44.69 26.13
C SER F 190 13.34 44.43 25.64
N GLY F 191 12.87 43.21 25.84
CA GLY F 191 11.50 42.87 25.51
C GLY F 191 11.26 42.51 24.06
N MET F 192 12.33 42.14 23.35
CA MET F 192 12.21 41.72 21.96
C MET F 192 11.25 40.54 21.84
N GLN F 193 11.27 39.68 22.84
CA GLN F 193 10.39 38.50 22.85
C GLN F 193 8.91 38.89 22.77
N TYR F 194 8.57 40.06 23.31
CA TYR F 194 7.19 40.52 23.30
C TYR F 194 6.79 41.02 21.91
N VAL F 195 7.74 41.62 21.19
CA VAL F 195 7.52 42.00 19.80
C VAL F 195 7.17 40.74 19.00
N GLN F 196 7.81 39.64 19.35
CA GLN F 196 7.62 38.38 18.65
C GLN F 196 6.28 37.74 19.00
N LYS F 197 5.64 38.20 20.06
CA LYS F 197 4.32 37.70 20.45
C LYS F 197 3.19 38.46 19.79
N LEU F 198 3.51 39.62 19.21
CA LEU F 198 2.49 40.49 18.63
C LEU F 198 1.67 39.73 17.60
N GLN F 199 0.36 39.94 17.63
CA GLN F 199 -0.54 39.30 16.69
C GLN F 199 -0.16 39.60 15.24
N ARG F 200 -0.11 38.53 14.43
CA ARG F 200 0.26 38.63 13.03
C ARG F 200 -0.94 38.86 12.12
N GLY F 201 -0.68 39.58 11.03
CA GLY F 201 -1.59 39.64 9.90
C GLY F 201 -1.08 38.65 8.87
N ASP F 202 -1.52 38.81 7.62
CA ASP F 202 -1.10 37.96 6.52
C ASP F 202 -0.55 38.83 5.39
N LYS F 203 0.69 38.55 4.98
CA LYS F 203 1.36 39.37 3.98
C LYS F 203 0.63 39.38 2.64
N ASN F 204 -0.14 38.34 2.37
CA ASN F 204 -0.92 38.23 1.13
C ASN F 204 -2.32 38.82 1.25
N ILE F 205 -2.65 39.34 2.43
CA ILE F 205 -3.93 40.00 2.65
C ILE F 205 -3.70 41.43 3.13
N GLU F 206 -3.88 42.39 2.23
CA GLU F 206 -3.71 43.80 2.52
C GLU F 206 -2.35 44.09 3.16
N GLY F 207 -1.31 43.45 2.65
CA GLY F 207 0.06 43.73 3.06
C GLY F 207 0.34 43.54 4.53
N GLY F 208 -0.34 42.58 5.16
CA GLY F 208 -0.08 42.27 6.55
C GLY F 208 -0.93 43.07 7.52
N VAL F 209 -1.80 43.93 7.00
CA VAL F 209 -2.69 44.70 7.84
C VAL F 209 -3.73 43.78 8.46
N ILE F 210 -3.85 43.85 9.78
CA ILE F 210 -4.77 42.99 10.50
C ILE F 210 -6.21 43.37 10.16
N GLN F 211 -7.00 42.35 9.83
CA GLN F 211 -8.31 42.54 9.22
C GLN F 211 -9.46 42.44 10.23
N SER F 212 -10.55 43.14 9.94
CA SER F 212 -11.76 43.03 10.75
C SER F 212 -12.23 41.58 10.68
N PRO F 213 -12.84 41.07 11.75
CA PRO F 213 -13.25 41.74 13.00
C PRO F 213 -12.12 41.93 14.00
N ASN F 214 -10.89 41.63 13.60
CA ASN F 214 -9.79 41.61 14.55
C ASN F 214 -9.03 42.92 14.58
N LYS F 215 -8.28 43.12 15.66
CA LYS F 215 -7.45 44.31 15.84
C LYS F 215 -6.06 43.91 16.29
N GLY F 216 -5.07 44.71 15.90
CA GLY F 216 -3.70 44.50 16.33
C GLY F 216 -3.55 44.70 17.82
N ASP F 217 -2.51 44.10 18.39
CA ASP F 217 -2.23 44.26 19.81
C ASP F 217 -1.91 45.72 20.13
N GLU F 218 -2.31 46.14 21.33
CA GLU F 218 -2.25 47.54 21.72
C GLU F 218 -0.92 47.98 22.30
N MET F 219 -0.55 49.21 21.97
CA MET F 219 0.43 49.95 22.75
C MET F 219 -0.36 50.56 23.89
N ILE F 220 -0.46 49.84 25.00
CA ILE F 220 -1.33 50.25 26.11
C ILE F 220 -0.85 51.60 26.63
N SER F 221 0.46 51.76 26.73
CA SER F 221 1.06 53.05 27.05
C SER F 221 2.46 53.10 26.48
N VAL F 222 2.89 54.31 26.11
CA VAL F 222 4.26 54.52 25.68
C VAL F 222 4.80 55.73 26.44
N LYS F 223 5.94 55.53 27.10
CA LYS F 223 6.56 56.55 27.94
C LYS F 223 8.04 56.65 27.66
N LEU F 224 8.61 57.82 27.96
CA LEU F 224 10.06 57.96 28.04
C LEU F 224 10.48 57.67 29.48
N ALA F 225 11.65 57.08 29.66
CA ALA F 225 12.15 56.80 31.00
C ALA F 225 12.30 58.09 31.80
N SER F 226 12.60 59.18 31.10
CA SER F 226 12.81 60.49 31.73
C SER F 226 11.53 61.05 32.36
N GLU F 227 10.39 60.51 31.98
CA GLU F 227 9.11 60.97 32.50
C GLU F 227 8.85 60.41 33.90
N LEU F 228 9.61 59.39 34.28
CA LEU F 228 9.49 58.77 35.59
C LEU F 228 10.38 59.50 36.60
N PRO F 229 10.05 59.39 37.90
CA PRO F 229 10.97 59.93 38.88
C PRO F 229 12.30 59.19 38.82
N GLU F 230 13.41 59.91 38.97
CA GLU F 230 14.75 59.36 38.75
C GLU F 230 15.00 58.01 39.41
N ASN F 231 14.38 57.76 40.56
CA ASN F 231 14.67 56.54 41.31
C ASN F 231 13.76 55.39 40.87
N GLN F 232 12.89 55.65 39.90
CA GLN F 232 12.12 54.58 39.27
C GLN F 232 12.58 54.43 37.83
N GLN F 233 13.49 55.31 37.40
CA GLN F 233 14.02 55.26 36.04
C GLN F 233 14.85 54.01 35.82
N PRO F 234 14.58 53.28 34.73
CA PRO F 234 15.48 52.16 34.44
C PRO F 234 16.81 52.64 33.90
N ASN F 235 17.88 52.40 34.64
CA ASN F 235 19.22 52.81 34.21
C ASN F 235 19.92 51.73 33.41
N TYR F 236 20.18 52.06 32.14
CA TYR F 236 20.81 51.15 31.21
C TYR F 236 22.18 51.66 30.79
N GLU F 237 23.13 50.75 30.71
CA GLU F 237 24.47 51.07 30.24
C GLU F 237 24.87 50.13 29.11
N VAL F 238 25.63 50.66 28.16
CA VAL F 238 26.01 49.91 26.97
C VAL F 238 27.53 49.85 26.83
N MET F 239 28.05 48.68 26.48
CA MET F 239 29.49 48.55 26.30
C MET F 239 29.93 49.45 25.17
N ARG F 240 31.04 50.15 25.38
CA ARG F 240 31.58 51.02 24.33
C ARG F 240 32.27 50.17 23.27
N THR F 241 31.68 50.17 22.09
CA THR F 241 32.04 49.25 21.02
C THR F 241 33.39 49.57 20.38
N GLU F 242 33.96 50.72 20.71
CA GLU F 242 35.25 51.12 20.16
C GLU F 242 36.43 50.50 20.92
N THR F 243 36.13 49.77 22.00
CA THR F 243 37.19 49.19 22.83
C THR F 243 37.65 47.83 22.32
N ALA F 244 38.88 47.47 22.69
CA ALA F 244 39.44 46.18 22.31
C ALA F 244 38.66 45.07 22.98
N GLY F 245 38.15 45.36 24.18
CA GLY F 245 37.39 44.38 24.92
C GLY F 245 36.15 43.95 24.18
N PHE F 246 35.58 44.86 23.39
CA PHE F 246 34.38 44.51 22.64
C PHE F 246 34.71 43.53 21.52
N MET F 247 35.87 43.68 20.90
CA MET F 247 36.25 42.75 19.84
C MET F 247 36.41 41.34 20.38
N ASN F 248 36.95 41.23 21.59
CA ASN F 248 37.06 39.94 22.25
C ASN F 248 35.69 39.29 22.38
N SER F 249 34.70 40.10 22.79
CA SER F 249 33.33 39.63 22.94
C SER F 249 32.74 39.19 21.59
N ILE F 250 33.31 39.68 20.51
CA ILE F 250 32.89 39.31 19.16
C ILE F 250 33.58 38.00 18.79
N ASN F 251 34.88 37.95 19.05
CA ASN F 251 35.67 36.80 18.66
C ASN F 251 35.32 35.58 19.50
N SER F 252 34.63 35.82 20.63
CA SER F 252 34.17 34.72 21.47
C SER F 252 33.09 33.90 20.77
N LYS F 253 32.29 34.57 19.95
CA LYS F 253 31.23 33.91 19.19
C LYS F 253 31.69 33.55 17.79
N ARG F 254 32.74 34.24 17.32
CA ARG F 254 33.26 34.03 15.97
C ARG F 254 34.29 32.90 15.95
N VAL F 255 35.18 32.91 16.94
CA VAL F 255 36.22 31.89 17.05
C VAL F 255 35.78 30.88 18.10
N ARG F 256 35.29 29.74 17.62
CA ARG F 256 34.76 28.68 18.47
C ARG F 256 35.62 27.43 18.39
N SER F 257 36.46 27.22 19.40
CA SER F 257 37.42 26.12 19.40
C SER F 257 36.90 24.94 20.22
N ASP F 258 35.67 25.08 20.71
CA ASP F 258 35.03 24.02 21.50
C ASP F 258 35.04 22.71 20.72
N PRO F 259 35.52 21.61 21.34
CA PRO F 259 35.52 20.32 20.65
C PRO F 259 34.11 19.84 20.29
N PHE F 260 33.08 20.45 20.86
CA PHE F 260 31.70 20.19 20.46
C PHE F 260 31.57 20.23 18.94
N PHE F 261 32.21 21.22 18.33
CA PHE F 261 32.19 21.37 16.87
C PHE F 261 33.33 20.57 16.27
N PHE F 262 33.01 19.41 15.70
CA PHE F 262 34.04 18.58 15.06
C PHE F 262 34.37 19.14 13.68
N ASN F 263 33.45 19.95 13.13
CA ASN F 263 33.74 20.78 11.98
C ASN F 263 33.81 22.23 12.45
N THR F 264 35.02 22.74 12.63
CA THR F 264 35.23 24.06 13.21
C THR F 264 34.50 25.11 12.37
N PRO F 265 33.59 25.89 13.00
CA PRO F 265 32.86 26.89 12.22
C PRO F 265 33.78 27.92 11.59
N PRO F 266 33.39 28.48 10.43
CA PRO F 266 34.19 29.57 9.85
C PRO F 266 34.32 30.75 10.82
N GLN F 267 35.44 31.45 10.76
CA GLN F 267 35.67 32.60 11.62
C GLN F 267 34.93 33.80 11.03
N VAL F 268 33.61 33.73 11.07
CA VAL F 268 32.74 34.75 10.49
C VAL F 268 31.51 34.94 11.35
N VAL F 269 31.06 36.19 11.45
CA VAL F 269 29.79 36.50 12.09
C VAL F 269 29.05 37.55 11.28
N ASP F 270 27.74 37.36 11.13
CA ASP F 270 26.87 38.36 10.54
C ASP F 270 26.83 39.55 11.48
N VAL F 271 27.11 40.74 10.94
CA VAL F 271 27.13 41.95 11.75
C VAL F 271 25.85 42.10 12.58
N CYS F 272 24.73 41.65 12.04
CA CYS F 272 23.45 41.79 12.70
C CYS F 272 23.18 40.68 13.71
N ASP F 273 24.09 39.72 13.81
CA ASP F 273 23.99 38.67 14.81
C ASP F 273 24.84 38.99 16.04
N VAL F 274 25.70 40.01 15.92
CA VAL F 274 26.54 40.43 17.03
C VAL F 274 25.70 41.12 18.11
N GLU F 275 25.85 40.67 19.35
CA GLU F 275 25.09 41.25 20.46
C GLU F 275 25.96 42.24 21.22
N VAL F 276 25.52 43.50 21.27
CA VAL F 276 26.22 44.53 22.03
C VAL F 276 25.78 44.44 23.50
N PRO F 277 26.74 44.17 24.41
CA PRO F 277 26.38 44.11 25.83
C PRO F 277 25.64 45.35 26.31
N THR F 278 24.43 45.14 26.81
CA THR F 278 23.57 46.22 27.28
C THR F 278 22.92 45.74 28.58
N GLU F 279 23.11 46.48 29.66
CA GLU F 279 22.69 45.99 30.97
C GLU F 279 21.94 47.02 31.83
N LEU F 280 20.93 46.51 32.50
CA LEU F 280 20.19 47.24 33.53
C LEU F 280 20.98 47.28 34.82
N VAL F 281 21.07 48.46 35.43
CA VAL F 281 21.79 48.63 36.68
C VAL F 281 20.87 49.31 37.70
#